data_4HGP
# 
_entry.id   4HGP 
# 
_audit_conform.dict_name       mmcif_pdbx.dic 
_audit_conform.dict_version    5.379 
_audit_conform.dict_location   http://mmcif.pdb.org/dictionaries/ascii/mmcif_pdbx.dic 
# 
loop_
_database_2.database_id 
_database_2.database_code 
_database_2.pdbx_database_accession 
_database_2.pdbx_DOI 
PDB   4HGP         pdb_00004hgp 10.2210/pdb4hgp/pdb 
RCSB  RCSB075444   ?            ?                   
WWPDB D_1000075444 ?            ?                   
# 
loop_
_pdbx_database_related.db_name 
_pdbx_database_related.db_id 
_pdbx_database_related.details 
_pdbx_database_related.content_type 
PDB 1k1e . unspecified 
PDB 4HGN . unspecified 
PDB 4HGO . unspecified 
PDB 4HGQ . unspecified 
PDB 4HGR . unspecified 
# 
_pdbx_database_status.status_code                     REL 
_pdbx_database_status.entry_id                        4HGP 
_pdbx_database_status.recvd_initial_deposition_date   2012-10-08 
_pdbx_database_status.deposit_site                    RCSB 
_pdbx_database_status.process_site                    RCSB 
_pdbx_database_status.status_code_sf                  REL 
_pdbx_database_status.status_code_mr                  ? 
_pdbx_database_status.SG_entry                        ? 
_pdbx_database_status.status_code_cs                  ? 
_pdbx_database_status.methods_development_category    ? 
_pdbx_database_status.pdb_format_compatible           Y 
_pdbx_database_status.status_code_nmr_data            ? 
# 
loop_
_audit_author.name 
_audit_author.pdbx_ordinal 
'Daughtry, K.D.' 1 
'Allen, K.N.'    2 
# 
_citation.id                        primary 
_citation.title                     
;Structural Basis for the Divergence of Substrate Specificity and Biological Function within HAD Phosphatases in Lipopolysaccharide and Sialic Acid Biosynthesis.
;
_citation.journal_abbrev            Biochemistry 
_citation.journal_volume            52 
_citation.page_first                5372 
_citation.page_last                 5386 
_citation.year                      2013 
_citation.journal_id_ASTM           BICHAW 
_citation.country                   US 
_citation.journal_id_ISSN           0006-2960 
_citation.journal_id_CSD            0033 
_citation.book_publisher            ? 
_citation.pdbx_database_id_PubMed   23848398 
_citation.pdbx_database_id_DOI      10.1021/bi400659k 
# 
loop_
_citation_author.citation_id 
_citation_author.name 
_citation_author.ordinal 
_citation_author.identifier_ORCID 
primary 'Daughtry, K.D.'      1  ?                   
primary 'Huang, H.'           2  ?                   
primary 'Malashkevich, V.'    3  ?                   
primary 'Patskovsky, Y.'      4  ?                   
primary 'Liu, W.'             5  ?                   
primary 'Ramagopal, U.'       6  ?                   
primary 'Sauder, J.M.'        7  ?                   
primary 'Burley, S.K.'        8  0000-0002-2487-9713 
primary 'Almo, S.C.'          9  ?                   
primary 'Dunaway-Mariano, D.' 10 ?                   
primary 'Allen, K.N.'         11 ?                   
# 
_cell.entry_id           4HGP 
_cell.length_a           79.846 
_cell.length_b           79.846 
_cell.length_c           52.151 
_cell.angle_alpha        90.00 
_cell.angle_beta         90.00 
_cell.angle_gamma        90.00 
_cell.Z_PDB              8 
_cell.pdbx_unique_axis   ? 
_cell.length_a_esd       ? 
_cell.length_b_esd       ? 
_cell.length_c_esd       ? 
_cell.angle_alpha_esd    ? 
_cell.angle_beta_esd     ? 
_cell.angle_gamma_esd    ? 
# 
_symmetry.entry_id                         4HGP 
_symmetry.space_group_name_H-M             'I 4' 
_symmetry.pdbx_full_space_group_name_H-M   ? 
_symmetry.cell_setting                     ? 
_symmetry.Int_Tables_number                79 
_symmetry.space_group_name_Hall            ? 
# 
loop_
_entity.id 
_entity.type 
_entity.src_method 
_entity.pdbx_description 
_entity.formula_weight 
_entity.pdbx_number_of_molecules 
_entity.pdbx_ec 
_entity.pdbx_mutation 
_entity.pdbx_fragment 
_entity.details 
1 polymer     man '3-deoxy-D-manno-octulosonate 8-phosphate phosphatase KdsC' 19455.283 1   3.1.3.45 ? ? ? 
2 non-polymer syn 'MAGNESIUM ION'                                             24.305    1   ?        ? ? ? 
3 non-polymer syn 'oxido(dioxo)vanadium'                                      98.940    1   ?        ? ? ? 
4 non-polymer man '3-deoxy-alpha-D-manno-oct-2-ulopyranosonic acid'           238.192   1   ?        ? ? ? 
5 water       nat water                                                       18.015    177 ?        ? ? ? 
# 
_entity_name_com.entity_id   1 
_entity_name_com.name        'KDO 8-P phosphatase' 
# 
_entity_poly.entity_id                      1 
_entity_poly.type                           'polypeptide(L)' 
_entity_poly.nstd_linkage                   no 
_entity_poly.nstd_monomer                   no 
_entity_poly.pdbx_seq_one_letter_code       
;MQQKLENIKFVITDVDGVLTDGQLHYDANGEAIKSFHVRDGLGIKMLMDADIQVAVLSGRDSPILRRRIADLGIKLFFLG
KLEKETACFDLMKQAGVTAEQTAYIGDDSVDLPAFAACGTSFAVADAPIYVKNAVDHVLSTHGGKGAFREMSDMILQAQG
KSSVFDTAQGFLKSVKSMGQ
;
_entity_poly.pdbx_seq_one_letter_code_can   
;MQQKLENIKFVITDVDGVLTDGQLHYDANGEAIKSFHVRDGLGIKMLMDADIQVAVLSGRDSPILRRRIADLGIKLFFLG
KLEKETACFDLMKQAGVTAEQTAYIGDDSVDLPAFAACGTSFAVADAPIYVKNAVDHVLSTHGGKGAFREMSDMILQAQG
KSSVFDTAQGFLKSVKSMGQ
;
_entity_poly.pdbx_strand_id                 A 
_entity_poly.pdbx_target_identifier         ? 
# 
loop_
_entity_poly_seq.entity_id 
_entity_poly_seq.num 
_entity_poly_seq.mon_id 
_entity_poly_seq.hetero 
1 1   MET n 
1 2   GLN n 
1 3   GLN n 
1 4   LYS n 
1 5   LEU n 
1 6   GLU n 
1 7   ASN n 
1 8   ILE n 
1 9   LYS n 
1 10  PHE n 
1 11  VAL n 
1 12  ILE n 
1 13  THR n 
1 14  ASP n 
1 15  VAL n 
1 16  ASP n 
1 17  GLY n 
1 18  VAL n 
1 19  LEU n 
1 20  THR n 
1 21  ASP n 
1 22  GLY n 
1 23  GLN n 
1 24  LEU n 
1 25  HIS n 
1 26  TYR n 
1 27  ASP n 
1 28  ALA n 
1 29  ASN n 
1 30  GLY n 
1 31  GLU n 
1 32  ALA n 
1 33  ILE n 
1 34  LYS n 
1 35  SER n 
1 36  PHE n 
1 37  HIS n 
1 38  VAL n 
1 39  ARG n 
1 40  ASP n 
1 41  GLY n 
1 42  LEU n 
1 43  GLY n 
1 44  ILE n 
1 45  LYS n 
1 46  MET n 
1 47  LEU n 
1 48  MET n 
1 49  ASP n 
1 50  ALA n 
1 51  ASP n 
1 52  ILE n 
1 53  GLN n 
1 54  VAL n 
1 55  ALA n 
1 56  VAL n 
1 57  LEU n 
1 58  SER n 
1 59  GLY n 
1 60  ARG n 
1 61  ASP n 
1 62  SER n 
1 63  PRO n 
1 64  ILE n 
1 65  LEU n 
1 66  ARG n 
1 67  ARG n 
1 68  ARG n 
1 69  ILE n 
1 70  ALA n 
1 71  ASP n 
1 72  LEU n 
1 73  GLY n 
1 74  ILE n 
1 75  LYS n 
1 76  LEU n 
1 77  PHE n 
1 78  PHE n 
1 79  LEU n 
1 80  GLY n 
1 81  LYS n 
1 82  LEU n 
1 83  GLU n 
1 84  LYS n 
1 85  GLU n 
1 86  THR n 
1 87  ALA n 
1 88  CYS n 
1 89  PHE n 
1 90  ASP n 
1 91  LEU n 
1 92  MET n 
1 93  LYS n 
1 94  GLN n 
1 95  ALA n 
1 96  GLY n 
1 97  VAL n 
1 98  THR n 
1 99  ALA n 
1 100 GLU n 
1 101 GLN n 
1 102 THR n 
1 103 ALA n 
1 104 TYR n 
1 105 ILE n 
1 106 GLY n 
1 107 ASP n 
1 108 ASP n 
1 109 SER n 
1 110 VAL n 
1 111 ASP n 
1 112 LEU n 
1 113 PRO n 
1 114 ALA n 
1 115 PHE n 
1 116 ALA n 
1 117 ALA n 
1 118 CYS n 
1 119 GLY n 
1 120 THR n 
1 121 SER n 
1 122 PHE n 
1 123 ALA n 
1 124 VAL n 
1 125 ALA n 
1 126 ASP n 
1 127 ALA n 
1 128 PRO n 
1 129 ILE n 
1 130 TYR n 
1 131 VAL n 
1 132 LYS n 
1 133 ASN n 
1 134 ALA n 
1 135 VAL n 
1 136 ASP n 
1 137 HIS n 
1 138 VAL n 
1 139 LEU n 
1 140 SER n 
1 141 THR n 
1 142 HIS n 
1 143 GLY n 
1 144 GLY n 
1 145 LYS n 
1 146 GLY n 
1 147 ALA n 
1 148 PHE n 
1 149 ARG n 
1 150 GLU n 
1 151 MET n 
1 152 SER n 
1 153 ASP n 
1 154 MET n 
1 155 ILE n 
1 156 LEU n 
1 157 GLN n 
1 158 ALA n 
1 159 GLN n 
1 160 GLY n 
1 161 LYS n 
1 162 SER n 
1 163 SER n 
1 164 VAL n 
1 165 PHE n 
1 166 ASP n 
1 167 THR n 
1 168 ALA n 
1 169 GLN n 
1 170 GLY n 
1 171 PHE n 
1 172 LEU n 
1 173 LYS n 
1 174 SER n 
1 175 VAL n 
1 176 LYS n 
1 177 SER n 
1 178 MET n 
1 179 GLY n 
1 180 GLN n 
# 
_entity_src_gen.entity_id                          1 
_entity_src_gen.pdbx_src_id                        1 
_entity_src_gen.pdbx_alt_source_flag               sample 
_entity_src_gen.pdbx_seq_type                      ? 
_entity_src_gen.pdbx_beg_seq_num                   ? 
_entity_src_gen.pdbx_end_seq_num                   ? 
_entity_src_gen.gene_src_common_name               ? 
_entity_src_gen.gene_src_genus                     ? 
_entity_src_gen.pdbx_gene_src_gene                 HI_1679 
_entity_src_gen.gene_src_species                   ? 
_entity_src_gen.gene_src_strain                    KW20 
_entity_src_gen.gene_src_tissue                    ? 
_entity_src_gen.gene_src_tissue_fraction           ? 
_entity_src_gen.gene_src_details                   ? 
_entity_src_gen.pdbx_gene_src_fragment             ? 
_entity_src_gen.pdbx_gene_src_scientific_name      'Haemophilus influenzae' 
_entity_src_gen.pdbx_gene_src_ncbi_taxonomy_id     71421 
_entity_src_gen.pdbx_gene_src_variant              ? 
_entity_src_gen.pdbx_gene_src_cell_line            ? 
_entity_src_gen.pdbx_gene_src_atcc                 ? 
_entity_src_gen.pdbx_gene_src_organ                ? 
_entity_src_gen.pdbx_gene_src_organelle            ? 
_entity_src_gen.pdbx_gene_src_cell                 ? 
_entity_src_gen.pdbx_gene_src_cellular_location    ? 
_entity_src_gen.host_org_common_name               ? 
_entity_src_gen.pdbx_host_org_scientific_name      'Escherichia coli' 
_entity_src_gen.pdbx_host_org_ncbi_taxonomy_id     469008 
_entity_src_gen.host_org_genus                     ? 
_entity_src_gen.pdbx_host_org_gene                 ? 
_entity_src_gen.pdbx_host_org_organ                ? 
_entity_src_gen.host_org_species                   ? 
_entity_src_gen.pdbx_host_org_tissue               ? 
_entity_src_gen.pdbx_host_org_tissue_fraction      ? 
_entity_src_gen.pdbx_host_org_strain               'BL21(DE3)' 
_entity_src_gen.pdbx_host_org_variant              ? 
_entity_src_gen.pdbx_host_org_cell_line            ? 
_entity_src_gen.pdbx_host_org_atcc                 ? 
_entity_src_gen.pdbx_host_org_culture_collection   ? 
_entity_src_gen.pdbx_host_org_cell                 ? 
_entity_src_gen.pdbx_host_org_organelle            ? 
_entity_src_gen.pdbx_host_org_cellular_location    ? 
_entity_src_gen.pdbx_host_org_vector_type          Plasmid 
_entity_src_gen.pdbx_host_org_vector               ? 
_entity_src_gen.host_org_details                   ? 
_entity_src_gen.expression_system_id               ? 
_entity_src_gen.plasmid_name                       PDEST17-HI1679 
_entity_src_gen.plasmid_details                    ? 
_entity_src_gen.pdbx_description                   ? 
# 
_struct_ref.id                         1 
_struct_ref.db_name                    UNP 
_struct_ref.db_code                    KDSC_HAEIN 
_struct_ref.pdbx_db_accession          P45314 
_struct_ref.entity_id                  1 
_struct_ref.pdbx_seq_one_letter_code   
;MQQKLENIKFVITDVDGVLTDGQLHYDANGEAIKSFHVRDGLGIKMLMDADIQVAVLSGRDSPILRRRIADLGIKLFFLG
KLEKETACFDLMKQAGVTAEQTAYIGDDSVDLPAFAACGTSFAVADAPIYVKNAVDHVLSTHGGKGAFREMSDMILQAQG
KSSVFDTAQGFLKSVKSMGQ
;
_struct_ref.pdbx_align_begin           1 
_struct_ref.pdbx_db_isoform            ? 
# 
_struct_ref_seq.align_id                      1 
_struct_ref_seq.ref_id                        1 
_struct_ref_seq.pdbx_PDB_id_code              4HGP 
_struct_ref_seq.pdbx_strand_id                A 
_struct_ref_seq.seq_align_beg                 1 
_struct_ref_seq.pdbx_seq_align_beg_ins_code   ? 
_struct_ref_seq.seq_align_end                 180 
_struct_ref_seq.pdbx_seq_align_end_ins_code   ? 
_struct_ref_seq.pdbx_db_accession             P45314 
_struct_ref_seq.db_align_beg                  1 
_struct_ref_seq.pdbx_db_align_beg_ins_code    ? 
_struct_ref_seq.db_align_end                  180 
_struct_ref_seq.pdbx_db_align_end_ins_code    ? 
_struct_ref_seq.pdbx_auth_seq_align_beg       1 
_struct_ref_seq.pdbx_auth_seq_align_end       180 
# 
loop_
_chem_comp.id 
_chem_comp.type 
_chem_comp.mon_nstd_flag 
_chem_comp.name 
_chem_comp.pdbx_synonyms 
_chem_comp.formula 
_chem_comp.formula_weight 
ALA 'L-peptide linking'           y ALANINE                                           ? 'C3 H7 N O2'     89.093  
ARG 'L-peptide linking'           y ARGININE                                          ? 'C6 H15 N4 O2 1' 175.209 
ASN 'L-peptide linking'           y ASPARAGINE                                        ? 'C4 H8 N2 O3'    132.118 
ASP 'L-peptide linking'           y 'ASPARTIC ACID'                                   ? 'C4 H7 N O4'     133.103 
CYS 'L-peptide linking'           y CYSTEINE                                          ? 'C3 H7 N O2 S'   121.158 
GLN 'L-peptide linking'           y GLUTAMINE                                         ? 'C5 H10 N2 O3'   146.144 
GLU 'L-peptide linking'           y 'GLUTAMIC ACID'                                   ? 'C5 H9 N O4'     147.129 
GLY 'peptide linking'             y GLYCINE                                           ? 'C2 H5 N O2'     75.067  
HIS 'L-peptide linking'           y HISTIDINE                                         ? 'C6 H10 N3 O2 1' 156.162 
HOH non-polymer                   . WATER                                             ? 'H2 O'           18.015  
ILE 'L-peptide linking'           y ISOLEUCINE                                        ? 'C6 H13 N O2'    131.173 
KDO 'D-saccharide, alpha linking' . '3-deoxy-alpha-D-manno-oct-2-ulopyranosonic acid' 
;3-deoxy-d-manno-oct-2-ulopyranosonic acid; 2-keto-3-deoxy-D-mannooctanoic acid; 3-deoxy-alpha-D-manno-oct-2-ulosonic acid; 3-deoxy-D-manno-oct-2-ulosonic acid; 3-deoxy-manno-oct-2-ulosonic acid
;
'C8 H14 O8'      238.192 
LEU 'L-peptide linking'           y LEUCINE                                           ? 'C6 H13 N O2'    131.173 
LYS 'L-peptide linking'           y LYSINE                                            ? 'C6 H15 N2 O2 1' 147.195 
MET 'L-peptide linking'           y METHIONINE                                        ? 'C5 H11 N O2 S'  149.211 
MG  non-polymer                   . 'MAGNESIUM ION'                                   ? 'Mg 2'           24.305  
PHE 'L-peptide linking'           y PHENYLALANINE                                     ? 'C9 H11 N O2'    165.189 
PRO 'L-peptide linking'           y PROLINE                                           ? 'C5 H9 N O2'     115.130 
SER 'L-peptide linking'           y SERINE                                            ? 'C3 H7 N O3'     105.093 
THR 'L-peptide linking'           y THREONINE                                         ? 'C4 H9 N O3'     119.119 
TYR 'L-peptide linking'           y TYROSINE                                          ? 'C9 H11 N O3'    181.189 
VAL 'L-peptide linking'           y VALINE                                            ? 'C5 H11 N O2'    117.146 
VN4 non-polymer                   . 'oxido(dioxo)vanadium'                            ? 'O3 V -1'        98.940  
# 
_exptl.entry_id          4HGP 
_exptl.method            'X-RAY DIFFRACTION' 
_exptl.crystals_number   1 
# 
_exptl_crystal.id                    1 
_exptl_crystal.density_meas          ? 
_exptl_crystal.density_Matthews      2.14 
_exptl_crystal.density_percent_sol   42.42 
_exptl_crystal.description           ? 
_exptl_crystal.F_000                 ? 
_exptl_crystal.preparation           ? 
# 
_exptl_crystal_grow.crystal_id      1 
_exptl_crystal_grow.method          'VAPOR DIFFUSION, HANGING DROP' 
_exptl_crystal_grow.temp            290 
_exptl_crystal_grow.temp_details    ? 
_exptl_crystal_grow.pH              8.5 
_exptl_crystal_grow.pdbx_pH_range   ? 
_exptl_crystal_grow.pdbx_details    
;100 mM Tris, 30% polyethylene glycol 3350. Crystal soaked with 20 mM NaVN4, 20 mM KDO for 3 days. Crystal dragged through Paratone prior to flash cooling, pH 8.5, VAPOR DIFFUSION, HANGING DROP, temperature 290K
;
# 
_diffrn.id                     1 
_diffrn.ambient_temp           100 
_diffrn.ambient_temp_details   ? 
_diffrn.crystal_id             1 
# 
_diffrn_detector.diffrn_id              1 
_diffrn_detector.detector               CCD 
_diffrn_detector.type                   'Bruker Platinum 135' 
_diffrn_detector.pdbx_collection_date   2010-01-14 
_diffrn_detector.details                'Helios multi-layer optics' 
# 
_diffrn_radiation.diffrn_id                        1 
_diffrn_radiation.wavelength_id                    1 
_diffrn_radiation.pdbx_monochromatic_or_laue_m_l   M 
_diffrn_radiation.monochromator                    rotating-anode 
_diffrn_radiation.pdbx_diffrn_protocol             'SINGLE WAVELENGTH' 
_diffrn_radiation.pdbx_scattering_type             x-ray 
# 
_diffrn_radiation_wavelength.id           1 
_diffrn_radiation_wavelength.wavelength   1.54 
_diffrn_radiation_wavelength.wt           1.0 
# 
_diffrn_source.diffrn_id                   1 
_diffrn_source.source                      'ROTATING ANODE' 
_diffrn_source.type                        'BRUKER AXS MICROSTAR' 
_diffrn_source.pdbx_synchrotron_site       ? 
_diffrn_source.pdbx_synchrotron_beamline   ? 
_diffrn_source.pdbx_wavelength             ? 
_diffrn_source.pdbx_wavelength_list        1.54 
# 
_reflns.pdbx_diffrn_id               1 
_reflns.pdbx_ordinal                 1 
_reflns.entry_id                     4HGP 
_reflns.observed_criterion_sigma_I   2.0 
_reflns.observed_criterion_sigma_F   2.0 
_reflns.d_resolution_low             29.5 
_reflns.d_resolution_high            1.8 
_reflns.number_obs                   14655 
_reflns.number_all                   ? 
_reflns.percent_possible_obs         95.6 
_reflns.pdbx_Rmerge_I_obs            ? 
_reflns.pdbx_Rsym_value              0.0573 
_reflns.pdbx_netI_over_sigmaI        13.68 
_reflns.B_iso_Wilson_estimate        ? 
_reflns.pdbx_redundancy              7.9 
_reflns.R_free_details               ? 
_reflns.limit_h_max                  ? 
_reflns.limit_h_min                  ? 
_reflns.limit_k_max                  ? 
_reflns.limit_k_min                  ? 
_reflns.limit_l_max                  ? 
_reflns.limit_l_min                  ? 
_reflns.observed_criterion_F_max     ? 
_reflns.observed_criterion_F_min     ? 
_reflns.pdbx_chi_squared             ? 
_reflns.pdbx_scaling_rejects         ? 
# 
_reflns_shell.pdbx_diffrn_id         1 
_reflns_shell.pdbx_ordinal           1 
_reflns_shell.d_res_high             1.8 
_reflns_shell.d_res_low              1.89 
_reflns_shell.percent_possible_all   91.4 
_reflns_shell.Rmerge_I_obs           ? 
_reflns_shell.pdbx_Rsym_value        0.3813 
_reflns_shell.meanI_over_sigI_obs    2.40 
_reflns_shell.pdbx_redundancy        5.7 
_reflns_shell.percent_possible_obs   ? 
_reflns_shell.number_unique_all      ? 
_reflns_shell.number_measured_all    ? 
_reflns_shell.number_measured_obs    ? 
_reflns_shell.number_unique_obs      ? 
_reflns_shell.pdbx_chi_squared       ? 
# 
_refine.pdbx_refine_id                           'X-RAY DIFFRACTION' 
_refine.entry_id                                 4HGP 
_refine.pdbx_diffrn_id                           1 
_refine.pdbx_TLS_residual_ADP_flag               ? 
_refine.ls_number_reflns_obs                     14655 
_refine.ls_number_reflns_all                     ? 
_refine.pdbx_ls_sigma_I                          ? 
_refine.pdbx_ls_sigma_F                          1.38 
_refine.pdbx_data_cutoff_high_absF               ? 
_refine.pdbx_data_cutoff_low_absF                ? 
_refine.pdbx_data_cutoff_high_rms_absF           ? 
_refine.ls_d_res_low                             29.463 
_refine.ls_d_res_high                            1.800 
_refine.ls_percent_reflns_obs                    95.65 
_refine.ls_R_factor_obs                          0.1502 
_refine.ls_R_factor_all                          ? 
_refine.ls_R_factor_R_work                       0.1467 
_refine.ls_R_factor_R_free                       0.1732 
_refine.ls_R_factor_R_free_error                 ? 
_refine.ls_R_factor_R_free_error_details         ? 
_refine.ls_percent_reflns_R_free                 5.29 
_refine.ls_number_reflns_R_free                  775 
_refine.ls_number_parameters                     ? 
_refine.ls_number_restraints                     ? 
_refine.occupancy_min                            ? 
_refine.occupancy_max                            ? 
_refine.correlation_coeff_Fo_to_Fc               ? 
_refine.correlation_coeff_Fo_to_Fc_free          ? 
_refine.B_iso_mean                               17.75 
_refine.aniso_B[1][1]                            ? 
_refine.aniso_B[2][2]                            ? 
_refine.aniso_B[3][3]                            ? 
_refine.aniso_B[1][2]                            ? 
_refine.aniso_B[1][3]                            ? 
_refine.aniso_B[2][3]                            ? 
_refine.solvent_model_details                    'FLAT BULK SOLVENT MODEL' 
_refine.solvent_model_param_ksol                 ? 
_refine.solvent_model_param_bsol                 ? 
_refine.pdbx_solvent_vdw_probe_radii             1.11 
_refine.pdbx_solvent_ion_probe_radii             ? 
_refine.pdbx_solvent_shrinkage_radii             0.90 
_refine.pdbx_ls_cross_valid_method               ? 
_refine.details                                  ? 
_refine.pdbx_starting_model                      'PDB entry 1k1e' 
_refine.pdbx_method_to_determine_struct          'MOLECULAR REPLACEMENT' 
_refine.pdbx_isotropic_thermal_model             ? 
_refine.pdbx_stereochemistry_target_values       TWIN_LSQ_F 
_refine.pdbx_stereochem_target_val_spec_case     ? 
_refine.pdbx_R_Free_selection_details            ? 
_refine.pdbx_overall_ESU_R                       ? 
_refine.pdbx_overall_ESU_R_Free                  ? 
_refine.overall_SU_ML                            . 
_refine.pdbx_overall_phase_error                 27.98 
_refine.overall_SU_B                             ? 
_refine.overall_SU_R_Cruickshank_DPI             ? 
_refine.pdbx_overall_SU_R_free_Cruickshank_DPI   ? 
_refine.pdbx_overall_SU_R_Blow_DPI               ? 
_refine.pdbx_overall_SU_R_free_Blow_DPI          ? 
_refine.ls_redundancy_reflns_obs                 ? 
_refine.B_iso_min                                ? 
_refine.B_iso_max                                ? 
_refine.overall_SU_R_free                        ? 
_refine.ls_wR_factor_R_free                      ? 
_refine.ls_wR_factor_R_work                      ? 
_refine.overall_FOM_free_R_set                   ? 
_refine.overall_FOM_work_R_set                   ? 
# 
_refine_hist.pdbx_refine_id                   'X-RAY DIFFRACTION' 
_refine_hist.cycle_id                         LAST 
_refine_hist.pdbx_number_atoms_protein        1352 
_refine_hist.pdbx_number_atoms_nucleic_acid   0 
_refine_hist.pdbx_number_atoms_ligand         21 
_refine_hist.number_atoms_solvent             177 
_refine_hist.number_atoms_total               1550 
_refine_hist.d_res_high                       1.800 
_refine_hist.d_res_low                        29.463 
# 
loop_
_refine_ls_restr.type 
_refine_ls_restr.dev_ideal 
_refine_ls_restr.dev_ideal_target 
_refine_ls_restr.weight 
_refine_ls_restr.number 
_refine_ls_restr.pdbx_refine_id 
_refine_ls_restr.pdbx_restraint_function 
f_bond_d           0.014  ? ? 1414 'X-RAY DIFFRACTION' ? 
f_angle_d          1.136  ? ? 1916 'X-RAY DIFFRACTION' ? 
f_dihedral_angle_d 14.838 ? ? 501  'X-RAY DIFFRACTION' ? 
f_chiral_restr     0.067  ? ? 221  'X-RAY DIFFRACTION' ? 
f_plane_restr      0.003  ? ? 241  'X-RAY DIFFRACTION' ? 
# 
loop_
_refine_ls_shell.pdbx_refine_id 
_refine_ls_shell.pdbx_total_number_of_bins_used 
_refine_ls_shell.d_res_high 
_refine_ls_shell.d_res_low 
_refine_ls_shell.number_reflns_R_work 
_refine_ls_shell.R_factor_R_work 
_refine_ls_shell.percent_reflns_obs 
_refine_ls_shell.R_factor_R_free 
_refine_ls_shell.R_factor_R_free_error 
_refine_ls_shell.percent_reflns_R_free 
_refine_ls_shell.number_reflns_R_free 
_refine_ls_shell.number_reflns_all 
_refine_ls_shell.R_factor_all 
_refine_ls_shell.redundancy_reflns_obs 
_refine_ls_shell.number_reflns_obs 
'X-RAY DIFFRACTION' . 1.80   1.9404  2617 0.2532 86.00 0.3166 . . 145 . . . . 
'X-RAY DIFFRACTION' . 1.9404 2.1355  2652 0.1969 87.00 0.2703 . . 130 . . . . 
'X-RAY DIFFRACTION' . 2.1355 2.4440  2781 0.1660 91.00 0.1861 . . 145 . . . . 
'X-RAY DIFFRACTION' . 2.4440 3.0773  2891 0.1458 95.00 0.1717 . . 151 . . . . 
'X-RAY DIFFRACTION' . 3.0773 19.9627 2937 0.1092 95.00 0.1279 . . 167 . . . . 
# 
_struct.entry_id                  4HGP 
_struct.title                     
;Crystal Structure of 2-keto-3-deoxyoctulosonate 8-phosphate phosphohydrolase from Haemophilus influenzae in complex with transition state mimic
;
_struct.pdbx_model_details        ? 
_struct.pdbx_CASP_flag            ? 
_struct.pdbx_model_type_details   ? 
# 
_struct_keywords.entry_id        4HGP 
_struct_keywords.pdbx_keywords   HYDROLASE 
_struct_keywords.text            'Rossmann Fold, Phosphohydroylase, HYDROLASE' 
# 
loop_
_struct_asym.id 
_struct_asym.pdbx_blank_PDB_chainid_flag 
_struct_asym.pdbx_modified 
_struct_asym.entity_id 
_struct_asym.details 
A N N 1 ? 
B N N 2 ? 
C N N 3 ? 
D N N 4 ? 
E N N 5 ? 
# 
_struct_biol.id        1 
_struct_biol.details   ? 
# 
loop_
_struct_conf.conf_type_id 
_struct_conf.id 
_struct_conf.pdbx_PDB_helix_id 
_struct_conf.beg_label_comp_id 
_struct_conf.beg_label_asym_id 
_struct_conf.beg_label_seq_id 
_struct_conf.pdbx_beg_PDB_ins_code 
_struct_conf.end_label_comp_id 
_struct_conf.end_label_asym_id 
_struct_conf.end_label_seq_id 
_struct_conf.pdbx_end_PDB_ins_code 
_struct_conf.beg_auth_comp_id 
_struct_conf.beg_auth_asym_id 
_struct_conf.beg_auth_seq_id 
_struct_conf.end_auth_comp_id 
_struct_conf.end_auth_asym_id 
_struct_conf.end_auth_seq_id 
_struct_conf.pdbx_PDB_helix_class 
_struct_conf.details 
_struct_conf.pdbx_PDB_helix_length 
HELX_P HELX_P1  1  MET A 1   ? GLU A 6   ? MET A 1   GLU A 6   1 ? 6  
HELX_P HELX_P2  2  HIS A 37  ? ALA A 50  ? HIS A 37  ALA A 50  1 ? 14 
HELX_P HELX_P3  3  SER A 62  ? GLY A 73  ? SER A 62  GLY A 73  1 ? 12 
HELX_P HELX_P4  4  GLU A 83  ? GLY A 96  ? GLU A 83  GLY A 96  1 ? 14 
HELX_P HELX_P5  5  THR A 98  ? GLU A 100 ? THR A 98  GLU A 100 5 ? 3  
HELX_P HELX_P6  6  ASP A 108 ? VAL A 110 ? ASP A 108 VAL A 110 5 ? 3  
HELX_P HELX_P7  7  ASP A 111 ? CYS A 118 ? ASP A 111 CYS A 118 1 ? 8  
HELX_P HELX_P8  8  PRO A 128 ? ASN A 133 ? PRO A 128 ASN A 133 1 ? 6  
HELX_P HELX_P9  9  GLY A 146 ? GLN A 159 ? GLY A 146 GLN A 159 1 ? 14 
HELX_P HELX_P10 10 SER A 162 ? THR A 167 ? SER A 162 THR A 167 1 ? 6  
HELX_P HELX_P11 11 THR A 167 ? LEU A 172 ? THR A 167 LEU A 172 1 ? 6  
HELX_P HELX_P12 12 SER A 174 ? MET A 178 ? SER A 174 MET A 178 5 ? 5  
# 
_struct_conf_type.id          HELX_P 
_struct_conf_type.criteria    ? 
_struct_conf_type.reference   ? 
# 
loop_
_struct_conn.id 
_struct_conn.conn_type_id 
_struct_conn.pdbx_leaving_atom_flag 
_struct_conn.pdbx_PDB_id 
_struct_conn.ptnr1_label_asym_id 
_struct_conn.ptnr1_label_comp_id 
_struct_conn.ptnr1_label_seq_id 
_struct_conn.ptnr1_label_atom_id 
_struct_conn.pdbx_ptnr1_label_alt_id 
_struct_conn.pdbx_ptnr1_PDB_ins_code 
_struct_conn.pdbx_ptnr1_standard_comp_id 
_struct_conn.ptnr1_symmetry 
_struct_conn.ptnr2_label_asym_id 
_struct_conn.ptnr2_label_comp_id 
_struct_conn.ptnr2_label_seq_id 
_struct_conn.ptnr2_label_atom_id 
_struct_conn.pdbx_ptnr2_label_alt_id 
_struct_conn.pdbx_ptnr2_PDB_ins_code 
_struct_conn.ptnr1_auth_asym_id 
_struct_conn.ptnr1_auth_comp_id 
_struct_conn.ptnr1_auth_seq_id 
_struct_conn.ptnr2_auth_asym_id 
_struct_conn.ptnr2_auth_comp_id 
_struct_conn.ptnr2_auth_seq_id 
_struct_conn.ptnr2_symmetry 
_struct_conn.pdbx_ptnr3_label_atom_id 
_struct_conn.pdbx_ptnr3_label_seq_id 
_struct_conn.pdbx_ptnr3_label_comp_id 
_struct_conn.pdbx_ptnr3_label_asym_id 
_struct_conn.pdbx_ptnr3_label_alt_id 
_struct_conn.pdbx_ptnr3_PDB_ins_code 
_struct_conn.details 
_struct_conn.pdbx_dist_value 
_struct_conn.pdbx_value_order 
_struct_conn.pdbx_role 
metalc1 metalc ? ? A ASP 14  OD2 ? ? ? 1_555 B MG  . MG ? ? A ASP 14  A MG  201 1_555 ? ? ? ? ? ? ? 2.017 ? ? 
metalc2 metalc ? ? A ASP 14  OD1 ? ? ? 1_555 C VN4 . V  ? ? A ASP 14  A VN4 202 1_555 ? ? ? ? ? ? ? 2.102 ? ? 
metalc3 metalc ? ? A ASP 16  O   ? ? ? 1_555 B MG  . MG ? ? A ASP 16  A MG  201 1_555 ? ? ? ? ? ? ? 2.092 ? ? 
metalc4 metalc ? ? A ASP 107 OD1 ? ? ? 1_555 B MG  . MG ? ? A ASP 107 A MG  201 1_555 ? ? ? ? ? ? ? 1.994 ? ? 
metalc5 metalc ? ? B MG  .   MG  ? ? ? 1_555 E HOH . O  ? ? A MG  201 A HOH 301 1_555 ? ? ? ? ? ? ? 2.070 ? ? 
metalc6 metalc ? ? B MG  .   MG  ? ? ? 1_555 E HOH . O  ? ? A MG  201 A HOH 302 1_555 ? ? ? ? ? ? ? 2.067 ? ? 
metalc7 metalc ? ? C VN4 .   V   ? ? ? 1_555 D KDO . O8 A ? A VN4 202 A KDO 203 1_555 ? ? ? ? ? ? ? 2.138 ? ? 
# 
_struct_conn_type.id          metalc 
_struct_conn_type.criteria    ? 
_struct_conn_type.reference   ? 
# 
loop_
_struct_sheet.id 
_struct_sheet.type 
_struct_sheet.number_strands 
_struct_sheet.details 
A ? 6 ? 
B ? 2 ? 
# 
loop_
_struct_sheet_order.sheet_id 
_struct_sheet_order.range_id_1 
_struct_sheet_order.range_id_2 
_struct_sheet_order.offset 
_struct_sheet_order.sense 
A 1 2 ? parallel      
A 2 3 ? parallel      
A 3 4 ? parallel      
A 4 5 ? parallel      
A 5 6 ? parallel      
B 1 2 ? anti-parallel 
# 
loop_
_struct_sheet_range.sheet_id 
_struct_sheet_range.id 
_struct_sheet_range.beg_label_comp_id 
_struct_sheet_range.beg_label_asym_id 
_struct_sheet_range.beg_label_seq_id 
_struct_sheet_range.pdbx_beg_PDB_ins_code 
_struct_sheet_range.end_label_comp_id 
_struct_sheet_range.end_label_asym_id 
_struct_sheet_range.end_label_seq_id 
_struct_sheet_range.pdbx_end_PDB_ins_code 
_struct_sheet_range.beg_auth_comp_id 
_struct_sheet_range.beg_auth_asym_id 
_struct_sheet_range.beg_auth_seq_id 
_struct_sheet_range.end_auth_comp_id 
_struct_sheet_range.end_auth_asym_id 
_struct_sheet_range.end_auth_seq_id 
A 1 LEU A 76  ? PHE A 78  ? LEU A 76  PHE A 78  
A 2 GLN A 53  ? LEU A 57  ? GLN A 53  LEU A 57  
A 3 PHE A 10  ? THR A 13  ? PHE A 10  THR A 13  
A 4 THR A 102 ? GLY A 106 ? THR A 102 GLY A 106 
A 5 THR A 120 ? ALA A 123 ? THR A 120 ALA A 123 
A 6 HIS A 137 ? VAL A 138 ? HIS A 137 VAL A 138 
B 1 HIS A 25  ? ASP A 27  ? HIS A 25  ASP A 27  
B 2 GLY A 30  ? ILE A 33  ? GLY A 30  ILE A 33  
# 
loop_
_pdbx_struct_sheet_hbond.sheet_id 
_pdbx_struct_sheet_hbond.range_id_1 
_pdbx_struct_sheet_hbond.range_id_2 
_pdbx_struct_sheet_hbond.range_1_label_atom_id 
_pdbx_struct_sheet_hbond.range_1_label_comp_id 
_pdbx_struct_sheet_hbond.range_1_label_asym_id 
_pdbx_struct_sheet_hbond.range_1_label_seq_id 
_pdbx_struct_sheet_hbond.range_1_PDB_ins_code 
_pdbx_struct_sheet_hbond.range_1_auth_atom_id 
_pdbx_struct_sheet_hbond.range_1_auth_comp_id 
_pdbx_struct_sheet_hbond.range_1_auth_asym_id 
_pdbx_struct_sheet_hbond.range_1_auth_seq_id 
_pdbx_struct_sheet_hbond.range_2_label_atom_id 
_pdbx_struct_sheet_hbond.range_2_label_comp_id 
_pdbx_struct_sheet_hbond.range_2_label_asym_id 
_pdbx_struct_sheet_hbond.range_2_label_seq_id 
_pdbx_struct_sheet_hbond.range_2_PDB_ins_code 
_pdbx_struct_sheet_hbond.range_2_auth_atom_id 
_pdbx_struct_sheet_hbond.range_2_auth_comp_id 
_pdbx_struct_sheet_hbond.range_2_auth_asym_id 
_pdbx_struct_sheet_hbond.range_2_auth_seq_id 
A 1 2 O PHE A 78  ? O PHE A 78  N VAL A 56  ? N VAL A 56  
A 2 3 O ALA A 55  ? O ALA A 55  N VAL A 11  ? N VAL A 11  
A 3 4 N ILE A 12  ? N ILE A 12  O ALA A 103 ? O ALA A 103 
A 4 5 N TYR A 104 ? N TYR A 104 O PHE A 122 ? O PHE A 122 
A 5 6 N SER A 121 ? N SER A 121 O HIS A 137 ? O HIS A 137 
B 1 2 N ASP A 27  ? N ASP A 27  O GLY A 30  ? O GLY A 30  
# 
_atom_sites.entry_id                    4HGP 
_atom_sites.fract_transf_matrix[1][1]   -0.00307563 
_atom_sites.fract_transf_matrix[1][2]   -0.00103616 
_atom_sites.fract_transf_matrix[1][3]   -0.01209617 
_atom_sites.fract_transf_matrix[2][1]   0.01193376 
_atom_sites.fract_transf_matrix[2][2]   -0.00255088 
_atom_sites.fract_transf_matrix[2][3]   -0.00281583 
_atom_sites.fract_transf_matrix[3][1]   -0.00341545 
_atom_sites.fract_transf_matrix[3][2]   -0.01870590 
_atom_sites.fract_transf_matrix[3][3]   0.00247078 
_atom_sites.fract_transf_vector[1]      -0.041580 
_atom_sites.fract_transf_vector[2]      -0.264258 
_atom_sites.fract_transf_vector[3]      -0.511480 
# 
loop_
_atom_type.symbol 
C  
MG 
N  
O  
S  
V  
# 
loop_
_atom_site.group_PDB 
_atom_site.id 
_atom_site.type_symbol 
_atom_site.label_atom_id 
_atom_site.label_alt_id 
_atom_site.label_comp_id 
_atom_site.label_asym_id 
_atom_site.label_entity_id 
_atom_site.label_seq_id 
_atom_site.pdbx_PDB_ins_code 
_atom_site.Cartn_x 
_atom_site.Cartn_y 
_atom_site.Cartn_z 
_atom_site.occupancy 
_atom_site.B_iso_or_equiv 
_atom_site.pdbx_formal_charge 
_atom_site.auth_seq_id 
_atom_site.auth_comp_id 
_atom_site.auth_asym_id 
_atom_site.auth_atom_id 
_atom_site.pdbx_PDB_model_num 
ATOM   1    N  N   . MET A 1 1   ? -9.382  -15.160 4.055   1.00 23.24 ? 1   MET A N   1 
ATOM   2    C  CA  . MET A 1 1   ? -9.161  -13.759 3.704   1.00 21.17 ? 1   MET A CA  1 
ATOM   3    C  C   . MET A 1 1   ? -10.358 -13.136 2.991   1.00 20.91 ? 1   MET A C   1 
ATOM   4    O  O   . MET A 1 1   ? -10.514 -11.918 2.998   1.00 20.00 ? 1   MET A O   1 
ATOM   5    C  CB  . MET A 1 1   ? -7.909  -13.599 2.832   1.00 17.32 ? 1   MET A CB  1 
ATOM   6    C  CG  . MET A 1 1   ? -6.602  -13.821 3.567   1.00 16.86 ? 1   MET A CG  1 
ATOM   7    S  SD  . MET A 1 1   ? -6.269  -12.586 4.833   1.00 20.84 ? 1   MET A SD  1 
ATOM   8    C  CE  . MET A 1 1   ? -6.042  -11.127 3.827   1.00 16.84 ? 1   MET A CE  1 
ATOM   9    N  N   . GLN A 1 2   ? -11.198 -13.972 2.379   1.00 21.16 ? 2   GLN A N   1 
ATOM   10   C  CA  . GLN A 1 2   ? -12.298 -13.485 1.547   1.00 19.86 ? 2   GLN A CA  1 
ATOM   11   C  C   . GLN A 1 2   ? -13.215 -12.492 2.264   1.00 23.18 ? 2   GLN A C   1 
ATOM   12   O  O   . GLN A 1 2   ? -13.545 -11.443 1.716   1.00 22.26 ? 2   GLN A O   1 
ATOM   13   C  CB  . GLN A 1 2   ? -13.113 -14.655 0.982   1.00 16.65 ? 2   GLN A CB  1 
ATOM   14   C  CG  . GLN A 1 2   ? -14.328 -14.255 0.156   1.00 20.11 ? 2   GLN A CG  1 
ATOM   15   C  CD  . GLN A 1 2   ? -13.985 -13.487 -1.116  1.00 19.02 ? 2   GLN A CD  1 
ATOM   16   O  OE1 . GLN A 1 2   ? -12.885 -13.593 -1.658  1.00 19.43 ? 2   GLN A OE1 1 
ATOM   17   N  NE2 . GLN A 1 2   ? -14.935 -12.708 -1.594  1.00 19.11 ? 2   GLN A NE2 1 
ATOM   18   N  N   . GLN A 1 3   ? -13.610 -12.818 3.490   1.00 20.07 ? 3   GLN A N   1 
ATOM   19   C  CA  . GLN A 1 3   ? -14.602 -12.009 4.192   1.00 25.89 ? 3   GLN A CA  1 
ATOM   20   C  C   . GLN A 1 3   ? -14.060 -10.654 4.632   1.00 25.53 ? 3   GLN A C   1 
ATOM   21   O  O   . GLN A 1 3   ? -14.813 -9.685  4.735   1.00 28.68 ? 3   GLN A O   1 
ATOM   22   C  CB  . GLN A 1 3   ? -15.214 -12.770 5.374   1.00 27.00 ? 3   GLN A CB  1 
ATOM   23   C  CG  . GLN A 1 3   ? -16.322 -13.753 4.975   1.00 31.12 ? 3   GLN A CG  1 
ATOM   24   C  CD  . GLN A 1 3   ? -17.721 -13.147 5.070   1.00 37.04 ? 3   GLN A CD  1 
ATOM   25   O  OE1 . GLN A 1 3   ? -17.904 -12.055 5.616   1.00 37.85 ? 3   GLN A OE1 1 
ATOM   26   N  NE2 . GLN A 1 3   ? -18.716 -13.858 4.535   1.00 36.98 ? 3   GLN A NE2 1 
ATOM   27   N  N   . LYS A 1 4   ? -12.760 -10.573 4.887   1.00 23.96 ? 4   LYS A N   1 
ATOM   28   C  CA  . LYS A 1 4   ? -12.173 -9.276  5.184   1.00 23.07 ? 4   LYS A CA  1 
ATOM   29   C  C   . LYS A 1 4   ? -11.850 -8.507  3.898   1.00 23.47 ? 4   LYS A C   1 
ATOM   30   O  O   . LYS A 1 4   ? -12.158 -7.320  3.789   1.00 22.77 ? 4   LYS A O   1 
ATOM   31   C  CB  . LYS A 1 4   ? -10.971 -9.388  6.134   1.00 23.22 ? 4   LYS A CB  1 
ATOM   32   C  CG  . LYS A 1 4   ? -9.972  -10.477 5.813   1.00 22.24 ? 4   LYS A CG  1 
ATOM   33   C  CD  . LYS A 1 4   ? -9.274  -10.965 7.089   1.00 21.84 ? 4   LYS A CD  1 
ATOM   34   C  CE  . LYS A 1 4   ? -8.626  -9.819  7.860   1.00 21.97 ? 4   LYS A CE  1 
ATOM   35   N  NZ  . LYS A 1 4   ? -9.327  -9.467  9.140   1.00 22.73 ? 4   LYS A NZ  1 
ATOM   36   N  N   . LEU A 1 5   ? -11.275 -9.200  2.917   1.00 21.59 ? 5   LEU A N   1 
ATOM   37   C  CA  . LEU A 1 5   ? -10.943 -8.608  1.616   1.00 21.16 ? 5   LEU A CA  1 
ATOM   38   C  C   . LEU A 1 5   ? -12.143 -7.970  0.919   1.00 20.54 ? 5   LEU A C   1 
ATOM   39   O  O   . LEU A 1 5   ? -12.003 -7.000  0.179   1.00 20.01 ? 5   LEU A O   1 
ATOM   40   C  CB  . LEU A 1 5   ? -10.344 -9.677  0.701   1.00 20.35 ? 5   LEU A CB  1 
ATOM   41   C  CG  . LEU A 1 5   ? -8.849  -9.655  0.395   1.00 18.65 ? 5   LEU A CG  1 
ATOM   42   C  CD1 . LEU A 1 5   ? -8.051  -9.136  1.566   1.00 19.57 ? 5   LEU A CD1 1 
ATOM   43   C  CD2 . LEU A 1 5   ? -8.385  -11.049 -0.001  1.00 19.46 ? 5   LEU A CD2 1 
ATOM   44   N  N   . GLU A 1 6   ? -13.318 -8.531  1.166   1.00 20.68 ? 6   GLU A N   1 
ATOM   45   C  CA  . GLU A 1 6   ? -14.557 -8.075  0.549   1.00 22.13 ? 6   GLU A CA  1 
ATOM   46   C  C   . GLU A 1 6   ? -15.016 -6.698  1.006   1.00 22.68 ? 6   GLU A C   1 
ATOM   47   O  O   . GLU A 1 6   ? -15.739 -6.001  0.290   1.00 22.70 ? 6   GLU A O   1 
ATOM   48   C  CB  . GLU A 1 6   ? -15.669 -9.077  0.847   1.00 21.84 ? 6   GLU A CB  1 
ATOM   49   C  CG  . GLU A 1 6   ? -15.881 -10.076 -0.242  1.00 21.50 ? 6   GLU A CG  1 
ATOM   50   C  CD  . GLU A 1 6   ? -17.042 -11.003 0.032   1.00 22.97 ? 6   GLU A CD  1 
ATOM   51   O  OE1 . GLU A 1 6   ? -17.730 -10.836 1.063   1.00 25.89 ? 6   GLU A OE1 1 
ATOM   52   O  OE2 . GLU A 1 6   ? -17.267 -11.905 -0.792  1.00 23.05 ? 6   GLU A OE2 1 
ATOM   53   N  N   . ASN A 1 7   ? -14.618 -6.312  2.209   1.00 23.78 ? 7   ASN A N   1 
ATOM   54   C  CA  . ASN A 1 7   ? -15.115 -5.075  2.790   1.00 22.98 ? 7   ASN A CA  1 
ATOM   55   C  C   . ASN A 1 7   ? -14.049 -3.989  2.918   1.00 20.60 ? 7   ASN A C   1 
ATOM   56   O  O   . ASN A 1 7   ? -14.227 -3.016  3.650   1.00 20.60 ? 7   ASN A O   1 
ATOM   57   C  CB  . ASN A 1 7   ? -15.774 -5.363  4.139   1.00 26.16 ? 7   ASN A CB  1 
ATOM   58   C  CG  . ASN A 1 7   ? -16.979 -6.286  4.014   1.00 27.26 ? 7   ASN A CG  1 
ATOM   59   O  OD1 . ASN A 1 7   ? -17.722 -6.238  3.026   1.00 29.10 ? 7   ASN A OD1 1 
ATOM   60   N  ND2 . ASN A 1 7   ? -17.178 -7.129  5.019   1.00 30.75 ? 7   ASN A ND2 1 
ATOM   61   N  N   . ILE A 1 8   ? -12.945 -4.157  2.197   1.00 17.17 ? 8   ILE A N   1 
ATOM   62   C  CA  . ILE A 1 8   ? -11.891 -3.155  2.199   1.00 19.82 ? 8   ILE A CA  1 
ATOM   63   C  C   . ILE A 1 8   ? -12.238 -1.974  1.295   1.00 18.53 ? 8   ILE A C   1 
ATOM   64   O  O   . ILE A 1 8   ? -12.562 -2.146  0.113   1.00 17.40 ? 8   ILE A O   1 
ATOM   65   C  CB  . ILE A 1 8   ? -10.514 -3.738  1.812   1.00 17.08 ? 8   ILE A CB  1 
ATOM   66   C  CG1 . ILE A 1 8   ? -10.101 -4.837  2.793   1.00 18.31 ? 8   ILE A CG1 1 
ATOM   67   C  CG2 . ILE A 1 8   ? -9.465  -2.636  1.770   1.00 14.01 ? 8   ILE A CG2 1 
ATOM   68   C  CD1 . ILE A 1 8   ? -10.290 -4.468  4.254   1.00 20.30 ? 8   ILE A CD1 1 
ATOM   69   N  N   . LYS A 1 9   ? -12.179 -0.776  1.872   1.00 18.28 ? 9   LYS A N   1 
ATOM   70   C  CA  . LYS A 1 9   ? -12.464 0.457   1.153   1.00 18.55 ? 9   LYS A CA  1 
ATOM   71   C  C   . LYS A 1 9   ? -11.265 1.398   1.219   1.00 17.75 ? 9   LYS A C   1 
ATOM   72   O  O   . LYS A 1 9   ? -11.267 2.472   0.623   1.00 18.53 ? 9   LYS A O   1 
ATOM   73   C  CB  . LYS A 1 9   ? -13.691 1.138   1.762   1.00 21.58 ? 9   LYS A CB  1 
ATOM   74   C  CG  . LYS A 1 9   ? -14.924 0.259   1.822   1.00 22.12 ? 9   LYS A CG  1 
ATOM   75   C  CD  . LYS A 1 9   ? -15.523 0.067   0.437   1.00 23.48 ? 9   LYS A CD  1 
ATOM   76   C  CE  . LYS A 1 9   ? -15.972 1.393   -0.133  1.00 22.11 ? 9   LYS A CE  1 
ATOM   77   N  NZ  . LYS A 1 9   ? -16.417 1.255   -1.531  1.00 26.23 ? 9   LYS A NZ  1 
ATOM   78   N  N   . PHE A 1 10  ? -10.231 0.987   1.944   1.00 17.94 ? 10  PHE A N   1 
ATOM   79   C  CA  . PHE A 1 10  ? -9.096  1.865   2.203   1.00 16.35 ? 10  PHE A CA  1 
ATOM   80   C  C   . PHE A 1 10  ? -7.836  1.043   2.427   1.00 15.49 ? 10  PHE A C   1 
ATOM   81   O  O   . PHE A 1 10  ? -7.843  0.099   3.212   1.00 16.24 ? 10  PHE A O   1 
ATOM   82   C  CB  . PHE A 1 10  ? -9.389  2.721   3.436   1.00 17.98 ? 10  PHE A CB  1 
ATOM   83   C  CG  . PHE A 1 10  ? -8.405  3.843   3.661   1.00 14.86 ? 10  PHE A CG  1 
ATOM   84   C  CD1 . PHE A 1 10  ? -7.756  4.447   2.595   1.00 15.35 ? 10  PHE A CD1 1 
ATOM   85   C  CD2 . PHE A 1 10  ? -8.140  4.290   4.948   1.00 15.14 ? 10  PHE A CD2 1 
ATOM   86   C  CE1 . PHE A 1 10  ? -6.855  5.479   2.806   1.00 15.55 ? 10  PHE A CE1 1 
ATOM   87   C  CE2 . PHE A 1 10  ? -7.243  5.320   5.170   1.00 14.03 ? 10  PHE A CE2 1 
ATOM   88   C  CZ  . PHE A 1 10  ? -6.602  5.918   4.095   1.00 14.63 ? 10  PHE A CZ  1 
ATOM   89   N  N   . VAL A 1 11  ? -6.766  1.403   1.727   1.00 14.09 ? 11  VAL A N   1 
ATOM   90   C  CA  . VAL A 1 11  ? -5.475  0.737   1.884   1.00 16.23 ? 11  VAL A CA  1 
ATOM   91   C  C   . VAL A 1 11  ? -4.389  1.735   2.274   1.00 13.85 ? 11  VAL A C   1 
ATOM   92   O  O   . VAL A 1 11  ? -4.171  2.733   1.581   1.00 14.52 ? 11  VAL A O   1 
ATOM   93   C  CB  . VAL A 1 11  ? -5.026  0.032   0.586   1.00 15.01 ? 11  VAL A CB  1 
ATOM   94   C  CG1 . VAL A 1 11  ? -3.656  -0.582  0.781   1.00 12.08 ? 11  VAL A CG1 1 
ATOM   95   C  CG2 . VAL A 1 11  ? -6.041  -1.024  0.157   1.00 15.18 ? 11  VAL A CG2 1 
ATOM   96   N  N   . ILE A 1 12  ? -3.706  1.454   3.380   1.00 14.20 ? 12  ILE A N   1 
ATOM   97   C  CA  . ILE A 1 12  ? -2.565  2.256   3.800   1.00 13.33 ? 12  ILE A CA  1 
ATOM   98   C  C   . ILE A 1 12  ? -1.269  1.469   3.603   1.00 13.29 ? 12  ILE A C   1 
ATOM   99   O  O   . ILE A 1 12  ? -1.159  0.322   4.038   1.00 11.25 ? 12  ILE A O   1 
ATOM   100  C  CB  . ILE A 1 12  ? -2.690  2.669   5.270   1.00 13.60 ? 12  ILE A CB  1 
ATOM   101  C  CG1 . ILE A 1 12  ? -4.022  3.395   5.498   1.00 15.55 ? 12  ILE A CG1 1 
ATOM   102  C  CG2 . ILE A 1 12  ? -1.492  3.514   5.685   1.00 15.09 ? 12  ILE A CG2 1 
ATOM   103  C  CD1 . ILE A 1 12  ? -4.282  3.760   6.953   1.00 16.26 ? 12  ILE A CD1 1 
ATOM   104  N  N   . THR A 1 13  ? -0.297  2.075   2.931   1.00 13.60 ? 13  THR A N   1 
ATOM   105  C  CA  . THR A 1 13  ? 0.951   1.374   2.664   1.00 15.38 ? 13  THR A CA  1 
ATOM   106  C  C   . THR A 1 13  ? 2.184   2.082   3.218   1.00 12.25 ? 13  THR A C   1 
ATOM   107  O  O   . THR A 1 13  ? 2.311   3.303   3.156   1.00 13.13 ? 13  THR A O   1 
ATOM   108  C  CB  . THR A 1 13  ? 1.134   1.092   1.155   1.00 14.75 ? 13  THR A CB  1 
ATOM   109  O  OG1 . THR A 1 13  ? 2.293   0.274   0.948   1.00 14.32 ? 13  THR A OG1 1 
ATOM   110  C  CG2 . THR A 1 13  ? 1.264   2.394   0.355   1.00 13.55 ? 13  THR A CG2 1 
ATOM   111  N  N   . ASP A 1 14  ? 3.080   1.287   3.779   1.00 11.68 ? 14  ASP A N   1 
ATOM   112  C  CA  . ASP A 1 14  ? 4.410   1.740   4.124   1.00 11.81 ? 14  ASP A CA  1 
ATOM   113  C  C   . ASP A 1 14  ? 5.224   1.866   2.826   1.00 12.66 ? 14  ASP A C   1 
ATOM   114  O  O   . ASP A 1 14  ? 4.851   1.293   1.808   1.00 13.54 ? 14  ASP A O   1 
ATOM   115  C  CB  . ASP A 1 14  ? 5.046   0.719   5.051   1.00 11.46 ? 14  ASP A CB  1 
ATOM   116  C  CG  . ASP A 1 14  ? 6.480   1.017   5.315   1.00 13.25 ? 14  ASP A CG  1 
ATOM   117  O  OD1 . ASP A 1 14  ? 6.764   2.177   5.669   1.00 14.52 ? 14  ASP A OD1 1 
ATOM   118  O  OD2 . ASP A 1 14  ? 7.317   0.113   5.128   1.00 14.28 ? 14  ASP A OD2 1 
ATOM   119  N  N   . VAL A 1 15  ? 6.322   2.616   2.845   1.00 12.07 ? 15  VAL A N   1 
ATOM   120  C  CA  . VAL A 1 15  ? 7.098   2.809   1.620   1.00 13.52 ? 15  VAL A CA  1 
ATOM   121  C  C   . VAL A 1 15  ? 8.352   1.958   1.552   1.00 13.04 ? 15  VAL A C   1 
ATOM   122  O  O   . VAL A 1 15  ? 8.502   1.116   0.658   1.00 12.10 ? 15  VAL A O   1 
ATOM   123  C  CB  . VAL A 1 15  ? 7.505   4.275   1.428   1.00 15.28 ? 15  VAL A CB  1 
ATOM   124  C  CG1 . VAL A 1 15  ? 8.235   4.459   0.103   1.00 14.65 ? 15  VAL A CG1 1 
ATOM   125  C  CG2 . VAL A 1 15  ? 6.283   5.172   1.533   1.00 13.98 ? 15  VAL A CG2 1 
ATOM   126  N  N   . ASP A 1 16  ? 9.277   2.204   2.471   1.00 11.72 ? 16  ASP A N   1 
ATOM   127  C  CA  . ASP A 1 16  ? 10.569  1.538   2.390   1.00 14.27 ? 16  ASP A CA  1 
ATOM   128  C  C   . ASP A 1 16  ? 10.404  0.069   2.741   1.00 11.84 ? 16  ASP A C   1 
ATOM   129  O  O   . ASP A 1 16  ? 9.920   -0.273  3.832   1.00 14.05 ? 16  ASP A O   1 
ATOM   130  C  CB  . ASP A 1 16  ? 11.606  2.214   3.296   1.00 12.88 ? 16  ASP A CB  1 
ATOM   131  C  CG  . ASP A 1 16  ? 11.722  3.708   3.043   1.00 16.35 ? 16  ASP A CG  1 
ATOM   132  O  OD1 . ASP A 1 16  ? 12.132  4.089   1.924   1.00 15.31 ? 16  ASP A OD1 1 
ATOM   133  O  OD2 . ASP A 1 16  ? 11.407  4.503   3.960   1.00 15.76 ? 16  ASP A OD2 1 
ATOM   134  N  N   . GLY A 1 17  ? 10.782  -0.790  1.799   1.00 13.68 ? 17  GLY A N   1 
ATOM   135  C  CA  . GLY A 1 17  ? 10.694  -2.228  1.987   1.00 13.41 ? 17  GLY A CA  1 
ATOM   136  C  C   . GLY A 1 17  ? 9.341   -2.809  1.613   1.00 12.35 ? 17  GLY A C   1 
ATOM   137  O  O   . GLY A 1 17  ? 9.107   -4.012  1.749   1.00 11.35 ? 17  GLY A O   1 
ATOM   138  N  N   . VAL A 1 18  ? 8.445   -1.955  1.135   1.00 11.05 ? 18  VAL A N   1 
ATOM   139  C  CA  . VAL A 1 18  ? 7.153   -2.408  0.631   1.00 11.39 ? 18  VAL A CA  1 
ATOM   140  C  C   . VAL A 1 18  ? 6.969   -1.940  -0.807  1.00 13.27 ? 18  VAL A C   1 
ATOM   141  O  O   . VAL A 1 18  ? 6.867   -2.759  -1.723  1.00 12.86 ? 18  VAL A O   1 
ATOM   142  C  CB  . VAL A 1 18  ? 5.982   -1.930  1.512   1.00 11.66 ? 18  VAL A CB  1 
ATOM   143  C  CG1 . VAL A 1 18  ? 4.644   -2.095  0.775   1.00 11.22 ? 18  VAL A CG1 1 
ATOM   144  C  CG2 . VAL A 1 18  ? 5.973   -2.719  2.815   1.00 10.50 ? 18  VAL A CG2 1 
ATOM   145  N  N   . LEU A 1 19  ? 6.935   -0.620  -0.987  1.00 13.75 ? 19  LEU A N   1 
ATOM   146  C  CA  . LEU A 1 19  ? 6.880   -0.011  -2.310  1.00 14.05 ? 19  LEU A CA  1 
ATOM   147  C  C   . LEU A 1 19  ? 8.285   0.021   -2.900  1.00 11.07 ? 19  LEU A C   1 
ATOM   148  O  O   . LEU A 1 19  ? 8.453   0.161   -4.105  1.00 11.47 ? 19  LEU A O   1 
ATOM   149  C  CB  . LEU A 1 19  ? 6.286   1.399   -2.236  1.00 11.05 ? 19  LEU A CB  1 
ATOM   150  C  CG  . LEU A 1 19  ? 4.842   1.507   -1.726  1.00 15.79 ? 19  LEU A CG  1 
ATOM   151  C  CD1 . LEU A 1 19  ? 4.366   2.940   -1.753  1.00 13.93 ? 19  LEU A CD1 1 
ATOM   152  C  CD2 . LEU A 1 19  ? 3.903   0.628   -2.548  1.00 12.83 ? 19  LEU A CD2 1 
ATOM   153  N  N   . THR A 1 20  ? 9.286   -0.102  -2.034  1.00 14.91 ? 20  THR A N   1 
ATOM   154  C  CA  . THR A 1 20  ? 10.676  -0.258  -2.458  1.00 12.02 ? 20  THR A CA  1 
ATOM   155  C  C   . THR A 1 20  ? 11.186  -1.583  -1.903  1.00 13.25 ? 20  THR A C   1 
ATOM   156  O  O   . THR A 1 20  ? 10.463  -2.255  -1.172  1.00 11.50 ? 20  THR A O   1 
ATOM   157  C  CB  . THR A 1 20  ? 11.573  0.879   -1.933  1.00 11.14 ? 20  THR A CB  1 
ATOM   158  O  OG1 . THR A 1 20  ? 11.764  0.731   -0.519  1.00 14.19 ? 20  THR A OG1 1 
ATOM   159  C  CG2 . THR A 1 20  ? 10.971  2.234   -2.230  1.00 11.53 ? 20  THR A CG2 1 
ATOM   160  N  N   . ASP A 1 21  ? 12.417  -1.964  -2.255  1.00 13.38 ? 21  ASP A N   1 
ATOM   161  C  CA  . ASP A 1 21  ? 13.019  -3.200  -1.747  1.00 11.61 ? 21  ASP A CA  1 
ATOM   162  C  C   . ASP A 1 21  ? 13.848  -2.991  -0.475  1.00 13.06 ? 21  ASP A C   1 
ATOM   163  O  O   . ASP A 1 21  ? 14.599  -3.872  -0.060  1.00 13.71 ? 21  ASP A O   1 
ATOM   164  C  CB  . ASP A 1 21  ? 13.851  -3.907  -2.833  1.00 13.78 ? 21  ASP A CB  1 
ATOM   165  C  CG  . ASP A 1 21  ? 15.164  -3.204  -3.131  1.00 13.84 ? 21  ASP A CG  1 
ATOM   166  O  OD1 . ASP A 1 21  ? 15.351  -2.065  -2.684  1.00 12.71 ? 21  ASP A OD1 1 
ATOM   167  O  OD2 . ASP A 1 21  ? 16.025  -3.804  -3.822  1.00 16.10 ? 21  ASP A OD2 1 
ATOM   168  N  N   . GLY A 1 22  ? 13.708  -1.823  0.139   1.00 12.99 ? 22  GLY A N   1 
ATOM   169  C  CA  . GLY A 1 22  ? 14.401  -1.534  1.380   1.00 13.10 ? 22  GLY A CA  1 
ATOM   170  C  C   . GLY A 1 22  ? 15.659  -0.707  1.210   1.00 13.70 ? 22  GLY A C   1 
ATOM   171  O  O   . GLY A 1 22  ? 16.209  -0.194  2.195   1.00 15.11 ? 22  GLY A O   1 
ATOM   172  N  N   . GLN A 1 23  ? 16.132  -0.588  -0.029  1.00 10.51 ? 23  GLN A N   1 
ATOM   173  C  CA  . GLN A 1 23  ? 17.344  0.165   -0.307  1.00 12.06 ? 23  GLN A CA  1 
ATOM   174  C  C   . GLN A 1 23  ? 17.133  1.663   -0.201  1.00 10.74 ? 23  GLN A C   1 
ATOM   175  O  O   . GLN A 1 23  ? 16.178  2.207   -0.745  1.00 14.19 ? 23  GLN A O   1 
ATOM   176  C  CB  . GLN A 1 23  ? 17.902  -0.162  -1.688  1.00 12.70 ? 23  GLN A CB  1 
ATOM   177  C  CG  . GLN A 1 23  ? 18.610  -1.505  -1.783  1.00 16.02 ? 23  GLN A CG  1 
ATOM   178  C  CD  . GLN A 1 23  ? 19.205  -1.754  -3.159  1.00 15.78 ? 23  GLN A CD  1 
ATOM   179  O  OE1 . GLN A 1 23  ? 20.381  -1.478  -3.406  1.00 17.95 ? 23  GLN A OE1 1 
ATOM   180  N  NE2 . GLN A 1 23  ? 18.391  -2.285  -4.065  1.00 20.70 ? 23  GLN A NE2 1 
ATOM   181  N  N   . LEU A 1 24  ? 18.046  2.326   0.500   1.00 12.33 ? 24  LEU A N   1 
ATOM   182  C  CA  . LEU A 1 24  ? 18.051  3.783   0.549   1.00 12.56 ? 24  LEU A CA  1 
ATOM   183  C  C   . LEU A 1 24  ? 19.276  4.262   -0.224  1.00 13.43 ? 24  LEU A C   1 
ATOM   184  O  O   . LEU A 1 24  ? 20.423  3.976   0.149   1.00 13.75 ? 24  LEU A O   1 
ATOM   185  C  CB  . LEU A 1 24  ? 18.045  4.280   2.001   1.00 13.77 ? 24  LEU A CB  1 
ATOM   186  C  CG  . LEU A 1 24  ? 16.875  3.811   2.886   1.00 13.06 ? 24  LEU A CG  1 
ATOM   187  C  CD1 . LEU A 1 24  ? 17.200  3.909   4.368   1.00 13.38 ? 24  LEU A CD1 1 
ATOM   188  C  CD2 . LEU A 1 24  ? 15.592  4.563   2.588   1.00 14.24 ? 24  LEU A CD2 1 
ATOM   189  N  N   . HIS A 1 25  ? 19.030  4.948   -1.336  1.00 14.07 ? 25  HIS A N   1 
ATOM   190  C  CA  . HIS A 1 25  ? 20.103  5.335   -2.238  1.00 14.55 ? 25  HIS A CA  1 
ATOM   191  C  C   . HIS A 1 25  ? 20.570  6.733   -1.891  1.00 13.59 ? 25  HIS A C   1 
ATOM   192  O  O   . HIS A 1 25  ? 19.988  7.717   -2.334  1.00 17.73 ? 25  HIS A O   1 
ATOM   193  C  CB  . HIS A 1 25  ? 19.651  5.278   -3.703  1.00 13.43 ? 25  HIS A CB  1 
ATOM   194  C  CG  . HIS A 1 25  ? 19.073  3.958   -4.112  1.00 13.07 ? 25  HIS A CG  1 
ATOM   195  N  ND1 . HIS A 1 25  ? 19.686  2.755   -3.840  1.00 10.53 ? 25  HIS A ND1 1 
ATOM   196  C  CD2 . HIS A 1 25  ? 17.935  3.658   -4.779  1.00 11.37 ? 25  HIS A CD2 1 
ATOM   197  C  CE1 . HIS A 1 25  ? 18.948  1.771   -4.319  1.00 14.67 ? 25  HIS A CE1 1 
ATOM   198  N  NE2 . HIS A 1 25  ? 17.880  2.290   -4.890  1.00 11.11 ? 25  HIS A NE2 1 
ATOM   199  N  N   . TYR A 1 26  ? 21.626  6.809   -1.094  1.00 13.19 ? 26  TYR A N   1 
ATOM   200  C  CA  . TYR A 1 26  ? 22.150  8.081   -0.621  1.00 14.57 ? 26  TYR A CA  1 
ATOM   201  C  C   . TYR A 1 26  ? 23.062  8.772   -1.630  1.00 14.59 ? 26  TYR A C   1 
ATOM   202  O  O   . TYR A 1 26  ? 23.792  8.121   -2.377  1.00 13.82 ? 26  TYR A O   1 
ATOM   203  C  CB  . TYR A 1 26  ? 22.945  7.850   0.670   1.00 15.09 ? 26  TYR A CB  1 
ATOM   204  C  CG  . TYR A 1 26  ? 22.131  7.953   1.935   1.00 13.71 ? 26  TYR A CG  1 
ATOM   205  C  CD1 . TYR A 1 26  ? 21.176  6.998   2.252   1.00 15.01 ? 26  TYR A CD1 1 
ATOM   206  C  CD2 . TYR A 1 26  ? 22.325  9.006   2.824   1.00 15.70 ? 26  TYR A CD2 1 
ATOM   207  C  CE1 . TYR A 1 26  ? 20.429  7.097   3.411   1.00 14.72 ? 26  TYR A CE1 1 
ATOM   208  C  CE2 . TYR A 1 26  ? 21.590  9.112   3.981   1.00 15.07 ? 26  TYR A CE2 1 
ATOM   209  C  CZ  . TYR A 1 26  ? 20.642  8.153   4.273   1.00 15.96 ? 26  TYR A CZ  1 
ATOM   210  O  OH  . TYR A 1 26  ? 19.906  8.254   5.431   1.00 15.95 ? 26  TYR A OH  1 
ATOM   211  N  N   . ASP A 1 27  ? 23.031  10.101  -1.647  1.00 14.97 ? 27  ASP A N   1 
ATOM   212  C  CA  . ASP A 1 27  ? 24.211  10.835  -2.087  1.00 17.33 ? 27  ASP A CA  1 
ATOM   213  C  C   . ASP A 1 27  ? 24.738  11.662  -0.914  1.00 16.12 ? 27  ASP A C   1 
ATOM   214  O  O   . ASP A 1 27  ? 24.487  11.332  0.241   1.00 18.41 ? 27  ASP A O   1 
ATOM   215  C  CB  . ASP A 1 27  ? 23.988  11.659  -3.367  1.00 14.81 ? 27  ASP A CB  1 
ATOM   216  C  CG  . ASP A 1 27  ? 22.935  12.747  -3.219  1.00 17.20 ? 27  ASP A CG  1 
ATOM   217  O  OD1 . ASP A 1 27  ? 22.558  13.105  -2.092  1.00 15.03 ? 27  ASP A OD1 1 
ATOM   218  O  OD2 . ASP A 1 27  ? 22.490  13.267  -4.266  1.00 19.11 ? 27  ASP A OD2 1 
ATOM   219  N  N   . ALA A 1 28  ? 25.479  12.716  -1.206  1.00 16.83 ? 28  ALA A N   1 
ATOM   220  C  CA  . ALA A 1 28  ? 26.083  13.514  -0.148  1.00 15.96 ? 28  ALA A CA  1 
ATOM   221  C  C   . ALA A 1 28  ? 25.034  14.229  0.707   1.00 17.39 ? 28  ALA A C   1 
ATOM   222  O  O   . ALA A 1 28  ? 25.286  14.565  1.858   1.00 18.84 ? 28  ALA A O   1 
ATOM   223  C  CB  . ALA A 1 28  ? 27.050  14.516  -0.740  1.00 16.87 ? 28  ALA A CB  1 
ATOM   224  N  N   . ASN A 1 29  ? 23.854  14.452  0.141   1.00 16.88 ? 29  ASN A N   1 
ATOM   225  C  CA  . ASN A 1 29  ? 22.834  15.235  0.819   1.00 16.90 ? 29  ASN A CA  1 
ATOM   226  C  C   . ASN A 1 29  ? 21.699  14.412  1.424   1.00 17.92 ? 29  ASN A C   1 
ATOM   227  O  O   . ASN A 1 29  ? 20.718  14.964  1.922   1.00 20.04 ? 29  ASN A O   1 
ATOM   228  C  CB  . ASN A 1 29  ? 22.288  16.310  -0.123  1.00 19.20 ? 29  ASN A CB  1 
ATOM   229  C  CG  . ASN A 1 29  ? 23.325  17.374  -0.462  1.00 19.98 ? 29  ASN A CG  1 
ATOM   230  O  OD1 . ASN A 1 29  ? 23.577  17.660  -1.631  1.00 19.77 ? 29  ASN A OD1 1 
ATOM   231  N  ND2 . ASN A 1 29  ? 23.927  17.967  0.562   1.00 21.30 ? 29  ASN A ND2 1 
ATOM   232  N  N   . GLY A 1 30  ? 21.854  13.091  1.398   1.00 15.68 ? 30  GLY A N   1 
ATOM   233  C  CA  . GLY A 1 30  ? 20.858  12.180  1.937   1.00 16.83 ? 30  GLY A CA  1 
ATOM   234  C  C   . GLY A 1 30  ? 20.280  11.320  0.830   1.00 13.61 ? 30  GLY A C   1 
ATOM   235  O  O   . GLY A 1 30  ? 20.987  10.993  -0.125  1.00 13.99 ? 30  GLY A O   1 
ATOM   236  N  N   . GLU A 1 31  ? 19.004  10.960  0.956   1.00 16.27 ? 31  GLU A N   1 
ATOM   237  C  CA  . GLU A 1 31  ? 18.293  10.219  -0.091  1.00 14.51 ? 31  GLU A CA  1 
ATOM   238  C  C   . GLU A 1 31  ? 18.308  10.960  -1.415  1.00 15.46 ? 31  GLU A C   1 
ATOM   239  O  O   . GLU A 1 31  ? 17.897  12.126  -1.489  1.00 13.92 ? 31  GLU A O   1 
ATOM   240  C  CB  . GLU A 1 31  ? 16.843  9.960   0.312   1.00 15.44 ? 31  GLU A CB  1 
ATOM   241  C  CG  . GLU A 1 31  ? 16.656  8.828   1.292   1.00 13.99 ? 31  GLU A CG  1 
ATOM   242  C  CD  . GLU A 1 31  ? 15.216  8.384   1.356   1.00 15.97 ? 31  GLU A CD  1 
ATOM   243  O  OE1 . GLU A 1 31  ? 14.821  7.521   0.549   1.00 14.34 ? 31  GLU A OE1 1 
ATOM   244  O  OE2 . GLU A 1 31  ? 14.475  8.900   2.213   1.00 18.53 ? 31  GLU A OE2 1 
ATOM   245  N  N   . ALA A 1 32  ? 18.761  10.266  -2.458  1.00 14.06 ? 32  ALA A N   1 
ATOM   246  C  CA  . ALA A 1 32  ? 18.989  10.866  -3.770  1.00 15.75 ? 32  ALA A CA  1 
ATOM   247  C  C   . ALA A 1 32  ? 18.117  10.230  -4.844  1.00 15.00 ? 32  ALA A C   1 
ATOM   248  O  O   . ALA A 1 32  ? 17.717  10.889  -5.799  1.00 15.81 ? 32  ALA A O   1 
ATOM   249  C  CB  . ALA A 1 32  ? 20.431  10.733  -4.147  1.00 18.68 ? 32  ALA A CB  1 
ATOM   250  N  N   . ILE A 1 33  ? 17.846  8.938   -4.685  1.00 13.65 ? 33  ILE A N   1 
ATOM   251  C  CA  . ILE A 1 33  ? 16.941  8.206   -5.569  1.00 14.08 ? 33  ILE A CA  1 
ATOM   252  C  C   . ILE A 1 33  ? 16.071  7.274   -4.734  1.00 12.81 ? 33  ILE A C   1 
ATOM   253  O  O   . ILE A 1 33  ? 16.550  6.687   -3.767  1.00 12.13 ? 33  ILE A O   1 
ATOM   254  C  CB  . ILE A 1 33  ? 17.720  7.413   -6.664  1.00 12.48 ? 33  ILE A CB  1 
ATOM   255  C  CG1 . ILE A 1 33  ? 18.288  8.388   -7.702  1.00 15.91 ? 33  ILE A CG1 1 
ATOM   256  C  CG2 . ILE A 1 33  ? 16.819  6.419   -7.358  1.00 10.25 ? 33  ILE A CG2 1 
ATOM   257  C  CD1 . ILE A 1 33  ? 18.988  7.722   -8.872  1.00 19.74 ? 33  ILE A CD1 1 
ATOM   258  N  N   . LYS A 1 34  ? 14.779  7.198   -5.064  1.00 12.87 ? 34  LYS A N   1 
ATOM   259  C  CA  . LYS A 1 34  ? 13.916  6.137   -4.532  1.00 12.64 ? 34  LYS A CA  1 
ATOM   260  C  C   . LYS A 1 34  ? 13.422  5.311   -5.707  1.00 13.48 ? 34  LYS A C   1 
ATOM   261  O  O   . LYS A 1 34  ? 13.024  5.863   -6.731  1.00 13.14 ? 34  LYS A O   1 
ATOM   262  C  CB  . LYS A 1 34  ? 12.716  6.685   -3.746  1.00 11.97 ? 34  LYS A CB  1 
ATOM   263  C  CG  . LYS A 1 34  ? 13.043  7.572   -2.568  1.00 11.94 ? 34  LYS A CG  1 
ATOM   264  C  CD  . LYS A 1 34  ? 11.796  7.873   -1.758  1.00 12.06 ? 34  LYS A CD  1 
ATOM   265  C  CE  . LYS A 1 34  ? 11.317  6.657   -0.981  1.00 13.01 ? 34  LYS A CE  1 
ATOM   266  N  NZ  . LYS A 1 34  ? 12.350  6.075   -0.070  1.00 14.89 ? 34  LYS A NZ  1 
ATOM   267  N  N   . SER A 1 35  ? 13.454  3.989   -5.553  1.00 13.09 ? 35  SER A N   1 
ATOM   268  C  CA  . SER A 1 35  ? 13.039  3.085   -6.613  1.00 12.29 ? 35  SER A CA  1 
ATOM   269  C  C   . SER A 1 35  ? 11.684  2.428   -6.295  1.00 11.51 ? 35  SER A C   1 
ATOM   270  O  O   . SER A 1 35  ? 11.567  1.606   -5.390  1.00 11.58 ? 35  SER A O   1 
ATOM   271  C  CB  . SER A 1 35  ? 14.129  2.035   -6.858  1.00 14.67 ? 35  SER A CB  1 
ATOM   272  O  OG  . SER A 1 35  ? 15.375  2.651   -7.162  1.00 10.55 ? 35  SER A OG  1 
ATOM   273  N  N   . PHE A 1 36  ? 10.652  2.819   -7.038  1.00 11.53 ? 36  PHE A N   1 
ATOM   274  C  CA  . PHE A 1 36  ? 9.330   2.230   -6.879  1.00 12.58 ? 36  PHE A CA  1 
ATOM   275  C  C   . PHE A 1 36  ? 9.098   1.202   -7.979  1.00 12.26 ? 36  PHE A C   1 
ATOM   276  O  O   . PHE A 1 36  ? 9.892   1.089   -8.901  1.00 14.84 ? 36  PHE A O   1 
ATOM   277  C  CB  . PHE A 1 36  ? 8.250   3.320   -6.894  1.00 13.17 ? 36  PHE A CB  1 
ATOM   278  C  CG  . PHE A 1 36  ? 8.500   4.430   -5.905  1.00 12.13 ? 36  PHE A CG  1 
ATOM   279  C  CD1 . PHE A 1 36  ? 8.033   4.340   -4.604  1.00 14.52 ? 36  PHE A CD1 1 
ATOM   280  C  CD2 . PHE A 1 36  ? 9.218   5.561   -6.274  1.00 14.03 ? 36  PHE A CD2 1 
ATOM   281  C  CE1 . PHE A 1 36  ? 8.274   5.358   -3.700  1.00 9.98  ? 36  PHE A CE1 1 
ATOM   282  C  CE2 . PHE A 1 36  ? 9.464   6.579   -5.371  1.00 12.50 ? 36  PHE A CE2 1 
ATOM   283  C  CZ  . PHE A 1 36  ? 8.977   6.476   -4.080  1.00 10.17 ? 36  PHE A CZ  1 
ATOM   284  N  N   . HIS A 1 37  ? 8.030   0.434   -7.884  1.00 11.44 ? 37  HIS A N   1 
ATOM   285  C  CA  . HIS A 1 37  ? 7.795   -0.579  -8.908  1.00 14.95 ? 37  HIS A CA  1 
ATOM   286  C  C   . HIS A 1 37  ? 6.600   -0.236  -9.807  1.00 13.45 ? 37  HIS A C   1 
ATOM   287  O  O   . HIS A 1 37  ? 5.540   0.160   -9.329  1.00 13.67 ? 37  HIS A O   1 
ATOM   288  C  CB  . HIS A 1 37  ? 7.646   -1.952  -8.259  1.00 14.40 ? 37  HIS A CB  1 
ATOM   289  C  CG  . HIS A 1 37  ? 7.680   -3.073  -9.244  1.00 13.98 ? 37  HIS A CG  1 
ATOM   290  N  ND1 . HIS A 1 37  ? 8.800   -3.847  -9.453  1.00 14.42 ? 37  HIS A ND1 1 
ATOM   291  C  CD2 . HIS A 1 37  ? 6.747   -3.519  -10.113 1.00 13.27 ? 37  HIS A CD2 1 
ATOM   292  C  CE1 . HIS A 1 37  ? 8.548   -4.736  -10.393 1.00 13.55 ? 37  HIS A CE1 1 
ATOM   293  N  NE2 . HIS A 1 37  ? 7.310   -4.555  -10.817 1.00 14.71 ? 37  HIS A NE2 1 
ATOM   294  N  N   . VAL A 1 38  ? 6.775   -0.378  -11.118 1.00 12.86 ? 38  VAL A N   1 
ATOM   295  C  CA  . VAL A 1 38  ? 5.743   0.029   -12.077 1.00 14.51 ? 38  VAL A CA  1 
ATOM   296  C  C   . VAL A 1 38  ? 4.409   -0.723  -11.963 1.00 14.06 ? 38  VAL A C   1 
ATOM   297  O  O   . VAL A 1 38  ? 3.345   -0.118  -12.108 1.00 15.50 ? 38  VAL A O   1 
ATOM   298  C  CB  . VAL A 1 38  ? 6.270   -0.010  -13.538 1.00 14.50 ? 38  VAL A CB  1 
ATOM   299  C  CG1 . VAL A 1 38  ? 6.386   -1.435  -14.046 1.00 12.96 ? 38  VAL A CG1 1 
ATOM   300  C  CG2 . VAL A 1 38  ? 5.376   0.775   -14.430 1.00 16.10 ? 38  VAL A CG2 1 
ATOM   301  N  N   . ARG A 1 39  ? 4.465   -2.025  -11.677 1.00 13.26 ? 39  ARG A N   1 
ATOM   302  C  CA  . ARG A 1 39  ? 3.255   -2.825  -11.539 1.00 12.04 ? 39  ARG A CA  1 
ATOM   303  C  C   . ARG A 1 39  ? 2.558   -2.500  -10.227 1.00 11.99 ? 39  ARG A C   1 
ATOM   304  O  O   . ARG A 1 39  ? 1.349   -2.669  -10.093 1.00 12.11 ? 39  ARG A O   1 
ATOM   305  C  CB  . ARG A 1 39  ? 3.557   -4.320  -11.671 1.00 11.82 ? 39  ARG A CB  1 
ATOM   306  C  CG  . ARG A 1 39  ? 4.113   -4.698  -13.037 1.00 12.51 ? 39  ARG A CG  1 
ATOM   307  C  CD  . ARG A 1 39  ? 4.104   -6.198  -13.268 1.00 10.54 ? 39  ARG A CD  1 
ATOM   308  N  NE  . ARG A 1 39  ? 5.081   -6.902  -12.438 1.00 14.56 ? 39  ARG A NE  1 
ATOM   309  C  CZ  . ARG A 1 39  ? 6.326   -7.177  -12.817 1.00 14.62 ? 39  ARG A CZ  1 
ATOM   310  N  NH1 . ARG A 1 39  ? 6.761   -6.793  -14.009 1.00 13.30 ? 39  ARG A NH1 1 
ATOM   311  N  NH2 . ARG A 1 39  ? 7.145   -7.819  -11.991 1.00 15.86 ? 39  ARG A NH2 1 
ATOM   312  N  N   . ASP A 1 40  ? 3.319   -2.004  -9.256  1.00 14.73 ? 40  ASP A N   1 
ATOM   313  C  CA  . ASP A 1 40  ? 2.707   -1.474  -8.038  1.00 12.14 ? 40  ASP A CA  1 
ATOM   314  C  C   . ASP A 1 40  ? 1.879   -0.238  -8.373  1.00 14.89 ? 40  ASP A C   1 
ATOM   315  O  O   . ASP A 1 40  ? 0.736   -0.094  -7.917  1.00 12.53 ? 40  ASP A O   1 
ATOM   316  C  CB  . ASP A 1 40  ? 3.760   -1.137  -6.976  1.00 12.24 ? 40  ASP A CB  1 
ATOM   317  C  CG  . ASP A 1 40  ? 4.324   -2.366  -6.297  1.00 10.91 ? 40  ASP A CG  1 
ATOM   318  O  OD1 . ASP A 1 40  ? 3.703   -3.445  -6.383  1.00 10.01 ? 40  ASP A OD1 1 
ATOM   319  O  OD2 . ASP A 1 40  ? 5.394   -2.256  -5.658  1.00 12.76 ? 40  ASP A OD2 1 
ATOM   320  N  N   . GLY A 1 41  ? 2.453   0.643   -9.191  1.00 13.43 ? 41  GLY A N   1 
ATOM   321  C  CA  . GLY A 1 41  ? 1.810   1.899   -9.530  1.00 15.11 ? 41  GLY A CA  1 
ATOM   322  C  C   . GLY A 1 41  ? 0.475   1.668   -10.201 1.00 15.73 ? 41  GLY A C   1 
ATOM   323  O  O   . GLY A 1 41  ? -0.507  2.338   -9.895  1.00 13.82 ? 41  GLY A O   1 
ATOM   324  N  N   . LEU A 1 42  ? 0.442   0.706   -11.118 1.00 14.32 ? 42  LEU A N   1 
ATOM   325  C  CA  . LEU A 1 42  ? -0.791  0.378   -11.807 1.00 14.62 ? 42  LEU A CA  1 
ATOM   326  C  C   . LEU A 1 42  ? -1.816  -0.186  -10.843 1.00 13.34 ? 42  LEU A C   1 
ATOM   327  O  O   . LEU A 1 42  ? -2.991  0.085   -10.986 1.00 11.86 ? 42  LEU A O   1 
ATOM   328  C  CB  . LEU A 1 42  ? -0.558  -0.591  -12.961 1.00 14.24 ? 42  LEU A CB  1 
ATOM   329  C  CG  . LEU A 1 42  ? -1.726  -0.560  -13.950 1.00 17.32 ? 42  LEU A CG  1 
ATOM   330  C  CD1 . LEU A 1 42  ? -2.027  0.863   -14.395 1.00 16.99 ? 42  LEU A CD1 1 
ATOM   331  C  CD2 . LEU A 1 42  ? -1.431  -1.447  -15.148 1.00 15.76 ? 42  LEU A CD2 1 
ATOM   332  N  N   . GLY A 1 43  ? -1.362  -0.965  -9.863  1.00 11.84 ? 43  GLY A N   1 
ATOM   333  C  CA  . GLY A 1 43  ? -2.248  -1.520  -8.856  1.00 13.64 ? 43  GLY A CA  1 
ATOM   334  C  C   . GLY A 1 43  ? -2.870  -0.422  -8.017  1.00 13.99 ? 43  GLY A C   1 
ATOM   335  O  O   . GLY A 1 43  ? -4.047  -0.493  -7.647  1.00 14.33 ? 43  GLY A O   1 
ATOM   336  N  N   . ILE A 1 44  ? -2.075  0.603   -7.723  1.00 13.68 ? 44  ILE A N   1 
ATOM   337  C  CA  . ILE A 1 44  ? -2.543  1.759   -6.954  1.00 14.66 ? 44  ILE A CA  1 
ATOM   338  C  C   . ILE A 1 44  ? -3.672  2.480   -7.681  1.00 15.02 ? 44  ILE A C   1 
ATOM   339  O  O   . ILE A 1 44  ? -4.687  2.826   -7.075  1.00 16.40 ? 44  ILE A O   1 
ATOM   340  C  CB  . ILE A 1 44  ? -1.379  2.737   -6.628  1.00 14.62 ? 44  ILE A CB  1 
ATOM   341  C  CG1 . ILE A 1 44  ? -0.562  2.204   -5.450  1.00 14.02 ? 44  ILE A CG1 1 
ATOM   342  C  CG2 . ILE A 1 44  ? -1.910  4.132   -6.309  1.00 16.56 ? 44  ILE A CG2 1 
ATOM   343  C  CD1 . ILE A 1 44  ? 0.761   2.911   -5.237  1.00 12.69 ? 44  ILE A CD1 1 
ATOM   344  N  N   . LYS A 1 45  ? -3.499  2.678   -8.985  1.00 15.36 ? 45  LYS A N   1 
ATOM   345  C  CA  . LYS A 1 45  ? -4.504  3.335   -9.818  1.00 15.71 ? 45  LYS A CA  1 
ATOM   346  C  C   . LYS A 1 45  ? -5.768  2.505   -9.962  1.00 16.17 ? 45  LYS A C   1 
ATOM   347  O  O   . LYS A 1 45  ? -6.867  3.050   -10.038 1.00 15.11 ? 45  LYS A O   1 
ATOM   348  C  CB  . LYS A 1 45  ? -3.943  3.639   -11.208 1.00 16.75 ? 45  LYS A CB  1 
ATOM   349  C  CG  . LYS A 1 45  ? -2.737  4.568   -11.217 1.00 18.53 ? 45  LYS A CG  1 
ATOM   350  C  CD  . LYS A 1 45  ? -2.997  5.851   -10.445 1.00 20.72 ? 45  LYS A CD  1 
ATOM   351  C  CE  . LYS A 1 45  ? -4.151  6.644   -11.032 1.00 20.73 ? 45  LYS A CE  1 
ATOM   352  N  NZ  . LYS A 1 45  ? -4.251  7.989   -10.404 1.00 22.45 ? 45  LYS A NZ  1 
ATOM   353  N  N   . MET A 1 46  ? -5.596  1.184   -10.012 1.00 16.85 ? 46  MET A N   1 
ATOM   354  C  CA  . MET A 1 46  ? -6.710  0.244   -10.122 1.00 15.83 ? 46  MET A CA  1 
ATOM   355  C  C   . MET A 1 46  ? -7.592  0.240   -8.879  1.00 16.09 ? 46  MET A C   1 
ATOM   356  O  O   . MET A 1 46  ? -8.819  0.210   -8.978  1.00 15.90 ? 46  MET A O   1 
ATOM   357  C  CB  . MET A 1 46  ? -6.195  -1.168  -10.412 1.00 16.28 ? 46  MET A CB  1 
ATOM   358  C  CG  . MET A 1 46  ? -5.642  -1.351  -11.815 1.00 16.96 ? 46  MET A CG  1 
ATOM   359  S  SD  . MET A 1 46  ? -4.907  -2.970  -12.086 1.00 14.34 ? 46  MET A SD  1 
ATOM   360  C  CE  . MET A 1 46  ? -4.562  -2.917  -13.835 1.00 15.30 ? 46  MET A CE  1 
ATOM   361  N  N   . LEU A 1 47  ? -6.965  0.273   -7.709  1.00 15.89 ? 47  LEU A N   1 
ATOM   362  C  CA  . LEU A 1 47  ? -7.693  0.329   -6.447  1.00 16.67 ? 47  LEU A CA  1 
ATOM   363  C  C   . LEU A 1 47  ? -8.522  1.606   -6.358  1.00 16.95 ? 47  LEU A C   1 
ATOM   364  O  O   . LEU A 1 47  ? -9.716  1.564   -6.053  1.00 19.12 ? 47  LEU A O   1 
ATOM   365  C  CB  . LEU A 1 47  ? -6.725  0.275   -5.264  1.00 16.94 ? 47  LEU A CB  1 
ATOM   366  C  CG  . LEU A 1 47  ? -6.065  -1.050  -4.889  1.00 15.38 ? 47  LEU A CG  1 
ATOM   367  C  CD1 . LEU A 1 47  ? -4.959  -0.802  -3.869  1.00 14.87 ? 47  LEU A CD1 1 
ATOM   368  C  CD2 . LEU A 1 47  ? -7.079  -2.016  -4.326  1.00 16.50 ? 47  LEU A CD2 1 
ATOM   369  N  N   . MET A 1 48  ? -7.875  2.737   -6.617  1.00 16.34 ? 48  MET A N   1 
ATOM   370  C  CA  . MET A 1 48  ? -8.537  4.036   -6.581  1.00 17.70 ? 48  MET A CA  1 
ATOM   371  C  C   . MET A 1 48  ? -9.739  4.080   -7.520  1.00 16.69 ? 48  MET A C   1 
ATOM   372  O  O   . MET A 1 48  ? -10.791 4.610   -7.172  1.00 19.56 ? 48  MET A O   1 
ATOM   373  C  CB  . MET A 1 48  ? -7.549  5.132   -6.959  1.00 16.20 ? 48  MET A CB  1 
ATOM   374  C  CG  . MET A 1 48  ? -6.608  5.564   -5.847  1.00 16.99 ? 48  MET A CG  1 
ATOM   375  S  SD  . MET A 1 48  ? -5.388  6.709   -6.510  1.00 23.70 ? 48  MET A SD  1 
ATOM   376  C  CE  . MET A 1 48  ? -6.389  7.556   -7.724  1.00 23.20 ? 48  MET A CE  1 
ATOM   377  N  N   . ASP A 1 49  ? -9.573  3.513   -8.706  1.00 17.79 ? 49  ASP A N   1 
ATOM   378  C  CA  . ASP A 1 49  ? -10.628 3.491   -9.715  1.00 17.78 ? 49  ASP A CA  1 
ATOM   379  C  C   . ASP A 1 49  ? -11.801 2.605   -9.289  1.00 19.69 ? 49  ASP A C   1 
ATOM   380  O  O   . ASP A 1 49  ? -12.941 2.814   -9.708  1.00 19.32 ? 49  ASP A O   1 
ATOM   381  C  CB  . ASP A 1 49  ? -10.053 3.002   -11.044 1.00 17.45 ? 49  ASP A CB  1 
ATOM   382  C  CG  . ASP A 1 49  ? -11.121 2.775   -12.094 1.00 20.08 ? 49  ASP A CG  1 
ATOM   383  O  OD1 . ASP A 1 49  ? -11.634 3.768   -12.642 1.00 25.49 ? 49  ASP A OD1 1 
ATOM   384  O  OD2 . ASP A 1 49  ? -11.444 1.604   -12.376 1.00 22.68 ? 49  ASP A OD2 1 
ATOM   385  N  N   . ALA A 1 50  ? -11.504 1.614   -8.452  1.00 17.41 ? 50  ALA A N   1 
ATOM   386  C  CA  . ALA A 1 50  ? -12.503 0.681   -7.953  1.00 17.81 ? 50  ALA A CA  1 
ATOM   387  C  C   . ALA A 1 50  ? -13.107 1.146   -6.632  1.00 17.59 ? 50  ALA A C   1 
ATOM   388  O  O   . ALA A 1 50  ? -13.659 0.342   -5.878  1.00 20.01 ? 50  ALA A O   1 
ATOM   389  C  CB  . ALA A 1 50  ? -11.896 -0.698  -7.793  1.00 17.35 ? 50  ALA A CB  1 
ATOM   390  N  N   . ASP A 1 51  ? -12.996 2.444   -6.366  1.00 18.60 ? 51  ASP A N   1 
ATOM   391  C  CA  . ASP A 1 51  ? -13.517 3.060   -5.147  1.00 20.69 ? 51  ASP A CA  1 
ATOM   392  C  C   . ASP A 1 51  ? -12.869 2.528   -3.871  1.00 21.43 ? 51  ASP A C   1 
ATOM   393  O  O   . ASP A 1 51  ? -13.539 2.349   -2.852  1.00 22.01 ? 51  ASP A O   1 
ATOM   394  C  CB  . ASP A 1 51  ? -15.041 2.933   -5.054  1.00 21.86 ? 51  ASP A CB  1 
ATOM   395  C  CG  . ASP A 1 51  ? -15.665 4.045   -4.227  1.00 22.89 ? 51  ASP A CG  1 
ATOM   396  O  OD1 . ASP A 1 51  ? -15.416 5.228   -4.538  1.00 23.16 ? 51  ASP A OD1 1 
ATOM   397  O  OD2 . ASP A 1 51  ? -16.397 3.739   -3.263  1.00 27.93 ? 51  ASP A OD2 1 
ATOM   398  N  N   . ILE A 1 52  ? -11.567 2.275   -3.941  1.00 18.68 ? 52  ILE A N   1 
ATOM   399  C  CA  . ILE A 1 52  ? -10.769 1.956   -2.772  1.00 21.33 ? 52  ILE A CA  1 
ATOM   400  C  C   . ILE A 1 52  ? -9.683  3.025   -2.684  1.00 20.95 ? 52  ILE A C   1 
ATOM   401  O  O   . ILE A 1 52  ? -8.842  3.135   -3.578  1.00 19.05 ? 52  ILE A O   1 
ATOM   402  C  CB  . ILE A 1 52  ? -10.109 0.560   -2.889  1.00 21.09 ? 52  ILE A CB  1 
ATOM   403  C  CG1 . ILE A 1 52  ? -11.168 -0.522  -3.122  1.00 20.58 ? 52  ILE A CG1 1 
ATOM   404  C  CG2 . ILE A 1 52  ? -9.279  0.247   -1.649  1.00 17.21 ? 52  ILE A CG2 1 
ATOM   405  C  CD1 . ILE A 1 52  ? -10.583 -1.850  -3.553  1.00 18.08 ? 52  ILE A CD1 1 
ATOM   406  N  N   . GLN A 1 53  ? -9.722  3.831   -1.628  1.00 18.96 ? 53  GLN A N   1 
ATOM   407  C  CA  . GLN A 1 53  ? -8.740  4.893   -1.471  1.00 19.72 ? 53  GLN A CA  1 
ATOM   408  C  C   . GLN A 1 53  ? -7.389  4.309   -1.086  1.00 18.15 ? 53  GLN A C   1 
ATOM   409  O  O   . GLN A 1 53  ? -7.316  3.230   -0.511  1.00 19.28 ? 53  GLN A O   1 
ATOM   410  C  CB  . GLN A 1 53  ? -9.201  5.904   -0.423  1.00 17.57 ? 53  GLN A CB  1 
ATOM   411  C  CG  . GLN A 1 53  ? -10.550 6.528   -0.728  1.00 17.83 ? 53  GLN A CG  1 
ATOM   412  C  CD  . GLN A 1 53  ? -10.984 7.513   0.334   1.00 16.46 ? 53  GLN A CD  1 
ATOM   413  O  OE1 . GLN A 1 53  ? -10.410 8.590   0.465   1.00 15.89 ? 53  GLN A OE1 1 
ATOM   414  N  NE2 . GLN A 1 53  ? -12.001 7.142   1.107   1.00 17.95 ? 53  GLN A NE2 1 
ATOM   415  N  N   . VAL A 1 54  ? -6.319  5.026   -1.403  1.00 16.21 ? 54  VAL A N   1 
ATOM   416  C  CA  . VAL A 1 54  ? -4.979  4.566   -1.069  1.00 18.41 ? 54  VAL A CA  1 
ATOM   417  C  C   . VAL A 1 54  ? -4.249  5.649   -0.266  1.00 17.47 ? 54  VAL A C   1 
ATOM   418  O  O   . VAL A 1 54  ? -4.299  6.825   -0.613  1.00 19.83 ? 54  VAL A O   1 
ATOM   419  C  CB  . VAL A 1 54  ? -4.176  4.190   -2.348  1.00 16.76 ? 54  VAL A CB  1 
ATOM   420  C  CG1 . VAL A 1 54  ? -2.752  3.761   -1.996  1.00 18.70 ? 54  VAL A CG1 1 
ATOM   421  C  CG2 . VAL A 1 54  ? -4.889  3.097   -3.140  1.00 15.32 ? 54  VAL A CG2 1 
ATOM   422  N  N   . ALA A 1 55  ? -3.589  5.256   0.816   1.00 18.57 ? 55  ALA A N   1 
ATOM   423  C  CA  . ALA A 1 55  ? -2.804  6.203   1.602   1.00 16.73 ? 55  ALA A CA  1 
ATOM   424  C  C   . ALA A 1 55  ? -1.396  5.691   1.874   1.00 18.53 ? 55  ALA A C   1 
ATOM   425  O  O   . ALA A 1 55  ? -1.142  4.482   1.898   1.00 16.28 ? 55  ALA A O   1 
ATOM   426  C  CB  . ALA A 1 55  ? -3.513  6.543   2.909   1.00 15.11 ? 55  ALA A CB  1 
ATOM   427  N  N   . VAL A 1 56  ? -0.477  6.628   2.069   1.00 16.55 ? 56  VAL A N   1 
ATOM   428  C  CA  . VAL A 1 56  ? 0.904   6.298   2.336   1.00 16.10 ? 56  VAL A CA  1 
ATOM   429  C  C   . VAL A 1 56  ? 1.264   6.709   3.753   1.00 15.50 ? 56  VAL A C   1 
ATOM   430  O  O   . VAL A 1 56  ? 0.911   7.795   4.195   1.00 15.61 ? 56  VAL A O   1 
ATOM   431  C  CB  . VAL A 1 56  ? 1.821   6.991   1.331   1.00 15.97 ? 56  VAL A CB  1 
ATOM   432  C  CG1 . VAL A 1 56  ? 3.263   6.818   1.730   1.00 17.18 ? 56  VAL A CG1 1 
ATOM   433  C  CG2 . VAL A 1 56  ? 1.574   6.434   -0.048  1.00 12.81 ? 56  VAL A CG2 1 
ATOM   434  N  N   . LEU A 1 57  ? 1.945   5.817   4.469   1.00 16.87 ? 57  LEU A N   1 
ATOM   435  C  CA  . LEU A 1 57  ? 2.402   6.080   5.825   1.00 16.42 ? 57  LEU A CA  1 
ATOM   436  C  C   . LEU A 1 57  ? 3.859   5.648   5.959   1.00 14.97 ? 57  LEU A C   1 
ATOM   437  O  O   . LEU A 1 57  ? 4.163   4.457   5.912   1.00 14.90 ? 57  LEU A O   1 
ATOM   438  C  CB  . LEU A 1 57  ? 1.527   5.330   6.832   1.00 15.43 ? 57  LEU A CB  1 
ATOM   439  C  CG  . LEU A 1 57  ? 1.802   5.544   8.321   1.00 15.87 ? 57  LEU A CG  1 
ATOM   440  C  CD1 . LEU A 1 57  ? 1.842   7.028   8.658   1.00 15.24 ? 57  LEU A CD1 1 
ATOM   441  C  CD2 . LEU A 1 57  ? 0.753   4.827   9.149   1.00 14.08 ? 57  LEU A CD2 1 
ATOM   442  N  N   . SER A 1 58  ? 4.749   6.623   6.128   1.00 17.28 ? 58  SER A N   1 
ATOM   443  C  CA  . SER A 1 58  ? 6.187   6.367   6.140   1.00 17.41 ? 58  SER A CA  1 
ATOM   444  C  C   . SER A 1 58  ? 6.890   7.069   7.294   1.00 16.98 ? 58  SER A C   1 
ATOM   445  O  O   . SER A 1 58  ? 6.556   8.201   7.631   1.00 19.69 ? 58  SER A O   1 
ATOM   446  C  CB  . SER A 1 58  ? 6.814   6.817   4.812   1.00 17.11 ? 58  SER A CB  1 
ATOM   447  O  OG  . SER A 1 58  ? 8.213   6.597   4.797   1.00 16.79 ? 58  SER A OG  1 
ATOM   448  N  N   . GLY A 1 59  ? 7.868   6.395   7.890   1.00 17.12 ? 59  GLY A N   1 
ATOM   449  C  CA  . GLY A 1 59  ? 8.684   6.990   8.931   1.00 17.96 ? 59  GLY A CA  1 
ATOM   450  C  C   . GLY A 1 59  ? 9.752   7.913   8.372   1.00 19.40 ? 59  GLY A C   1 
ATOM   451  O  O   . GLY A 1 59  ? 10.466  8.582   9.122   1.00 17.83 ? 59  GLY A O   1 
ATOM   452  N  N   . ARG A 1 60  ? 9.873   7.935   7.048   1.00 17.44 ? 60  ARG A N   1 
ATOM   453  C  CA  . ARG A 1 60  ? 10.784  8.848   6.364   1.00 20.48 ? 60  ARG A CA  1 
ATOM   454  C  C   . ARG A 1 60  ? 10.018  9.792   5.446   1.00 19.04 ? 60  ARG A C   1 
ATOM   455  O  O   . ARG A 1 60  ? 8.927   9.470   4.972   1.00 18.00 ? 60  ARG A O   1 
ATOM   456  C  CB  . ARG A 1 60  ? 11.826  8.080   5.535   1.00 17.31 ? 60  ARG A CB  1 
ATOM   457  C  CG  . ARG A 1 60  ? 12.688  7.118   6.325   1.00 17.36 ? 60  ARG A CG  1 
ATOM   458  C  CD  . ARG A 1 60  ? 13.890  6.699   5.504   1.00 18.61 ? 60  ARG A CD  1 
ATOM   459  N  NE  . ARG A 1 60  ? 14.735  7.849   5.204   1.00 17.88 ? 60  ARG A NE  1 
ATOM   460  C  CZ  . ARG A 1 60  ? 15.747  8.252   5.961   1.00 16.23 ? 60  ARG A CZ  1 
ATOM   461  N  NH1 . ARG A 1 60  ? 16.061  7.588   7.069   1.00 19.11 ? 60  ARG A NH1 1 
ATOM   462  N  NH2 . ARG A 1 60  ? 16.446  9.321   5.610   1.00 16.65 ? 60  ARG A NH2 1 
ATOM   463  N  N   . ASP A 1 61  ? 10.604  10.959  5.197   1.00 19.22 ? 61  ASP A N   1 
ATOM   464  C  CA  . ASP A 1 61  ? 10.024  11.939  4.289   1.00 18.14 ? 61  ASP A CA  1 
ATOM   465  C  C   . ASP A 1 61  ? 11.118  12.423  3.353   1.00 17.36 ? 61  ASP A C   1 
ATOM   466  O  O   . ASP A 1 61  ? 12.276  12.551  3.757   1.00 20.85 ? 61  ASP A O   1 
ATOM   467  C  CB  . ASP A 1 61  ? 9.452   13.125  5.070   1.00 20.39 ? 61  ASP A CB  1 
ATOM   468  C  CG  . ASP A 1 61  ? 8.589   14.045  4.205   1.00 21.13 ? 61  ASP A CG  1 
ATOM   469  O  OD1 . ASP A 1 61  ? 8.603   13.894  2.972   1.00 20.36 ? 61  ASP A OD1 1 
ATOM   470  O  OD2 . ASP A 1 61  ? 7.894   14.924  4.764   1.00 23.06 ? 61  ASP A OD2 1 
ATOM   471  N  N   . SER A 1 62  ? 10.743  12.701  2.113   1.00 17.87 ? 62  SER A N   1 
ATOM   472  C  CA  . SER A 1 62  ? 11.663  13.228  1.107   1.00 17.90 ? 62  SER A CA  1 
ATOM   473  C  C   . SER A 1 62  ? 10.869  13.852  -0.036  1.00 16.61 ? 62  SER A C   1 
ATOM   474  O  O   . SER A 1 62  ? 9.749   13.427  -0.322  1.00 18.12 ? 62  SER A O   1 
ATOM   475  C  CB  . SER A 1 62  ? 12.565  12.118  0.559   1.00 16.19 ? 62  SER A CB  1 
ATOM   476  O  OG  . SER A 1 62  ? 11.846  11.262  -0.317  1.00 19.56 ? 62  SER A OG  1 
ATOM   477  N  N   . PRO A 1 63  ? 11.448  14.863  -0.704  1.00 18.56 ? 63  PRO A N   1 
ATOM   478  C  CA  . PRO A 1 63  ? 10.815  15.439  -1.897  1.00 19.69 ? 63  PRO A CA  1 
ATOM   479  C  C   . PRO A 1 63  ? 10.599  14.387  -2.988  1.00 16.87 ? 63  PRO A C   1 
ATOM   480  O  O   . PRO A 1 63  ? 9.647   14.491  -3.768  1.00 14.66 ? 63  PRO A O   1 
ATOM   481  C  CB  . PRO A 1 63  ? 11.836  16.478  -2.365  1.00 17.49 ? 63  PRO A CB  1 
ATOM   482  C  CG  . PRO A 1 63  ? 12.622  16.817  -1.148  1.00 16.93 ? 63  PRO A CG  1 
ATOM   483  C  CD  . PRO A 1 63  ? 12.704  15.549  -0.360  1.00 19.55 ? 63  PRO A CD  1 
ATOM   484  N  N   . ILE A 1 64  ? 11.476  13.386  -3.025  1.00 15.62 ? 64  ILE A N   1 
ATOM   485  C  CA  . ILE A 1 64  ? 11.363  12.277  -3.969  1.00 15.32 ? 64  ILE A CA  1 
ATOM   486  C  C   . ILE A 1 64  ? 10.089  11.479  -3.747  1.00 16.05 ? 64  ILE A C   1 
ATOM   487  O  O   . ILE A 1 64  ? 9.360   11.193  -4.691  1.00 14.27 ? 64  ILE A O   1 
ATOM   488  C  CB  . ILE A 1 64  ? 12.532  11.297  -3.833  1.00 16.36 ? 64  ILE A CB  1 
ATOM   489  C  CG1 . ILE A 1 64  ? 13.864  12.045  -3.838  1.00 14.13 ? 64  ILE A CG1 1 
ATOM   490  C  CG2 . ILE A 1 64  ? 12.480  10.257  -4.955  1.00 13.15 ? 64  ILE A CG2 1 
ATOM   491  C  CD1 . ILE A 1 64  ? 15.055  11.140  -3.769  1.00 15.39 ? 64  ILE A CD1 1 
ATOM   492  N  N   . LEU A 1 65  ? 9.845   11.093  -2.498  1.00 14.78 ? 65  LEU A N   1 
ATOM   493  C  CA  . LEU A 1 65  ? 8.639   10.344  -2.160  1.00 17.03 ? 65  LEU A CA  1 
ATOM   494  C  C   . LEU A 1 65  ? 7.399   11.195  -2.419  1.00 16.95 ? 65  LEU A C   1 
ATOM   495  O  O   . LEU A 1 65  ? 6.416   10.724  -2.993  1.00 16.08 ? 65  LEU A O   1 
ATOM   496  C  CB  . LEU A 1 65  ? 8.690   9.848   -0.712  1.00 14.91 ? 65  LEU A CB  1 
ATOM   497  C  CG  . LEU A 1 65  ? 7.413   9.254   -0.108  1.00 15.99 ? 65  LEU A CG  1 
ATOM   498  C  CD1 . LEU A 1 65  ? 6.824   8.162   -0.996  1.00 15.82 ? 65  LEU A CD1 1 
ATOM   499  C  CD2 . LEU A 1 65  ? 7.681   8.711   1.281   1.00 15.07 ? 65  LEU A CD2 1 
ATOM   500  N  N   . ARG A 1 66  ? 7.463   12.463  -2.029  1.00 14.73 ? 66  ARG A N   1 
ATOM   501  C  CA  . ARG A 1 66  ? 6.369   13.400  -2.283  1.00 16.83 ? 66  ARG A CA  1 
ATOM   502  C  C   . ARG A 1 66  ? 6.050   13.560  -3.772  1.00 15.89 ? 66  ARG A C   1 
ATOM   503  O  O   . ARG A 1 66  ? 4.907   13.805  -4.141  1.00 16.90 ? 66  ARG A O   1 
ATOM   504  C  CB  . ARG A 1 66  ? 6.661   14.754  -1.622  1.00 18.47 ? 66  ARG A CB  1 
ATOM   505  C  CG  . ARG A 1 66  ? 6.463   14.726  -0.120  1.00 19.86 ? 66  ARG A CG  1 
ATOM   506  C  CD  . ARG A 1 66  ? 6.888   16.016  0.572   1.00 22.85 ? 66  ARG A CD  1 
ATOM   507  N  NE  . ARG A 1 66  ? 6.799   15.863  2.022   1.00 20.55 ? 66  ARG A NE  1 
ATOM   508  C  CZ  . ARG A 1 66  ? 5.667   15.982  2.707   1.00 22.18 ? 66  ARG A CZ  1 
ATOM   509  N  NH1 . ARG A 1 66  ? 4.538   16.270  2.069   1.00 20.48 ? 66  ARG A NH1 1 
ATOM   510  N  NH2 . ARG A 1 66  ? 5.660   15.819  4.024   1.00 21.37 ? 66  ARG A NH2 1 
ATOM   511  N  N   . ARG A 1 67  ? 7.057   13.403  -4.625  1.00 16.32 ? 67  ARG A N   1 
ATOM   512  C  CA  . ARG A 1 67  ? 6.846   13.463  -6.069  1.00 16.05 ? 67  ARG A CA  1 
ATOM   513  C  C   . ARG A 1 67  ? 6.128   12.211  -6.599  1.00 15.79 ? 67  ARG A C   1 
ATOM   514  O  O   . ARG A 1 67  ? 5.193   12.312  -7.397  1.00 14.42 ? 67  ARG A O   1 
ATOM   515  C  CB  . ARG A 1 67  ? 8.183   13.659  -6.786  1.00 16.67 ? 67  ARG A CB  1 
ATOM   516  C  CG  . ARG A 1 67  ? 8.089   13.620  -8.295  1.00 17.40 ? 67  ARG A CG  1 
ATOM   517  C  CD  . ARG A 1 67  ? 7.054   14.609  -8.806  1.00 15.45 ? 67  ARG A CD  1 
ATOM   518  N  NE  . ARG A 1 67  ? 6.869   14.503  -10.248 1.00 20.43 ? 67  ARG A NE  1 
ATOM   519  C  CZ  . ARG A 1 67  ? 7.431   15.313  -11.137 1.00 18.02 ? 67  ARG A CZ  1 
ATOM   520  N  NH1 . ARG A 1 67  ? 8.216   16.299  -10.736 1.00 20.27 ? 67  ARG A NH1 1 
ATOM   521  N  NH2 . ARG A 1 67  ? 7.196   15.145  -12.426 1.00 16.10 ? 67  ARG A NH2 1 
ATOM   522  N  N   . ARG A 1 68  ? 6.571   11.034  -6.156  1.00 16.87 ? 68  ARG A N   1 
ATOM   523  C  CA  . ARG A 1 68  ? 5.930   9.775   -6.540  1.00 15.45 ? 68  ARG A CA  1 
ATOM   524  C  C   . ARG A 1 68  ? 4.471   9.749   -6.077  1.00 16.86 ? 68  ARG A C   1 
ATOM   525  O  O   . ARG A 1 68  ? 3.575   9.292   -6.797  1.00 16.01 ? 68  ARG A O   1 
ATOM   526  C  CB  . ARG A 1 68  ? 6.699   8.585   -5.964  1.00 15.04 ? 68  ARG A CB  1 
ATOM   527  C  CG  . ARG A 1 68  ? 6.091   7.229   -6.293  1.00 14.15 ? 68  ARG A CG  1 
ATOM   528  C  CD  . ARG A 1 68  ? 6.082   6.944   -7.788  1.00 16.57 ? 68  ARG A CD  1 
ATOM   529  N  NE  . ARG A 1 68  ? 5.725   5.550   -8.071  1.00 16.57 ? 68  ARG A NE  1 
ATOM   530  C  CZ  . ARG A 1 68  ? 5.271   5.109   -9.241  1.00 14.05 ? 68  ARG A CZ  1 
ATOM   531  N  NH1 . ARG A 1 68  ? 5.119   5.950   -10.252 1.00 17.12 ? 68  ARG A NH1 1 
ATOM   532  N  NH2 . ARG A 1 68  ? 4.963   3.829   -9.397  1.00 14.15 ? 68  ARG A NH2 1 
ATOM   533  N  N   . ILE A 1 69  ? 4.236   10.265  -4.879  1.00 17.24 ? 69  ILE A N   1 
ATOM   534  C  CA  . ILE A 1 69  ? 2.879   10.388  -4.362  1.00 17.40 ? 69  ILE A CA  1 
ATOM   535  C  C   . ILE A 1 69  ? 2.011   11.252  -5.287  1.00 16.50 ? 69  ILE A C   1 
ATOM   536  O  O   . ILE A 1 69  ? 0.902   10.858  -5.649  1.00 17.88 ? 69  ILE A O   1 
ATOM   537  C  CB  . ILE A 1 69  ? 2.870   10.925  -2.912  1.00 16.07 ? 69  ILE A CB  1 
ATOM   538  C  CG1 . ILE A 1 69  ? 3.281   9.822   -1.935  1.00 17.02 ? 69  ILE A CG1 1 
ATOM   539  C  CG2 . ILE A 1 69  ? 1.501   11.446  -2.547  1.00 19.11 ? 69  ILE A CG2 1 
ATOM   540  C  CD1 . ILE A 1 69  ? 3.507   10.301  -0.522  1.00 18.41 ? 69  ILE A CD1 1 
ATOM   541  N  N   . ALA A 1 70  ? 2.522   12.417  -5.686  1.00 18.91 ? 70  ALA A N   1 
ATOM   542  C  CA  . ALA A 1 70  ? 1.811   13.283  -6.633  1.00 18.05 ? 70  ALA A CA  1 
ATOM   543  C  C   . ALA A 1 70  ? 1.590   12.611  -7.986  1.00 18.14 ? 70  ALA A C   1 
ATOM   544  O  O   . ALA A 1 70  ? 0.525   12.741  -8.590  1.00 17.21 ? 70  ALA A O   1 
ATOM   545  C  CB  . ALA A 1 70  ? 2.567   14.605  -6.829  1.00 18.01 ? 70  ALA A CB  1 
ATOM   546  N  N   . ASP A 1 71  ? 2.611   11.911  -8.469  1.00 18.55 ? 71  ASP A N   1 
ATOM   547  C  CA  . ASP A 1 71  ? 2.510   11.213  -9.746  1.00 18.65 ? 71  ASP A CA  1 
ATOM   548  C  C   . ASP A 1 71  ? 1.357   10.205  -9.738  1.00 19.87 ? 71  ASP A C   1 
ATOM   549  O  O   . ASP A 1 71  ? 0.677   10.019  -10.748 1.00 22.68 ? 71  ASP A O   1 
ATOM   550  C  CB  . ASP A 1 71  ? 3.837   10.524  -10.104 1.00 14.87 ? 71  ASP A CB  1 
ATOM   551  C  CG  . ASP A 1 71  ? 4.841   11.470  -10.749 1.00 16.15 ? 71  ASP A CG  1 
ATOM   552  O  OD1 . ASP A 1 71  ? 4.738   12.701  -10.556 1.00 17.44 ? 71  ASP A OD1 1 
ATOM   553  O  OD2 . ASP A 1 71  ? 5.742   10.982  -11.453 1.00 15.45 ? 71  ASP A OD2 1 
ATOM   554  N  N   . LEU A 1 72  ? 1.118   9.579   -8.592  1.00 18.58 ? 72  LEU A N   1 
ATOM   555  C  CA  . LEU A 1 72  ? 0.116   8.528   -8.502  1.00 18.42 ? 72  LEU A CA  1 
ATOM   556  C  C   . LEU A 1 72  ? -1.287  9.030   -8.182  1.00 18.41 ? 72  LEU A C   1 
ATOM   557  O  O   . LEU A 1 72  ? -2.242  8.265   -8.238  1.00 19.52 ? 72  LEU A O   1 
ATOM   558  C  CB  . LEU A 1 72  ? 0.536   7.486   -7.468  1.00 18.71 ? 72  LEU A CB  1 
ATOM   559  C  CG  . LEU A 1 72  ? 1.794   6.694   -7.812  1.00 16.76 ? 72  LEU A CG  1 
ATOM   560  C  CD1 . LEU A 1 72  ? 2.193   5.779   -6.654  1.00 15.67 ? 72  LEU A CD1 1 
ATOM   561  C  CD2 . LEU A 1 72  ? 1.586   5.898   -9.088  1.00 20.52 ? 72  LEU A CD2 1 
ATOM   562  N  N   . GLY A 1 73  ? -1.415  10.306  -7.846  1.00 16.40 ? 73  GLY A N   1 
ATOM   563  C  CA  . GLY A 1 73  ? -2.713  10.861  -7.514  1.00 17.59 ? 73  GLY A CA  1 
ATOM   564  C  C   . GLY A 1 73  ? -3.141  10.506  -6.106  1.00 17.87 ? 73  GLY A C   1 
ATOM   565  O  O   . GLY A 1 73  ? -4.332  10.526  -5.781  1.00 18.50 ? 73  GLY A O   1 
ATOM   566  N  N   . ILE A 1 74  ? -2.170  10.170  -5.263  1.00 16.80 ? 74  ILE A N   1 
ATOM   567  C  CA  . ILE A 1 74  ? -2.447  9.844   -3.870  1.00 15.37 ? 74  ILE A CA  1 
ATOM   568  C  C   . ILE A 1 74  ? -2.635  11.126  -3.054  1.00 18.35 ? 74  ILE A C   1 
ATOM   569  O  O   . ILE A 1 74  ? -1.807  12.035  -3.124  1.00 17.78 ? 74  ILE A O   1 
ATOM   570  C  CB  . ILE A 1 74  ? -1.317  8.976   -3.262  1.00 17.34 ? 74  ILE A CB  1 
ATOM   571  C  CG1 . ILE A 1 74  ? -1.210  7.644   -4.021  1.00 18.08 ? 74  ILE A CG1 1 
ATOM   572  C  CG2 . ILE A 1 74  ? -1.563  8.738   -1.775  1.00 16.67 ? 74  ILE A CG2 1 
ATOM   573  C  CD1 . ILE A 1 74  ? -0.109  6.734   -3.535  1.00 15.13 ? 74  ILE A CD1 1 
ATOM   574  N  N   . LYS A 1 75  ? -3.717  11.185  -2.278  1.00 19.71 ? 75  LYS A N   1 
ATOM   575  C  CA  . LYS A 1 75  ? -4.120  12.400  -1.571  1.00 18.27 ? 75  LYS A CA  1 
ATOM   576  C  C   . LYS A 1 75  ? -3.797  12.365  -0.074  1.00 19.58 ? 75  LYS A C   1 
ATOM   577  O  O   . LYS A 1 75  ? -3.347  13.356  0.502   1.00 18.49 ? 75  LYS A O   1 
ATOM   578  C  CB  . LYS A 1 75  ? -5.625  12.614  -1.759  1.00 19.52 ? 75  LYS A CB  1 
ATOM   579  C  CG  . LYS A 1 75  ? -6.063  14.061  -1.864  1.00 26.05 ? 75  LYS A CG  1 
ATOM   580  C  CD  . LYS A 1 75  ? -6.991  14.469  -0.719  1.00 26.98 ? 75  LYS A CD  1 
ATOM   581  C  CE  . LYS A 1 75  ? -6.203  14.821  0.540   1.00 23.92 ? 75  LYS A CE  1 
ATOM   582  N  NZ  . LYS A 1 75  ? -6.967  15.696  1.472   1.00 24.60 ? 75  LYS A NZ  1 
ATOM   583  N  N   . LEU A 1 76  ? -4.041  11.222  0.555   1.00 16.49 ? 76  LEU A N   1 
ATOM   584  C  CA  . LEU A 1 76  ? -3.941  11.105  2.003   1.00 17.73 ? 76  LEU A CA  1 
ATOM   585  C  C   . LEU A 1 76  ? -2.629  10.434  2.392   1.00 17.85 ? 76  LEU A C   1 
ATOM   586  O  O   . LEU A 1 76  ? -2.300  9.380   1.856   1.00 15.70 ? 76  LEU A O   1 
ATOM   587  C  CB  . LEU A 1 76  ? -5.126  10.293  2.530   1.00 16.52 ? 76  LEU A CB  1 
ATOM   588  C  CG  . LEU A 1 76  ? -6.511  10.834  2.158   1.00 17.81 ? 76  LEU A CG  1 
ATOM   589  C  CD1 . LEU A 1 76  ? -7.600  9.830   2.490   1.00 16.28 ? 76  LEU A CD1 1 
ATOM   590  C  CD2 . LEU A 1 76  ? -6.758  12.149  2.854   1.00 18.54 ? 76  LEU A CD2 1 
ATOM   591  N  N   . PHE A 1 77  ? -1.880  11.040  3.316   1.00 18.12 ? 77  PHE A N   1 
ATOM   592  C  CA  . PHE A 1 77  ? -0.567  10.519  3.707   1.00 17.07 ? 77  PHE A CA  1 
ATOM   593  C  C   . PHE A 1 77  ? 0.057   11.243  4.901   1.00 18.27 ? 77  PHE A C   1 
ATOM   594  O  O   . PHE A 1 77  ? -0.137  12.436  5.078   1.00 19.97 ? 77  PHE A O   1 
ATOM   595  C  CB  . PHE A 1 77  ? 0.417   10.538  2.520   1.00 18.24 ? 77  PHE A CB  1 
ATOM   596  C  CG  . PHE A 1 77  ? 0.603   11.900  1.883   1.00 19.19 ? 77  PHE A CG  1 
ATOM   597  C  CD1 . PHE A 1 77  ? 1.496   12.816  2.413   1.00 18.56 ? 77  PHE A CD1 1 
ATOM   598  C  CD2 . PHE A 1 77  ? -0.096  12.246  0.735   1.00 19.30 ? 77  PHE A CD2 1 
ATOM   599  C  CE1 . PHE A 1 77  ? 1.675   14.054  1.824   1.00 20.66 ? 77  PHE A CE1 1 
ATOM   600  C  CE2 . PHE A 1 77  ? 0.081   13.475  0.145   1.00 17.30 ? 77  PHE A CE2 1 
ATOM   601  C  CZ  . PHE A 1 77  ? 0.964   14.381  0.688   1.00 21.11 ? 77  PHE A CZ  1 
ATOM   602  N  N   . PHE A 1 78  ? 0.815   10.518  5.711   1.00 17.59 ? 78  PHE A N   1 
ATOM   603  C  CA  . PHE A 1 78  ? 1.633   11.133  6.747   1.00 18.30 ? 78  PHE A CA  1 
ATOM   604  C  C   . PHE A 1 78  ? 3.076   10.631  6.623   1.00 17.89 ? 78  PHE A C   1 
ATOM   605  O  O   . PHE A 1 78  ? 3.324   9.427   6.645   1.00 17.71 ? 78  PHE A O   1 
ATOM   606  C  CB  . PHE A 1 78  ? 1.079   10.810  8.136   1.00 19.91 ? 78  PHE A CB  1 
ATOM   607  C  CG  . PHE A 1 78  ? -0.229  11.495  8.453   1.00 16.82 ? 78  PHE A CG  1 
ATOM   608  C  CD1 . PHE A 1 78  ? -0.386  12.865  8.283   1.00 21.81 ? 78  PHE A CD1 1 
ATOM   609  C  CD2 . PHE A 1 78  ? -1.309  10.762  8.907   1.00 21.67 ? 78  PHE A CD2 1 
ATOM   610  C  CE1 . PHE A 1 78  ? -1.599  13.482  8.586   1.00 21.74 ? 78  PHE A CE1 1 
ATOM   611  C  CE2 . PHE A 1 78  ? -2.521  11.371  9.201   1.00 20.21 ? 78  PHE A CE2 1 
ATOM   612  C  CZ  . PHE A 1 78  ? -2.665  12.730  9.037   1.00 19.90 ? 78  PHE A CZ  1 
ATOM   613  N  N   . LEU A 1 79  ? 4.023   11.553  6.483   1.00 18.07 ? 79  LEU A N   1 
ATOM   614  C  CA  . LEU A 1 79  ? 5.417   11.180  6.271   1.00 17.86 ? 79  LEU A CA  1 
ATOM   615  C  C   . LEU A 1 79  ? 6.285   11.560  7.474   1.00 17.98 ? 79  LEU A C   1 
ATOM   616  O  O   . LEU A 1 79  ? 5.892   12.385  8.288   1.00 18.40 ? 79  LEU A O   1 
ATOM   617  C  CB  . LEU A 1 79  ? 5.949   11.817  4.986   1.00 18.14 ? 79  LEU A CB  1 
ATOM   618  C  CG  . LEU A 1 79  ? 5.112   11.602  3.726   1.00 16.08 ? 79  LEU A CG  1 
ATOM   619  C  CD1 . LEU A 1 79  ? 5.788   12.231  2.512   1.00 18.60 ? 79  LEU A CD1 1 
ATOM   620  C  CD2 . LEU A 1 79  ? 4.821   10.113  3.482   1.00 17.69 ? 79  LEU A CD2 1 
ATOM   621  N  N   . GLY A 1 80  ? 7.464   10.956  7.577   1.00 18.68 ? 80  GLY A N   1 
ATOM   622  C  CA  . GLY A 1 80  ? 8.328   11.139  8.734   1.00 17.53 ? 80  GLY A CA  1 
ATOM   623  C  C   . GLY A 1 80  ? 7.678   10.722  10.038  1.00 19.02 ? 80  GLY A C   1 
ATOM   624  O  O   . GLY A 1 80  ? 7.992   11.255  11.108  1.00 22.13 ? 80  GLY A O   1 
ATOM   625  N  N   . LYS A 1 81  ? 6.782   9.748   9.960   1.00 19.06 ? 81  LYS A N   1 
ATOM   626  C  CA  . LYS A 1 81  ? 5.930   9.407   11.092  1.00 16.53 ? 81  LYS A CA  1 
ATOM   627  C  C   . LYS A 1 81  ? 6.208   7.998   11.623  1.00 18.93 ? 81  LYS A C   1 
ATOM   628  O  O   . LYS A 1 81  ? 5.810   7.008   11.018  1.00 20.06 ? 81  LYS A O   1 
ATOM   629  C  CB  . LYS A 1 81  ? 4.464   9.550   10.680  1.00 20.12 ? 81  LYS A CB  1 
ATOM   630  C  CG  . LYS A 1 81  ? 3.473   9.422   11.818  1.00 19.93 ? 81  LYS A CG  1 
ATOM   631  C  CD  . LYS A 1 81  ? 3.129   10.771  12.435  1.00 22.43 ? 81  LYS A CD  1 
ATOM   632  C  CE  . LYS A 1 81  ? 2.022   10.605  13.464  1.00 21.72 ? 81  LYS A CE  1 
ATOM   633  N  NZ  . LYS A 1 81  ? 1.820   11.807  14.317  1.00 24.34 ? 81  LYS A NZ  1 
ATOM   634  N  N   . LEU A 1 82  ? 6.881   7.924   12.770  1.00 18.65 ? 82  LEU A N   1 
ATOM   635  C  CA  . LEU A 1 82  ? 7.377   6.660   13.302  1.00 18.75 ? 82  LEU A CA  1 
ATOM   636  C  C   . LEU A 1 82  ? 6.418   5.991   14.278  1.00 18.76 ? 82  LEU A C   1 
ATOM   637  O  O   . LEU A 1 82  ? 6.507   4.787   14.518  1.00 22.04 ? 82  LEU A O   1 
ATOM   638  C  CB  . LEU A 1 82  ? 8.738   6.867   13.965  1.00 18.24 ? 82  LEU A CB  1 
ATOM   639  C  CG  . LEU A 1 82  ? 9.889   7.039   12.973  1.00 20.18 ? 82  LEU A CG  1 
ATOM   640  C  CD1 . LEU A 1 82  ? 11.164  7.374   13.711  1.00 24.78 ? 82  LEU A CD1 1 
ATOM   641  C  CD2 . LEU A 1 82  ? 10.062  5.775   12.163  1.00 19.50 ? 82  LEU A CD2 1 
ATOM   642  N  N   . GLU A 1 83  ? 5.519   6.779   14.854  1.00 19.86 ? 83  GLU A N   1 
ATOM   643  C  CA  . GLU A 1 83  ? 4.454   6.231   15.674  1.00 16.06 ? 83  GLU A CA  1 
ATOM   644  C  C   . GLU A 1 83  ? 3.235   6.140   14.771  1.00 18.32 ? 83  GLU A C   1 
ATOM   645  O  O   . GLU A 1 83  ? 2.633   7.157   14.424  1.00 19.65 ? 83  GLU A O   1 
ATOM   646  C  CB  . GLU A 1 83  ? 4.197   7.124   16.890  1.00 22.62 ? 83  GLU A CB  1 
ATOM   647  C  CG  . GLU A 1 83  ? 3.223   6.535   17.918  1.00 17.24 ? 83  GLU A CG  1 
ATOM   648  C  CD  . GLU A 1 83  ? 1.769   6.794   17.557  1.00 22.93 ? 83  GLU A CD  1 
ATOM   649  O  OE1 . GLU A 1 83  ? 1.386   7.983   17.434  1.00 23.83 ? 83  GLU A OE1 1 
ATOM   650  O  OE2 . GLU A 1 83  ? 1.013   5.808   17.396  1.00 21.24 ? 83  GLU A OE2 1 
ATOM   651  N  N   . LYS A 1 84  ? 2.886   4.915   14.380  1.00 18.96 ? 84  LYS A N   1 
ATOM   652  C  CA  . LYS A 1 84  ? 1.957   4.712   13.269  1.00 16.35 ? 84  LYS A CA  1 
ATOM   653  C  C   . LYS A 1 84  ? 0.536   4.309   13.654  1.00 17.45 ? 84  LYS A C   1 
ATOM   654  O  O   . LYS A 1 84  ? -0.347  4.268   12.797  1.00 16.96 ? 84  LYS A O   1 
ATOM   655  C  CB  . LYS A 1 84  ? 2.535   3.705   12.274  1.00 15.35 ? 84  LYS A CB  1 
ATOM   656  C  CG  . LYS A 1 84  ? 3.734   4.217   11.501  1.00 14.94 ? 84  LYS A CG  1 
ATOM   657  C  CD  . LYS A 1 84  ? 4.149   3.236   10.436  1.00 15.67 ? 84  LYS A CD  1 
ATOM   658  C  CE  . LYS A 1 84  ? 5.303   3.782   9.640   1.00 14.58 ? 84  LYS A CE  1 
ATOM   659  N  NZ  . LYS A 1 84  ? 5.675   2.879   8.520   1.00 14.75 ? 84  LYS A NZ  1 
ATOM   660  N  N   . GLU A 1 85  ? 0.305   4.016   14.930  1.00 18.70 ? 85  GLU A N   1 
ATOM   661  C  CA  . GLU A 1 85  ? -1.041  3.680   15.371  1.00 19.60 ? 85  GLU A CA  1 
ATOM   662  C  C   . GLU A 1 85  ? -1.969  4.871   15.253  1.00 18.56 ? 85  GLU A C   1 
ATOM   663  O  O   . GLU A 1 85  ? -2.998  4.788   14.593  1.00 22.19 ? 85  GLU A O   1 
ATOM   664  C  CB  . GLU A 1 85  ? -1.059  3.185   16.808  1.00 21.47 ? 85  GLU A CB  1 
ATOM   665  C  CG  . GLU A 1 85  ? -2.469  2.964   17.327  1.00 20.55 ? 85  GLU A CG  1 
ATOM   666  C  CD  . GLU A 1 85  ? -2.487  2.499   18.762  1.00 26.52 ? 85  GLU A CD  1 
ATOM   667  O  OE1 . GLU A 1 85  ? -1.665  1.626   19.115  1.00 30.63 ? 85  GLU A OE1 1 
ATOM   668  O  OE2 . GLU A 1 85  ? -3.315  3.011   19.538  1.00 27.50 ? 85  GLU A OE2 1 
ATOM   669  N  N   . THR A 1 86  ? -1.612  5.973   15.909  1.00 18.19 ? 86  THR A N   1 
ATOM   670  C  CA  . THR A 1 86  ? -2.411  7.191   15.819  1.00 17.77 ? 86  THR A CA  1 
ATOM   671  C  C   . THR A 1 86  ? -2.488  7.673   14.375  1.00 18.75 ? 86  THR A C   1 
ATOM   672  O  O   . THR A 1 86  ? -3.511  8.189   13.948  1.00 17.51 ? 86  THR A O   1 
ATOM   673  C  CB  . THR A 1 86  ? -1.872  8.329   16.717  1.00 22.17 ? 86  THR A CB  1 
ATOM   674  O  OG1 . THR A 1 86  ? -0.506  8.607   16.390  1.00 20.26 ? 86  THR A OG1 1 
ATOM   675  C  CG2 . THR A 1 86  ? -1.969  7.947   18.195  1.00 17.28 ? 86  THR A CG2 1 
ATOM   676  N  N   . ALA A 1 87  ? -1.411  7.482   13.621  1.00 17.38 ? 87  ALA A N   1 
ATOM   677  C  CA  . ALA A 1 87  ? -1.383  7.914   12.226  1.00 18.14 ? 87  ALA A CA  1 
ATOM   678  C  C   . ALA A 1 87  ? -2.435  7.180   11.388  1.00 17.49 ? 87  ALA A C   1 
ATOM   679  O  O   . ALA A 1 87  ? -3.104  7.782   10.550  1.00 15.13 ? 87  ALA A O   1 
ATOM   680  C  CB  . ALA A 1 87  ? -0.001  7.720   11.636  1.00 17.47 ? 87  ALA A CB  1 
ATOM   681  N  N   . CYS A 1 88  ? -2.578  5.881   11.624  1.00 18.27 ? 88  CYS A N   1 
ATOM   682  C  CA  . CYS A 1 88  ? -3.548  5.080   10.884  1.00 17.21 ? 88  CYS A CA  1 
ATOM   683  C  C   . CYS A 1 88  ? -4.975  5.529   11.165  1.00 18.96 ? 88  CYS A C   1 
ATOM   684  O  O   . CYS A 1 88  ? -5.774  5.675   10.242  1.00 16.46 ? 88  CYS A O   1 
ATOM   685  C  CB  . CYS A 1 88  ? -3.396  3.594   11.213  1.00 20.82 ? 88  CYS A CB  1 
ATOM   686  S  SG  . CYS A 1 88  ? -1.997  2.774   10.405  1.00 19.44 ? 88  CYS A SG  1 
ATOM   687  N  N   . PHE A 1 89  ? -5.288  5.750   12.438  1.00 18.89 ? 89  PHE A N   1 
ATOM   688  C  CA  . PHE A 1 89  ? -6.624  6.166   12.827  1.00 19.08 ? 89  PHE A CA  1 
ATOM   689  C  C   . PHE A 1 89  ? -6.996  7.512   12.219  1.00 17.58 ? 89  PHE A C   1 
ATOM   690  O  O   . PHE A 1 89  ? -8.126  7.703   11.784  1.00 17.62 ? 89  PHE A O   1 
ATOM   691  C  CB  . PHE A 1 89  ? -6.762  6.168   14.345  1.00 18.20 ? 89  PHE A CB  1 
ATOM   692  C  CG  . PHE A 1 89  ? -6.844  4.790   14.934  1.00 20.00 ? 89  PHE A CG  1 
ATOM   693  C  CD1 . PHE A 1 89  ? -7.623  3.814   14.333  1.00 19.37 ? 89  PHE A CD1 1 
ATOM   694  C  CD2 . PHE A 1 89  ? -6.128  4.461   16.070  1.00 20.72 ? 89  PHE A CD2 1 
ATOM   695  C  CE1 . PHE A 1 89  ? -7.703  2.542   14.858  1.00 17.50 ? 89  PHE A CE1 1 
ATOM   696  C  CE2 . PHE A 1 89  ? -6.201  3.187   16.601  1.00 22.51 ? 89  PHE A CE2 1 
ATOM   697  C  CZ  . PHE A 1 89  ? -6.993  2.228   15.997  1.00 16.29 ? 89  PHE A CZ  1 
ATOM   698  N  N   . ASP A 1 90  ? -6.028  8.424   12.169  1.00 20.76 ? 90  ASP A N   1 
ATOM   699  C  CA  . ASP A 1 90  ? -6.222  9.734   11.565  1.00 19.70 ? 90  ASP A CA  1 
ATOM   700  C  C   . ASP A 1 90  ? -6.486  9.623   10.067  1.00 19.57 ? 90  ASP A C   1 
ATOM   701  O  O   . ASP A 1 90  ? -7.332  10.333  9.530   1.00 18.66 ? 90  ASP A O   1 
ATOM   702  C  CB  . ASP A 1 90  ? -5.012  10.641  11.813  1.00 22.23 ? 90  ASP A CB  1 
ATOM   703  C  CG  . ASP A 1 90  ? -4.853  11.020  13.271  1.00 20.84 ? 90  ASP A CG  1 
ATOM   704  O  OD1 . ASP A 1 90  ? -5.823  10.843  14.039  1.00 24.08 ? 90  ASP A OD1 1 
ATOM   705  O  OD2 . ASP A 1 90  ? -3.756  11.494  13.651  1.00 24.95 ? 90  ASP A OD2 1 
ATOM   706  N  N   . LEU A 1 91  ? -5.762  8.734   9.393   1.00 18.43 ? 91  LEU A N   1 
ATOM   707  C  CA  . LEU A 1 91  ? -5.962  8.525   7.962   1.00 16.67 ? 91  LEU A CA  1 
ATOM   708  C  C   . LEU A 1 91  ? -7.343  7.937   7.658   1.00 16.28 ? 91  LEU A C   1 
ATOM   709  O  O   . LEU A 1 91  ? -8.003  8.350   6.707   1.00 16.87 ? 91  LEU A O   1 
ATOM   710  C  CB  . LEU A 1 91  ? -4.854  7.648   7.377   1.00 15.19 ? 91  LEU A CB  1 
ATOM   711  C  CG  . LEU A 1 91  ? -3.517  8.373   7.184   1.00 17.47 ? 91  LEU A CG  1 
ATOM   712  C  CD1 . LEU A 1 91  ? -2.344  7.404   7.045   1.00 15.44 ? 91  LEU A CD1 1 
ATOM   713  C  CD2 . LEU A 1 91  ? -3.589  9.289   5.981   1.00 14.80 ? 91  LEU A CD2 1 
ATOM   714  N  N   . MET A 1 92  ? -7.778  6.983   8.478   1.00 18.65 ? 92  MET A N   1 
ATOM   715  C  CA  . MET A 1 92  ? -9.106  6.404   8.320   1.00 16.20 ? 92  MET A CA  1 
ATOM   716  C  C   . MET A 1 92  ? -10.191 7.465   8.469   1.00 18.75 ? 92  MET A C   1 
ATOM   717  O  O   . MET A 1 92  ? -11.170 7.459   7.730   1.00 19.81 ? 92  MET A O   1 
ATOM   718  C  CB  . MET A 1 92  ? -9.350  5.294   9.335   1.00 17.45 ? 92  MET A CB  1 
ATOM   719  C  CG  . MET A 1 92  ? -8.352  4.155   9.305   1.00 17.48 ? 92  MET A CG  1 
ATOM   720  S  SD  . MET A 1 92  ? -8.675  3.024   10.664  1.00 21.15 ? 92  MET A SD  1 
ATOM   721  C  CE  . MET A 1 92  ? -7.105  2.180   10.812  1.00 17.24 ? 92  MET A CE  1 
ATOM   722  N  N   . LYS A 1 93  ? -10.017 8.367   9.428   1.00 18.05 ? 93  LYS A N   1 
ATOM   723  C  CA  . LYS A 1 93  ? -10.970 9.465   9.621   1.00 18.56 ? 93  LYS A CA  1 
ATOM   724  C  C   . LYS A 1 93  ? -11.074 10.349  8.392   1.00 17.45 ? 93  LYS A C   1 
ATOM   725  O  O   . LYS A 1 93  ? -12.168 10.726  7.996   1.00 17.73 ? 93  LYS A O   1 
ATOM   726  C  CB  . LYS A 1 93  ? -10.605 10.313  10.840  1.00 18.76 ? 93  LYS A CB  1 
ATOM   727  C  CG  . LYS A 1 93  ? -11.122 9.756   12.144  1.00 18.98 ? 93  LYS A CG  1 
ATOM   728  C  CD  . LYS A 1 93  ? -11.337 10.860  13.156  1.00 23.11 ? 93  LYS A CD  1 
ATOM   729  C  CE  . LYS A 1 93  ? -10.024 11.424  13.626  1.00 23.27 ? 93  LYS A CE  1 
ATOM   730  N  NZ  . LYS A 1 93  ? -10.206 12.587  14.534  1.00 24.51 ? 93  LYS A NZ  1 
ATOM   731  N  N   . GLN A 1 94  ? -9.928  10.673  7.796   1.00 17.60 ? 94  GLN A N   1 
ATOM   732  C  CA  . GLN A 1 94  ? -9.872  11.449  6.555   1.00 19.10 ? 94  GLN A CA  1 
ATOM   733  C  C   . GLN A 1 94  ? -10.501 10.715  5.362   1.00 19.04 ? 94  GLN A C   1 
ATOM   734  O  O   . GLN A 1 94  ? -11.094 11.341  4.473   1.00 17.15 ? 94  GLN A O   1 
ATOM   735  C  CB  . GLN A 1 94  ? -8.421  11.816  6.221   1.00 16.99 ? 94  GLN A CB  1 
ATOM   736  C  CG  . GLN A 1 94  ? -7.816  12.905  7.100   1.00 18.81 ? 94  GLN A CG  1 
ATOM   737  C  CD  . GLN A 1 94  ? -6.356  13.175  6.781   1.00 20.08 ? 94  GLN A CD  1 
ATOM   738  O  OE1 . GLN A 1 94  ? -5.468  12.811  7.545   1.00 23.76 ? 94  GLN A OE1 1 
ATOM   739  N  NE2 . GLN A 1 94  ? -6.103  13.818  5.649   1.00 24.83 ? 94  GLN A NE2 1 
ATOM   740  N  N   . ALA A 1 95  ? -10.356 9.393   5.345   1.00 16.57 ? 95  ALA A N   1 
ATOM   741  C  CA  . ALA A 1 95  ? -10.873 8.565   4.261   1.00 19.86 ? 95  ALA A CA  1 
ATOM   742  C  C   . ALA A 1 95  ? -12.378 8.338   4.375   1.00 17.53 ? 95  ALA A C   1 
ATOM   743  O  O   . ALA A 1 95  ? -13.035 7.943   3.416   1.00 21.08 ? 95  ALA A O   1 
ATOM   744  C  CB  . ALA A 1 95  ? -10.142 7.225   4.230   1.00 16.81 ? 95  ALA A CB  1 
ATOM   745  N  N   . GLY A 1 96  ? -12.922 8.586   5.561   1.00 19.88 ? 96  GLY A N   1 
ATOM   746  C  CA  . GLY A 1 96  ? -14.328 8.326   5.819   1.00 21.53 ? 96  GLY A CA  1 
ATOM   747  C  C   . GLY A 1 96  ? -14.669 6.848   5.912   1.00 19.26 ? 96  GLY A C   1 
ATOM   748  O  O   . GLY A 1 96  ? -15.763 6.427   5.524   1.00 18.64 ? 96  GLY A O   1 
ATOM   749  N  N   . VAL A 1 97  ? -13.731 6.064   6.431   1.00 21.95 ? 97  VAL A N   1 
ATOM   750  C  CA  . VAL A 1 97  ? -13.901 4.619   6.571   1.00 20.53 ? 97  VAL A CA  1 
ATOM   751  C  C   . VAL A 1 97  ? -13.568 4.187   7.993   1.00 18.97 ? 97  VAL A C   1 
ATOM   752  O  O   . VAL A 1 97  ? -13.007 4.953   8.776   1.00 21.67 ? 97  VAL A O   1 
ATOM   753  C  CB  . VAL A 1 97  ? -12.973 3.821   5.616   1.00 20.75 ? 97  VAL A CB  1 
ATOM   754  C  CG1 . VAL A 1 97  ? -13.174 4.243   4.173   1.00 21.01 ? 97  VAL A CG1 1 
ATOM   755  C  CG2 . VAL A 1 97  ? -11.514 3.986   6.026   1.00 19.52 ? 97  VAL A CG2 1 
ATOM   756  N  N   . THR A 1 98  ? -13.898 2.942   8.308   1.00 19.05 ? 98  THR A N   1 
ATOM   757  C  CA  . THR A 1 98  ? -13.625 2.375   9.619   1.00 20.64 ? 98  THR A CA  1 
ATOM   758  C  C   . THR A 1 98  ? -12.386 1.482   9.574   1.00 21.94 ? 98  THR A C   1 
ATOM   759  O  O   . THR A 1 98  ? -11.828 1.240   8.499   1.00 22.06 ? 98  THR A O   1 
ATOM   760  C  CB  . THR A 1 98  ? -14.830 1.567   10.103  1.00 22.20 ? 98  THR A CB  1 
ATOM   761  O  OG1 . THR A 1 98  ? -14.989 0.405   9.280   1.00 24.20 ? 98  THR A OG1 1 
ATOM   762  C  CG2 . THR A 1 98  ? -16.088 2.407   9.988   1.00 22.64 ? 98  THR A CG2 1 
ATOM   763  N  N   . ALA A 1 99  ? -11.961 1.000   10.741  1.00 19.41 ? 99  ALA A N   1 
ATOM   764  C  CA  . ALA A 1 99  ? -10.786 0.138   10.858  1.00 21.33 ? 99  ALA A CA  1 
ATOM   765  C  C   . ALA A 1 99  ? -10.955 -1.204  10.157  1.00 20.90 ? 99  ALA A C   1 
ATOM   766  O  O   . ALA A 1 99  ? -9.999  -1.740  9.594   1.00 22.53 ? 99  ALA A O   1 
ATOM   767  C  CB  . ALA A 1 99  ? -10.443 -0.088  12.316  1.00 21.31 ? 99  ALA A CB  1 
ATOM   768  N  N   . GLU A 1 100 ? -12.163 -1.753  10.204  1.00 20.60 ? 100 GLU A N   1 
ATOM   769  C  CA  . GLU A 1 100 ? -12.430 -3.043  9.574   1.00 23.82 ? 100 GLU A CA  1 
ATOM   770  C  C   . GLU A 1 100 ? -12.625 -2.919  8.062   1.00 20.96 ? 100 GLU A C   1 
ATOM   771  O  O   . GLU A 1 100 ? -12.729 -3.925  7.357   1.00 22.59 ? 100 GLU A O   1 
ATOM   772  C  CB  . GLU A 1 100 ? -13.631 -3.739  10.222  1.00 25.73 ? 100 GLU A CB  1 
ATOM   773  C  CG  . GLU A 1 100 ? -14.976 -3.210  9.796   1.00 30.75 ? 100 GLU A CG  1 
ATOM   774  C  CD  . GLU A 1 100 ? -16.130 -4.093  10.271  1.00 36.71 ? 100 GLU A CD  1 
ATOM   775  O  OE1 . GLU A 1 100 ? -17.203 -3.536  10.595  1.00 42.27 ? 100 GLU A OE1 1 
ATOM   776  O  OE2 . GLU A 1 100 ? -15.970 -5.337  10.316  1.00 35.36 ? 100 GLU A OE2 1 
ATOM   777  N  N   . GLN A 1 101 ? -12.665 -1.681  7.575   1.00 20.98 ? 101 GLN A N   1 
ATOM   778  C  CA  . GLN A 1 101 ? -12.679 -1.396  6.145   1.00 18.71 ? 101 GLN A CA  1 
ATOM   779  C  C   . GLN A 1 101 ? -11.265 -1.071  5.662   1.00 18.35 ? 101 GLN A C   1 
ATOM   780  O  O   . GLN A 1 101 ? -11.055 -0.770  4.483   1.00 19.16 ? 101 GLN A O   1 
ATOM   781  C  CB  . GLN A 1 101 ? -13.612 -0.214  5.840   1.00 21.70 ? 101 GLN A CB  1 
ATOM   782  C  CG  . GLN A 1 101 ? -15.112 -0.513  5.987   1.00 21.60 ? 101 GLN A CG  1 
ATOM   783  C  CD  . GLN A 1 101 ? -15.992 0.733   5.916   1.00 25.31 ? 101 GLN A CD  1 
ATOM   784  O  OE1 . GLN A 1 101 ? -15.601 1.821   6.347   1.00 24.29 ? 101 GLN A OE1 1 
ATOM   785  N  NE2 . GLN A 1 101 ? -17.192 0.575   5.367   1.00 28.45 ? 101 GLN A NE2 1 
ATOM   786  N  N   . THR A 1 102 ? -10.296 -1.122  6.572   1.00 20.15 ? 102 THR A N   1 
ATOM   787  C  CA  . THR A 1 102 ? -8.937  -0.679  6.255   1.00 16.20 ? 102 THR A CA  1 
ATOM   788  C  C   . THR A 1 102 ? -7.905  -1.807  6.239   1.00 15.63 ? 102 THR A C   1 
ATOM   789  O  O   . THR A 1 102 ? -7.857  -2.628  7.150   1.00 18.18 ? 102 THR A O   1 
ATOM   790  C  CB  . THR A 1 102 ? -8.444  0.420   7.231   1.00 19.28 ? 102 THR A CB  1 
ATOM   791  O  OG1 . THR A 1 102 ? -9.397  1.483   7.296   1.00 16.86 ? 102 THR A OG1 1 
ATOM   792  C  CG2 . THR A 1 102 ? -7.099  0.977   6.785   1.00 15.92 ? 102 THR A CG2 1 
ATOM   793  N  N   . ALA A 1 103 ? -7.074  -1.822  5.197   1.00 16.59 ? 103 ALA A N   1 
ATOM   794  C  CA  . ALA A 1 103 ? -5.968  -2.773  5.082   1.00 16.13 ? 103 ALA A CA  1 
ATOM   795  C  C   . ALA A 1 103 ? -4.614  -2.066  5.103   1.00 16.21 ? 103 ALA A C   1 
ATOM   796  O  O   . ALA A 1 103 ? -4.463  -0.988  4.529   1.00 14.54 ? 103 ALA A O   1 
ATOM   797  C  CB  . ALA A 1 103 ? -6.108  -3.593  3.815   1.00 14.94 ? 103 ALA A CB  1 
ATOM   798  N  N   . TYR A 1 104 ? -3.631  -2.676  5.766   1.00 14.28 ? 104 TYR A N   1 
ATOM   799  C  CA  . TYR A 1 104 ? -2.295  -2.087  5.875   1.00 14.16 ? 104 TYR A CA  1 
ATOM   800  C  C   . TYR A 1 104 ? -1.259  -3.100  5.427   1.00 13.08 ? 104 TYR A C   1 
ATOM   801  O  O   . TYR A 1 104 ? -1.374  -4.280  5.728   1.00 13.82 ? 104 TYR A O   1 
ATOM   802  C  CB  . TYR A 1 104 ? -1.986  -1.652  7.316   1.00 15.29 ? 104 TYR A CB  1 
ATOM   803  C  CG  . TYR A 1 104 ? -0.662  -0.918  7.478   1.00 15.09 ? 104 TYR A CG  1 
ATOM   804  C  CD1 . TYR A 1 104 ? -0.602  0.466   7.377   1.00 14.65 ? 104 TYR A CD1 1 
ATOM   805  C  CD2 . TYR A 1 104 ? 0.527   -1.608  7.724   1.00 13.37 ? 104 TYR A CD2 1 
ATOM   806  C  CE1 . TYR A 1 104 ? 0.599   1.148   7.521   1.00 14.41 ? 104 TYR A CE1 1 
ATOM   807  C  CE2 . TYR A 1 104 ? 1.733   -0.933  7.862   1.00 13.42 ? 104 TYR A CE2 1 
ATOM   808  C  CZ  . TYR A 1 104 ? 1.761   0.449   7.763   1.00 13.80 ? 104 TYR A CZ  1 
ATOM   809  O  OH  . TYR A 1 104 ? 2.945   1.149   7.898   1.00 13.47 ? 104 TYR A OH  1 
ATOM   810  N  N   . ILE A 1 105 ? -0.240  -2.630  4.721   1.00 10.74 ? 105 ILE A N   1 
ATOM   811  C  CA  . ILE A 1 105 ? 0.842   -3.504  4.284   1.00 10.94 ? 105 ILE A CA  1 
ATOM   812  C  C   . ILE A 1 105 ? 2.199   -2.935  4.729   1.00 10.63 ? 105 ILE A C   1 
ATOM   813  O  O   . ILE A 1 105 ? 2.515   -1.775  4.453   1.00 10.33 ? 105 ILE A O   1 
ATOM   814  C  CB  . ILE A 1 105 ? 0.769   -3.733  2.765   1.00 12.27 ? 105 ILE A CB  1 
ATOM   815  C  CG1 . ILE A 1 105 ? 1.964   -4.555  2.265   1.00 9.79  ? 105 ILE A CG1 1 
ATOM   816  C  CG2 . ILE A 1 105 ? 0.651   -2.407  2.036   1.00 12.52 ? 105 ILE A CG2 1 
ATOM   817  C  CD1 . ILE A 1 105 ? 1.868   -4.938  0.804   1.00 10.09 ? 105 ILE A CD1 1 
ATOM   818  N  N   . GLY A 1 106 ? 2.978   -3.749  5.445   1.00 11.05 ? 106 GLY A N   1 
ATOM   819  C  CA  . GLY A 1 106 ? 4.247   -3.306  6.010   1.00 13.13 ? 106 GLY A CA  1 
ATOM   820  C  C   . GLY A 1 106 ? 5.348   -4.348  5.899   1.00 10.49 ? 106 GLY A C   1 
ATOM   821  O  O   . GLY A 1 106 ? 5.131   -5.405  5.321   1.00 11.90 ? 106 GLY A O   1 
ATOM   822  N  N   . ASP A 1 107 ? 6.526   -4.063  6.450   1.00 11.80 ? 107 ASP A N   1 
ATOM   823  C  CA  . ASP A 1 107 ? 7.638   -5.015  6.393   1.00 11.52 ? 107 ASP A CA  1 
ATOM   824  C  C   . ASP A 1 107 ? 8.521   -5.092  7.633   1.00 10.96 ? 107 ASP A C   1 
ATOM   825  O  O   . ASP A 1 107 ? 9.422   -5.925  7.684   1.00 11.40 ? 107 ASP A O   1 
ATOM   826  C  CB  . ASP A 1 107 ? 8.557   -4.683  5.215   1.00 10.50 ? 107 ASP A CB  1 
ATOM   827  C  CG  . ASP A 1 107 ? 9.460   -3.496  5.507   1.00 12.41 ? 107 ASP A CG  1 
ATOM   828  O  OD1 . ASP A 1 107 ? 8.951   -2.363  5.467   1.00 14.27 ? 107 ASP A OD1 1 
ATOM   829  O  OD2 . ASP A 1 107 ? 10.667  -3.686  5.783   1.00 13.70 ? 107 ASP A OD2 1 
ATOM   830  N  N   . ASP A 1 108 ? 8.313   -4.217  8.610   1.00 11.31 ? 108 ASP A N   1 
ATOM   831  C  CA  . ASP A 1 108 ? 9.232   -4.154  9.741   1.00 12.46 ? 108 ASP A CA  1 
ATOM   832  C  C   . ASP A 1 108 ? 8.522   -3.759  11.036  1.00 12.46 ? 108 ASP A C   1 
ATOM   833  O  O   . ASP A 1 108 ? 7.332   -3.453  11.036  1.00 13.08 ? 108 ASP A O   1 
ATOM   834  C  CB  . ASP A 1 108 ? 10.406  -3.210  9.427   1.00 11.88 ? 108 ASP A CB  1 
ATOM   835  C  CG  . ASP A 1 108 ? 11.647  -3.490  10.274  1.00 11.97 ? 108 ASP A CG  1 
ATOM   836  O  OD1 . ASP A 1 108 ? 11.719  -4.555  10.926  1.00 12.27 ? 108 ASP A OD1 1 
ATOM   837  O  OD2 . ASP A 1 108 ? 12.565  -2.639  10.270  1.00 14.42 ? 108 ASP A OD2 1 
ATOM   838  N  N   . SER A 1 109 ? 9.277   -3.769  12.129  1.00 12.12 ? 109 SER A N   1 
ATOM   839  C  CA  . SER A 1 109 ? 8.761   -3.511  13.470  1.00 13.43 ? 109 SER A CA  1 
ATOM   840  C  C   . SER A 1 109 ? 7.919   -2.236  13.585  1.00 13.55 ? 109 SER A C   1 
ATOM   841  O  O   . SER A 1 109 ? 6.939   -2.210  14.332  1.00 15.13 ? 109 SER A O   1 
ATOM   842  C  CB  . SER A 1 109 ? 9.923   -3.470  14.459  1.00 13.25 ? 109 SER A CB  1 
ATOM   843  O  OG  . SER A 1 109 ? 10.627  -4.698  14.472  1.00 12.67 ? 109 SER A OG  1 
ATOM   844  N  N   . VAL A 1 110 ? 8.295   -1.195  12.842  1.00 14.66 ? 110 VAL A N   1 
ATOM   845  C  CA  . VAL A 1 110 ? 7.625   0.107   12.897  1.00 15.39 ? 110 VAL A CA  1 
ATOM   846  C  C   . VAL A 1 110 ? 6.172   -0.008  12.434  1.00 14.81 ? 110 VAL A C   1 
ATOM   847  O  O   . VAL A 1 110 ? 5.321   0.831   12.752  1.00 13.76 ? 110 VAL A O   1 
ATOM   848  C  CB  . VAL A 1 110 ? 8.376   1.157   12.037  1.00 17.55 ? 110 VAL A CB  1 
ATOM   849  C  CG1 . VAL A 1 110 ? 8.248   0.835   10.553  1.00 16.01 ? 110 VAL A CG1 1 
ATOM   850  C  CG2 . VAL A 1 110 ? 7.875   2.571   12.321  1.00 18.29 ? 110 VAL A CG2 1 
ATOM   851  N  N   . ASP A 1 111 ? 5.897   -1.077  11.698  1.00 14.53 ? 111 ASP A N   1 
ATOM   852  C  CA  . ASP A 1 111 ? 4.577   -1.324  11.148  1.00 14.53 ? 111 ASP A CA  1 
ATOM   853  C  C   . ASP A 1 111 ? 3.692   -2.102  12.111  1.00 14.95 ? 111 ASP A C   1 
ATOM   854  O  O   . ASP A 1 111 ? 2.484   -2.177  11.914  1.00 14.72 ? 111 ASP A O   1 
ATOM   855  C  CB  . ASP A 1 111 ? 4.711   -2.097  9.843   1.00 14.56 ? 111 ASP A CB  1 
ATOM   856  C  CG  . ASP A 1 111 ? 5.468   -1.319  8.783   1.00 13.16 ? 111 ASP A CG  1 
ATOM   857  O  OD1 . ASP A 1 111 ? 5.074   -0.172  8.500   1.00 15.62 ? 111 ASP A OD1 1 
ATOM   858  O  OD2 . ASP A 1 111 ? 6.453   -1.854  8.233   1.00 12.54 ? 111 ASP A OD2 1 
ATOM   859  N  N   . LEU A 1 112 ? 4.301   -2.691  13.139  1.00 14.68 ? 112 LEU A N   1 
ATOM   860  C  CA  . LEU A 1 112 ? 3.568   -3.470  14.138  1.00 13.57 ? 112 LEU A CA  1 
ATOM   861  C  C   . LEU A 1 112 ? 2.387   -2.720  14.784  1.00 16.46 ? 112 LEU A C   1 
ATOM   862  O  O   . LEU A 1 112 ? 1.335   -3.313  14.983  1.00 17.76 ? 112 LEU A O   1 
ATOM   863  C  CB  . LEU A 1 112 ? 4.506   -4.024  15.216  1.00 13.46 ? 112 LEU A CB  1 
ATOM   864  C  CG  . LEU A 1 112 ? 5.475   -5.153  14.852  1.00 13.95 ? 112 LEU A CG  1 
ATOM   865  C  CD1 . LEU A 1 112 ? 6.329   -5.499  16.063  1.00 15.98 ? 112 LEU A CD1 1 
ATOM   866  C  CD2 . LEU A 1 112 ? 4.750   -6.383  14.324  1.00 16.73 ? 112 LEU A CD2 1 
ATOM   867  N  N   . PRO A 1 113 ? 2.547   -1.419  15.111  1.00 16.70 ? 113 PRO A N   1 
ATOM   868  C  CA  . PRO A 1 113 ? 1.349   -0.725  15.607  1.00 17.13 ? 113 PRO A CA  1 
ATOM   869  C  C   . PRO A 1 113 ? 0.284   -0.492  14.515  1.00 17.36 ? 113 PRO A C   1 
ATOM   870  O  O   . PRO A 1 113 ? -0.904  -0.440  14.820  1.00 18.43 ? 113 PRO A O   1 
ATOM   871  C  CB  . PRO A 1 113 ? 1.905   0.608   16.119  1.00 17.02 ? 113 PRO A CB  1 
ATOM   872  C  CG  . PRO A 1 113 ? 3.345   0.367   16.326  1.00 16.65 ? 113 PRO A CG  1 
ATOM   873  C  CD  . PRO A 1 113 ? 3.748   -0.584  15.265  1.00 15.71 ? 113 PRO A CD  1 
ATOM   874  N  N   . ALA A 1 114 ? 0.706   -0.360  13.261  1.00 16.53 ? 114 ALA A N   1 
ATOM   875  C  CA  . ALA A 1 114 ? -0.238  -0.192  12.158  1.00 16.32 ? 114 ALA A CA  1 
ATOM   876  C  C   . ALA A 1 114 ? -1.071  -1.454  11.943  1.00 16.88 ? 114 ALA A C   1 
ATOM   877  O  O   . ALA A 1 114 ? -2.255  -1.378  11.607  1.00 16.80 ? 114 ALA A O   1 
ATOM   878  C  CB  . ALA A 1 114 ? 0.488   0.184   10.891  1.00 15.18 ? 114 ALA A CB  1 
ATOM   879  N  N   . PHE A 1 115 ? -0.443  -2.612  12.134  1.00 16.09 ? 115 PHE A N   1 
ATOM   880  C  CA  . PHE A 1 115 ? -1.120  -3.887  12.009  1.00 16.85 ? 115 PHE A CA  1 
ATOM   881  C  C   . PHE A 1 115 ? -2.219  -3.988  13.053  1.00 18.42 ? 115 PHE A C   1 
ATOM   882  O  O   . PHE A 1 115 ? -3.276  -4.561  12.800  1.00 19.71 ? 115 PHE A O   1 
ATOM   883  C  CB  . PHE A 1 115 ? -0.132  -5.041  12.187  1.00 15.52 ? 115 PHE A CB  1 
ATOM   884  C  CG  . PHE A 1 115 ? 0.922   -5.117  11.113  1.00 15.42 ? 115 PHE A CG  1 
ATOM   885  C  CD1 . PHE A 1 115 ? 0.647   -4.702  9.817   1.00 13.38 ? 115 PHE A CD1 1 
ATOM   886  C  CD2 . PHE A 1 115 ? 2.187   -5.607  11.404  1.00 14.08 ? 115 PHE A CD2 1 
ATOM   887  C  CE1 . PHE A 1 115 ? 1.623   -4.775  8.827   1.00 15.72 ? 115 PHE A CE1 1 
ATOM   888  C  CE2 . PHE A 1 115 ? 3.164   -5.681  10.427  1.00 14.50 ? 115 PHE A CE2 1 
ATOM   889  C  CZ  . PHE A 1 115 ? 2.881   -5.270  9.134   1.00 14.14 ? 115 PHE A CZ  1 
ATOM   890  N  N   . ALA A 1 116 ? -1.963  -3.413  14.225  1.00 17.84 ? 116 ALA A N   1 
ATOM   891  C  CA  . ALA A 1 116 ? -2.910  -3.455  15.332  1.00 20.08 ? 116 ALA A CA  1 
ATOM   892  C  C   . ALA A 1 116 ? -4.084  -2.498  15.113  1.00 20.07 ? 116 ALA A C   1 
ATOM   893  O  O   . ALA A 1 116 ? -5.203  -2.763  15.557  1.00 21.93 ? 116 ALA A O   1 
ATOM   894  C  CB  . ALA A 1 116 ? -2.199  -3.134  16.634  1.00 22.17 ? 116 ALA A CB  1 
ATOM   895  N  N   . ALA A 1 117 ? -3.828  -1.390  14.425  1.00 19.91 ? 117 ALA A N   1 
ATOM   896  C  CA  . ALA A 1 117 ? -4.863  -0.394  14.178  1.00 18.54 ? 117 ALA A CA  1 
ATOM   897  C  C   . ALA A 1 117 ? -5.833  -0.809  13.071  1.00 19.43 ? 117 ALA A C   1 
ATOM   898  O  O   . ALA A 1 117 ? -7.028  -0.557  13.170  1.00 18.77 ? 117 ALA A O   1 
ATOM   899  C  CB  . ALA A 1 117 ? -4.242  0.964   13.870  1.00 16.82 ? 117 ALA A CB  1 
ATOM   900  N  N   . CYS A 1 118 ? -5.320  -1.452  12.027  1.00 18.97 ? 118 CYS A N   1 
ATOM   901  C  CA  . CYS A 1 118 ? -6.145  -1.795  10.871  1.00 19.31 ? 118 CYS A CA  1 
ATOM   902  C  C   . CYS A 1 118 ? -6.731  -3.205  10.955  1.00 19.62 ? 118 CYS A C   1 
ATOM   903  O  O   . CYS A 1 118 ? -6.149  -4.095  11.579  1.00 19.88 ? 118 CYS A O   1 
ATOM   904  C  CB  . CYS A 1 118 ? -5.348  -1.611  9.580   1.00 18.60 ? 118 CYS A CB  1 
ATOM   905  S  SG  . CYS A 1 118 ? -4.654  0.049   9.370   1.00 19.83 ? 118 CYS A SG  1 
ATOM   906  N  N   . GLY A 1 119 ? -7.884  -3.403  10.323  1.00 18.32 ? 119 GLY A N   1 
ATOM   907  C  CA  . GLY A 1 119 ? -8.594  -4.667  10.395  1.00 17.25 ? 119 GLY A CA  1 
ATOM   908  C  C   . GLY A 1 119 ? -7.919  -5.798  9.645   1.00 18.08 ? 119 GLY A C   1 
ATOM   909  O  O   . GLY A 1 119 ? -8.030  -6.970  10.010  1.00 15.66 ? 119 GLY A O   1 
ATOM   910  N  N   . THR A 1 120 ? -7.209  -5.438  8.586   1.00 18.23 ? 120 THR A N   1 
ATOM   911  C  CA  . THR A 1 120 ? -6.556  -6.419  7.736   1.00 17.18 ? 120 THR A CA  1 
ATOM   912  C  C   . THR A 1 120 ? -5.118  -5.997  7.509   1.00 14.39 ? 120 THR A C   1 
ATOM   913  O  O   . THR A 1 120 ? -4.852  -4.856  7.155   1.00 15.05 ? 120 THR A O   1 
ATOM   914  C  CB  . THR A 1 120 ? -7.264  -6.540  6.377   1.00 17.92 ? 120 THR A CB  1 
ATOM   915  O  OG1 . THR A 1 120 ? -8.635  -6.910  6.581   1.00 18.60 ? 120 THR A OG1 1 
ATOM   916  C  CG2 . THR A 1 120 ? -6.582  -7.578  5.508   1.00 17.63 ? 120 THR A CG2 1 
ATOM   917  N  N   . SER A 1 121 ? -4.191  -6.919  7.724   1.00 14.50 ? 121 SER A N   1 
ATOM   918  C  CA  . SER A 1 121 ? -2.781  -6.603  7.580   1.00 13.79 ? 121 SER A CA  1 
ATOM   919  C  C   . SER A 1 121 ? -2.064  -7.597  6.677   1.00 14.26 ? 121 SER A C   1 
ATOM   920  O  O   . SER A 1 121 ? -2.365  -8.794  6.690   1.00 12.56 ? 121 SER A O   1 
ATOM   921  C  CB  . SER A 1 121 ? -2.123  -6.560  8.954   1.00 13.63 ? 121 SER A CB  1 
ATOM   922  O  OG  . SER A 1 121 ? -2.421  -7.734  9.683   1.00 14.76 ? 121 SER A OG  1 
ATOM   923  N  N   . PHE A 1 122 ? -1.120  -7.074  5.895   1.00 12.90 ? 122 PHE A N   1 
ATOM   924  C  CA  . PHE A 1 122 ? -0.292  -7.864  4.980   1.00 13.39 ? 122 PHE A CA  1 
ATOM   925  C  C   . PHE A 1 122 ? 1.191   -7.660  5.269   1.00 12.75 ? 122 PHE A C   1 
ATOM   926  O  O   . PHE A 1 122 ? 1.617   -6.557  5.623   1.00 12.32 ? 122 PHE A O   1 
ATOM   927  C  CB  . PHE A 1 122 ? -0.538  -7.431  3.543   1.00 12.61 ? 122 PHE A CB  1 
ATOM   928  C  CG  . PHE A 1 122 ? -1.921  -7.732  3.039   1.00 14.72 ? 122 PHE A CG  1 
ATOM   929  C  CD1 . PHE A 1 122 ? -2.958  -6.830  3.239   1.00 14.76 ? 122 PHE A CD1 1 
ATOM   930  C  CD2 . PHE A 1 122 ? -2.181  -8.904  2.348   1.00 13.93 ? 122 PHE A CD2 1 
ATOM   931  C  CE1 . PHE A 1 122 ? -4.238  -7.092  2.759   1.00 14.06 ? 122 PHE A CE1 1 
ATOM   932  C  CE2 . PHE A 1 122 ? -3.460  -9.171  1.863   1.00 12.65 ? 122 PHE A CE2 1 
ATOM   933  C  CZ  . PHE A 1 122 ? -4.485  -8.268  2.073   1.00 14.42 ? 122 PHE A CZ  1 
ATOM   934  N  N   . ALA A 1 123 ? 1.983   -8.713  5.090   1.00 12.82 ? 123 ALA A N   1 
ATOM   935  C  CA  . ALA A 1 123 ? 3.431   -8.591  5.175   1.00 10.55 ? 123 ALA A CA  1 
ATOM   936  C  C   . ALA A 1 123 ? 4.030   -8.949  3.824   1.00 12.77 ? 123 ALA A C   1 
ATOM   937  O  O   . ALA A 1 123 ? 3.549   -9.860  3.159   1.00 10.20 ? 123 ALA A O   1 
ATOM   938  C  CB  . ALA A 1 123 ? 3.990   -9.496  6.264   1.00 12.00 ? 123 ALA A CB  1 
ATOM   939  N  N   . VAL A 1 124 ? 5.066   -8.224  3.413   1.00 11.69 ? 124 VAL A N   1 
ATOM   940  C  CA  . VAL A 1 124 ? 5.805   -8.595  2.208   1.00 11.58 ? 124 VAL A CA  1 
ATOM   941  C  C   . VAL A 1 124 ? 6.575   -9.884  2.468   1.00 12.22 ? 124 VAL A C   1 
ATOM   942  O  O   . VAL A 1 124 ? 6.806   -10.243 3.614   1.00 11.83 ? 124 VAL A O   1 
ATOM   943  C  CB  . VAL A 1 124 ? 6.782   -7.491  1.758   1.00 11.15 ? 124 VAL A CB  1 
ATOM   944  C  CG1 . VAL A 1 124 ? 6.023   -6.210  1.367   1.00 10.45 ? 124 VAL A CG1 1 
ATOM   945  C  CG2 . VAL A 1 124 ? 7.821   -7.228  2.829   1.00 9.79  ? 124 VAL A CG2 1 
ATOM   946  N  N   . ALA A 1 125 ? 6.965   -10.584 1.405   1.00 13.01 ? 125 ALA A N   1 
ATOM   947  C  CA  . ALA A 1 125 ? 7.581   -11.910 1.535   1.00 13.25 ? 125 ALA A CA  1 
ATOM   948  C  C   . ALA A 1 125 ? 8.904   -11.918 2.308   1.00 14.00 ? 125 ALA A C   1 
ATOM   949  O  O   . ALA A 1 125 ? 9.224   -12.897 2.975   1.00 14.20 ? 125 ALA A O   1 
ATOM   950  C  CB  . ALA A 1 125 ? 7.777   -12.545 0.157   1.00 11.68 ? 125 ALA A CB  1 
ATOM   951  N  N   . ASP A 1 126 ? 9.671   -10.833 2.208   1.00 15.01 ? 126 ASP A N   1 
ATOM   952  C  CA  . ASP A 1 126 ? 10.984  -10.766 2.851   1.00 15.35 ? 126 ASP A CA  1 
ATOM   953  C  C   . ASP A 1 126 ? 10.951  -10.135 4.253   1.00 13.60 ? 126 ASP A C   1 
ATOM   954  O  O   . ASP A 1 126 ? 11.997  -9.825  4.836   1.00 15.73 ? 126 ASP A O   1 
ATOM   955  C  CB  . ASP A 1 126 ? 12.020  -10.079 1.944   1.00 13.60 ? 126 ASP A CB  1 
ATOM   956  C  CG  . ASP A 1 126 ? 11.539  -8.753  1.374   1.00 12.62 ? 126 ASP A CG  1 
ATOM   957  O  OD1 . ASP A 1 126 ? 10.353  -8.623  1.022   1.00 14.61 ? 126 ASP A OD1 1 
ATOM   958  O  OD2 . ASP A 1 126 ? 12.366  -7.831  1.272   1.00 15.05 ? 126 ASP A OD2 1 
ATOM   959  N  N   . ALA A 1 127 ? 9.746   -9.963  4.785   1.00 13.85 ? 127 ALA A N   1 
ATOM   960  C  CA  . ALA A 1 127 ? 9.556   -9.476  6.145   1.00 12.16 ? 127 ALA A CA  1 
ATOM   961  C  C   . ALA A 1 127 ? 10.080  -10.481 7.161   1.00 12.99 ? 127 ALA A C   1 
ATOM   962  O  O   . ALA A 1 127 ? 10.046  -11.684 6.913   1.00 13.09 ? 127 ALA A O   1 
ATOM   963  C  CB  . ALA A 1 127 ? 8.066   -9.186  6.407   1.00 13.75 ? 127 ALA A CB  1 
ATOM   964  N  N   . PRO A 1 128 ? 10.542  -9.991  8.328   1.00 14.54 ? 128 PRO A N   1 
ATOM   965  C  CA  . PRO A 1 128 ? 11.079  -10.887 9.362   1.00 13.16 ? 128 PRO A CA  1 
ATOM   966  C  C   . PRO A 1 128 ? 9.962   -11.698 9.994   1.00 13.36 ? 128 PRO A C   1 
ATOM   967  O  O   . PRO A 1 128 ? 8.800   -11.336 9.840   1.00 13.44 ? 128 PRO A O   1 
ATOM   968  C  CB  . PRO A 1 128 ? 11.671  -9.923  10.390  1.00 11.19 ? 128 PRO A CB  1 
ATOM   969  C  CG  . PRO A 1 128 ? 10.898  -8.689  10.228  1.00 12.30 ? 128 PRO A CG  1 
ATOM   970  C  CD  . PRO A 1 128 ? 10.515  -8.591  8.784   1.00 12.92 ? 128 PRO A CD  1 
ATOM   971  N  N   . ILE A 1 129 ? 10.320  -12.759 10.706  1.00 12.20 ? 129 ILE A N   1 
ATOM   972  C  CA  . ILE A 1 129 ? 9.340   -13.681 11.272  1.00 15.58 ? 129 ILE A CA  1 
ATOM   973  C  C   . ILE A 1 129 ? 8.357   -12.986 12.226  1.00 16.45 ? 129 ILE A C   1 
ATOM   974  O  O   . ILE A 1 129 ? 7.148   -13.266 12.216  1.00 16.14 ? 129 ILE A O   1 
ATOM   975  C  CB  . ILE A 1 129 ? 10.043  -14.892 11.940  1.00 14.34 ? 129 ILE A CB  1 
ATOM   976  C  CG1 . ILE A 1 129 ? 9.041   -16.000 12.271  1.00 20.07 ? 129 ILE A CG1 1 
ATOM   977  C  CG2 . ILE A 1 129 ? 10.861  -14.468 13.172  1.00 15.12 ? 129 ILE A CG2 1 
ATOM   978  C  CD1 . ILE A 1 129 ? 8.739   -16.131 13.747  1.00 24.32 ? 129 ILE A CD1 1 
ATOM   979  N  N   . TYR A 1 130 ? 8.864   -12.051 13.017  1.00 14.93 ? 130 TYR A N   1 
ATOM   980  C  CA  . TYR A 1 130 ? 8.033   -11.365 14.000  1.00 15.50 ? 130 TYR A CA  1 
ATOM   981  C  C   . TYR A 1 130 ? 7.043   -10.390 13.369  1.00 16.93 ? 130 TYR A C   1 
ATOM   982  O  O   . TYR A 1 130 ? 6.116   -9.939  14.029  1.00 19.31 ? 130 TYR A O   1 
ATOM   983  C  CB  . TYR A 1 130 ? 8.892   -10.664 15.046  1.00 15.36 ? 130 TYR A CB  1 
ATOM   984  C  CG  . TYR A 1 130 ? 10.115  -9.972  14.498  1.00 15.32 ? 130 TYR A CG  1 
ATOM   985  C  CD1 . TYR A 1 130 ? 10.066  -8.639  14.098  1.00 14.14 ? 130 TYR A CD1 1 
ATOM   986  C  CD2 . TYR A 1 130 ? 11.330  -10.640 14.404  1.00 16.16 ? 130 TYR A CD2 1 
ATOM   987  C  CE1 . TYR A 1 130 ? 11.188  -7.993  13.612  1.00 13.95 ? 130 TYR A CE1 1 
ATOM   988  C  CE2 . TYR A 1 130 ? 12.457  -10.005 13.913  1.00 14.47 ? 130 TYR A CE2 1 
ATOM   989  C  CZ  . TYR A 1 130 ? 12.380  -8.679  13.518  1.00 14.29 ? 130 TYR A CZ  1 
ATOM   990  O  OH  . TYR A 1 130 ? 13.503  -8.039  13.037  1.00 13.84 ? 130 TYR A OH  1 
ATOM   991  N  N   . VAL A 1 131 ? 7.251   -10.073 12.092  1.00 13.54 ? 131 VAL A N   1 
ATOM   992  C  CA  . VAL A 1 131 ? 6.305   -9.262  11.338  1.00 14.81 ? 131 VAL A CA  1 
ATOM   993  C  C   . VAL A 1 131 ? 5.274   -10.160 10.665  1.00 14.76 ? 131 VAL A C   1 
ATOM   994  O  O   . VAL A 1 131 ? 4.077   -9.866  10.694  1.00 14.67 ? 131 VAL A O   1 
ATOM   995  C  CB  . VAL A 1 131 ? 7.023   -8.372  10.310  1.00 13.07 ? 131 VAL A CB  1 
ATOM   996  C  CG1 . VAL A 1 131 ? 6.042   -7.826  9.293   1.00 13.72 ? 131 VAL A CG1 1 
ATOM   997  C  CG2 . VAL A 1 131 ? 7.745   -7.241  11.034  1.00 10.70 ? 131 VAL A CG2 1 
ATOM   998  N  N   . LYS A 1 132 ? 5.747   -11.263 10.083  1.00 15.34 ? 132 LYS A N   1 
ATOM   999  C  CA  . LYS A 1 132 ? 4.880   -12.257 9.449   1.00 16.38 ? 132 LYS A CA  1 
ATOM   1000 C  C   . LYS A 1 132 ? 3.872   -12.837 10.441  1.00 16.42 ? 132 LYS A C   1 
ATOM   1001 O  O   . LYS A 1 132 ? 2.730   -13.128 10.078  1.00 17.85 ? 132 LYS A O   1 
ATOM   1002 C  CB  . LYS A 1 132 ? 5.713   -13.377 8.823   1.00 13.62 ? 132 LYS A CB  1 
ATOM   1003 C  CG  . LYS A 1 132 ? 6.690   -12.884 7.773   1.00 14.03 ? 132 LYS A CG  1 
ATOM   1004 C  CD  . LYS A 1 132 ? 7.355   -14.017 7.020   1.00 17.95 ? 132 LYS A CD  1 
ATOM   1005 C  CE  . LYS A 1 132 ? 7.718   -13.555 5.614   1.00 16.61 ? 132 LYS A CE  1 
ATOM   1006 N  NZ  . LYS A 1 132 ? 8.133   -14.644 4.667   1.00 17.13 ? 132 LYS A NZ  1 
ATOM   1007 N  N   . ASN A 1 133 ? 4.301   -12.985 11.693  1.00 17.10 ? 133 ASN A N   1 
ATOM   1008 C  CA  . ASN A 1 133 ? 3.445   -13.502 12.760  1.00 17.23 ? 133 ASN A CA  1 
ATOM   1009 C  C   . ASN A 1 133 ? 2.300   -12.568 13.117  1.00 18.06 ? 133 ASN A C   1 
ATOM   1010 O  O   . ASN A 1 133 ? 1.286   -12.987 13.681  1.00 20.18 ? 133 ASN A O   1 
ATOM   1011 C  CB  . ASN A 1 133 ? 4.258   -13.715 14.032  1.00 17.39 ? 133 ASN A CB  1 
ATOM   1012 C  CG  . ASN A 1 133 ? 5.139   -14.931 13.973  1.00 18.87 ? 133 ASN A CG  1 
ATOM   1013 O  OD1 . ASN A 1 133 ? 5.985   -15.125 14.846  1.00 21.43 ? 133 ASN A OD1 1 
ATOM   1014 N  ND2 . ASN A 1 133 ? 4.952   -15.764 12.954  1.00 16.82 ? 133 ASN A ND2 1 
ATOM   1015 N  N   . ALA A 1 134 ? 2.481   -11.289 12.821  1.00 18.34 ? 134 ALA A N   1 
ATOM   1016 C  CA  . ALA A 1 134 ? 1.564   -10.266 13.291  1.00 16.14 ? 134 ALA A CA  1 
ATOM   1017 C  C   . ALA A 1 134 ? 0.496   -9.887  12.259  1.00 17.98 ? 134 ALA A C   1 
ATOM   1018 O  O   . ALA A 1 134 ? -0.430  -9.135  12.568  1.00 17.97 ? 134 ALA A O   1 
ATOM   1019 C  CB  . ALA A 1 134 ? 2.349   -9.040  13.724  1.00 15.42 ? 134 ALA A CB  1 
ATOM   1020 N  N   . VAL A 1 135 ? 0.616   -10.405 11.041  1.00 13.55 ? 135 VAL A N   1 
ATOM   1021 C  CA  . VAL A 1 135 ? -0.295  -10.005 9.973   1.00 14.85 ? 135 VAL A CA  1 
ATOM   1022 C  C   . VAL A 1 135 ? -1.328  -11.093 9.678   1.00 14.00 ? 135 VAL A C   1 
ATOM   1023 O  O   . VAL A 1 135 ? -1.159  -12.243 10.062  1.00 14.92 ? 135 VAL A O   1 
ATOM   1024 C  CB  . VAL A 1 135 ? 0.451   -9.629  8.656   1.00 12.62 ? 135 VAL A CB  1 
ATOM   1025 C  CG1 . VAL A 1 135 ? 1.463   -8.517  8.899   1.00 12.83 ? 135 VAL A CG1 1 
ATOM   1026 C  CG2 . VAL A 1 135 ? 1.119   -10.859 8.031   1.00 14.88 ? 135 VAL A CG2 1 
ATOM   1027 N  N   . ASP A 1 136 ? -2.403  -10.713 8.999   1.00 12.97 ? 136 ASP A N   1 
ATOM   1028 C  CA  . ASP A 1 136 ? -3.392  -11.669 8.541   1.00 14.83 ? 136 ASP A CA  1 
ATOM   1029 C  C   . ASP A 1 136 ? -2.866  -12.505 7.385   1.00 16.17 ? 136 ASP A C   1 
ATOM   1030 O  O   . ASP A 1 136 ? -3.085  -13.711 7.343   1.00 16.48 ? 136 ASP A O   1 
ATOM   1031 C  CB  . ASP A 1 136 ? -4.654  -10.948 8.090   1.00 15.67 ? 136 ASP A CB  1 
ATOM   1032 C  CG  . ASP A 1 136 ? -5.412  -10.358 9.235   1.00 16.48 ? 136 ASP A CG  1 
ATOM   1033 O  OD1 . ASP A 1 136 ? -5.713  -11.100 10.194  1.00 18.36 ? 136 ASP A OD1 1 
ATOM   1034 O  OD2 . ASP A 1 136 ? -5.685  -9.143  9.192   1.00 18.74 ? 136 ASP A OD2 1 
ATOM   1035 N  N   . HIS A 1 137 ? -2.178  -11.863 6.444   1.00 15.81 ? 137 HIS A N   1 
ATOM   1036 C  CA  . HIS A 1 137 ? -1.701  -12.567 5.253   1.00 12.64 ? 137 HIS A CA  1 
ATOM   1037 C  C   . HIS A 1 137 ? -0.260  -12.209 4.868   1.00 15.44 ? 137 HIS A C   1 
ATOM   1038 O  O   . HIS A 1 137 ? 0.096   -11.036 4.748   1.00 16.10 ? 137 HIS A O   1 
ATOM   1039 C  CB  . HIS A 1 137 ? -2.641  -12.309 4.070   1.00 14.43 ? 137 HIS A CB  1 
ATOM   1040 C  CG  . HIS A 1 137 ? -2.243  -13.018 2.810   1.00 14.71 ? 137 HIS A CG  1 
ATOM   1041 N  ND1 . HIS A 1 137 ? -2.576  -14.333 2.557   1.00 14.01 ? 137 HIS A ND1 1 
ATOM   1042 C  CD2 . HIS A 1 137 ? -1.540  -12.595 1.735   1.00 14.68 ? 137 HIS A CD2 1 
ATOM   1043 C  CE1 . HIS A 1 137 ? -2.089  -14.689 1.381   1.00 16.19 ? 137 HIS A CE1 1 
ATOM   1044 N  NE2 . HIS A 1 137 ? -1.456  -13.653 0.861   1.00 14.34 ? 137 HIS A NE2 1 
ATOM   1045 N  N   . VAL A 1 138 ? 0.561   -13.236 4.685   1.00 14.36 ? 138 VAL A N   1 
ATOM   1046 C  CA  . VAL A 1 138 ? 1.917   -13.059 4.192   1.00 16.65 ? 138 VAL A CA  1 
ATOM   1047 C  C   . VAL A 1 138 ? 1.957   -13.252 2.676   1.00 14.40 ? 138 VAL A C   1 
ATOM   1048 O  O   . VAL A 1 138 ? 1.596   -14.304 2.153   1.00 15.00 ? 138 VAL A O   1 
ATOM   1049 C  CB  . VAL A 1 138 ? 2.893   -14.023 4.875   1.00 14.26 ? 138 VAL A CB  1 
ATOM   1050 C  CG1 . VAL A 1 138 ? 4.317   -13.708 4.455   1.00 14.37 ? 138 VAL A CG1 1 
ATOM   1051 C  CG2 . VAL A 1 138 ? 2.739   -13.934 6.392   1.00 15.40 ? 138 VAL A CG2 1 
ATOM   1052 N  N   . LEU A 1 139 ? 2.391   -12.209 1.982   1.00 14.21 ? 139 LEU A N   1 
ATOM   1053 C  CA  . LEU A 1 139 ? 2.474   -12.203 0.531   1.00 13.92 ? 139 LEU A CA  1 
ATOM   1054 C  C   . LEU A 1 139 ? 3.643   -13.042 0.033   1.00 12.07 ? 139 LEU A C   1 
ATOM   1055 O  O   . LEU A 1 139 ? 4.629   -13.249 0.738   1.00 11.02 ? 139 LEU A O   1 
ATOM   1056 C  CB  . LEU A 1 139 ? 2.602   -10.762 0.020   1.00 11.62 ? 139 LEU A CB  1 
ATOM   1057 C  CG  . LEU A 1 139 ? 1.528   -9.801  0.533   1.00 13.63 ? 139 LEU A CG  1 
ATOM   1058 C  CD1 . LEU A 1 139 ? 1.932   -8.368  0.302   1.00 11.87 ? 139 LEU A CD1 1 
ATOM   1059 C  CD2 . LEU A 1 139 ? 0.194   -10.076 -0.122  1.00 12.89 ? 139 LEU A CD2 1 
ATOM   1060 N  N   . SER A 1 140 ? 3.521   -13.528 -1.193  1.00 12.95 ? 140 SER A N   1 
ATOM   1061 C  CA  . SER A 1 140 ? 4.560   -14.351 -1.774  1.00 11.97 ? 140 SER A CA  1 
ATOM   1062 C  C   . SER A 1 140 ? 5.657   -13.508 -2.442  1.00 16.03 ? 140 SER A C   1 
ATOM   1063 O  O   . SER A 1 140 ? 6.772   -13.989 -2.637  1.00 14.27 ? 140 SER A O   1 
ATOM   1064 C  CB  . SER A 1 140 ? 3.954   -15.349 -2.760  1.00 16.93 ? 140 SER A CB  1 
ATOM   1065 O  OG  . SER A 1 140 ? 3.265   -14.684 -3.802  1.00 19.41 ? 140 SER A OG  1 
ATOM   1066 N  N   . THR A 1 141 ? 5.347   -12.253 -2.766  1.00 13.13 ? 141 THR A N   1 
ATOM   1067 C  CA  . THR A 1 141 ? 6.292   -11.365 -3.456  1.00 13.86 ? 141 THR A CA  1 
ATOM   1068 C  C   . THR A 1 141 ? 7.114   -10.504 -2.489  1.00 13.36 ? 141 THR A C   1 
ATOM   1069 O  O   . THR A 1 141 ? 6.593   -10.011 -1.486  1.00 11.91 ? 141 THR A O   1 
ATOM   1070 C  CB  . THR A 1 141 ? 5.574   -10.437 -4.483  1.00 12.21 ? 141 THR A CB  1 
ATOM   1071 O  OG1 . THR A 1 141 ? 4.749   -11.216 -5.361  1.00 9.98  ? 141 THR A OG1 1 
ATOM   1072 C  CG2 . THR A 1 141 ? 6.577   -9.645  -5.305  1.00 13.04 ? 141 THR A CG2 1 
ATOM   1073 N  N   . HIS A 1 142 ? 8.399   -10.334 -2.803  1.00 13.21 ? 142 HIS A N   1 
ATOM   1074 C  CA  . HIS A 1 142 ? 9.308   -9.477  -2.039  1.00 12.50 ? 142 HIS A CA  1 
ATOM   1075 C  C   . HIS A 1 142 ? 8.921   -7.998  -2.174  1.00 13.39 ? 142 HIS A C   1 
ATOM   1076 O  O   . HIS A 1 142 ? 8.362   -7.589  -3.202  1.00 13.02 ? 142 HIS A O   1 
ATOM   1077 C  CB  . HIS A 1 142 ? 10.751  -9.662  -2.538  1.00 16.18 ? 142 HIS A CB  1 
ATOM   1078 C  CG  . HIS A 1 142 ? 11.488  -10.806 -1.900  1.00 15.21 ? 142 HIS A CG  1 
ATOM   1079 N  ND1 . HIS A 1 142 ? 10.918  -12.040 -1.691  1.00 15.59 ? 142 HIS A ND1 1 
ATOM   1080 C  CD2 . HIS A 1 142 ? 12.766  -10.902 -1.456  1.00 16.08 ? 142 HIS A CD2 1 
ATOM   1081 C  CE1 . HIS A 1 142 ? 11.802  -12.845 -1.129  1.00 15.86 ? 142 HIS A CE1 1 
ATOM   1082 N  NE2 . HIS A 1 142 ? 12.934  -12.180 -0.979  1.00 12.71 ? 142 HIS A NE2 1 
ATOM   1083 N  N   . GLY A 1 143 ? 9.219   -7.205  -1.147  1.00 10.40 ? 143 GLY A N   1 
ATOM   1084 C  CA  . GLY A 1 143 ? 8.976   -5.774  -1.190  1.00 10.26 ? 143 GLY A CA  1 
ATOM   1085 C  C   . GLY A 1 143 ? 9.641   -5.110  -2.382  1.00 11.99 ? 143 GLY A C   1 
ATOM   1086 O  O   . GLY A 1 143 ? 10.743  -5.480  -2.756  1.00 11.83 ? 143 GLY A O   1 
ATOM   1087 N  N   . GLY A 1 144 ? 8.965   -4.145  -3.001  1.00 14.21 ? 144 GLY A N   1 
ATOM   1088 C  CA  . GLY A 1 144 ? 9.512   -3.456  -4.160  1.00 12.04 ? 144 GLY A CA  1 
ATOM   1089 C  C   . GLY A 1 144 ? 9.545   -4.280  -5.432  1.00 14.58 ? 144 GLY A C   1 
ATOM   1090 O  O   . GLY A 1 144 ? 10.088  -3.845  -6.444  1.00 10.85 ? 144 GLY A O   1 
ATOM   1091 N  N   . LYS A 1 145 ? 8.962   -5.472  -5.384  1.00 15.47 ? 145 LYS A N   1 
ATOM   1092 C  CA  . LYS A 1 145 ? 8.933   -6.343  -6.552  1.00 13.03 ? 145 LYS A CA  1 
ATOM   1093 C  C   . LYS A 1 145 ? 7.509   -6.653  -7.021  1.00 13.16 ? 145 LYS A C   1 
ATOM   1094 O  O   . LYS A 1 145 ? 7.300   -7.549  -7.827  1.00 13.74 ? 145 LYS A O   1 
ATOM   1095 C  CB  . LYS A 1 145 ? 9.688   -7.638  -6.253  1.00 13.57 ? 145 LYS A CB  1 
ATOM   1096 C  CG  . LYS A 1 145 ? 11.137  -7.445  -5.791  1.00 16.45 ? 145 LYS A CG  1 
ATOM   1097 C  CD  . LYS A 1 145 ? 12.006  -6.822  -6.874  1.00 16.01 ? 145 LYS A CD  1 
ATOM   1098 C  CE  . LYS A 1 145 ? 13.424  -6.596  -6.366  1.00 16.35 ? 145 LYS A CE  1 
ATOM   1099 N  NZ  . LYS A 1 145 ? 14.169  -5.593  -7.183  1.00 20.13 ? 145 LYS A NZ  1 
ATOM   1100 N  N   . GLY A 1 146 ? 6.527   -5.915  -6.516  1.00 12.43 ? 146 GLY A N   1 
ATOM   1101 C  CA  . GLY A 1 146 ? 5.154   -6.147  -6.911  1.00 11.29 ? 146 GLY A CA  1 
ATOM   1102 C  C   . GLY A 1 146 ? 4.308   -6.657  -5.762  1.00 12.47 ? 146 GLY A C   1 
ATOM   1103 O  O   . GLY A 1 146 ? 3.211   -7.173  -5.973  1.00 11.33 ? 146 GLY A O   1 
ATOM   1104 N  N   . ALA A 1 147 ? 4.838   -6.532  -4.549  1.00 12.37 ? 147 ALA A N   1 
ATOM   1105 C  CA  . ALA A 1 147 ? 4.147   -6.980  -3.345  1.00 11.61 ? 147 ALA A CA  1 
ATOM   1106 C  C   . ALA A 1 147 ? 2.834   -6.224  -3.177  1.00 10.68 ? 147 ALA A C   1 
ATOM   1107 O  O   . ALA A 1 147 ? 1.821   -6.810  -2.817  1.00 11.39 ? 147 ALA A O   1 
ATOM   1108 C  CB  . ALA A 1 147 ? 5.031   -6.808  -2.124  1.00 10.68 ? 147 ALA A CB  1 
ATOM   1109 N  N   . PHE A 1 148 ? 2.848   -4.924  -3.444  1.00 12.05 ? 148 PHE A N   1 
ATOM   1110 C  CA  . PHE A 1 148 ? 1.617   -4.146  -3.359  1.00 10.76 ? 148 PHE A CA  1 
ATOM   1111 C  C   . PHE A 1 148 ? 0.623   -4.639  -4.416  1.00 11.53 ? 148 PHE A C   1 
ATOM   1112 O  O   . PHE A 1 148 ? -0.531  -4.906  -4.104  1.00 10.94 ? 148 PHE A O   1 
ATOM   1113 C  CB  . PHE A 1 148 ? 1.883   -2.648  -3.518  1.00 12.62 ? 148 PHE A CB  1 
ATOM   1114 C  CG  . PHE A 1 148 ? 0.665   -1.789  -3.303  1.00 12.89 ? 148 PHE A CG  1 
ATOM   1115 C  CD1 . PHE A 1 148 ? -0.265  -1.610  -4.317  1.00 14.49 ? 148 PHE A CD1 1 
ATOM   1116 C  CD2 . PHE A 1 148 ? 0.463   -1.147  -2.093  1.00 11.96 ? 148 PHE A CD2 1 
ATOM   1117 C  CE1 . PHE A 1 148 ? -1.391  -0.826  -4.121  1.00 10.92 ? 148 PHE A CE1 1 
ATOM   1118 C  CE2 . PHE A 1 148 ? -0.663  -0.357  -1.890  1.00 12.94 ? 148 PHE A CE2 1 
ATOM   1119 C  CZ  . PHE A 1 148 ? -1.587  -0.193  -2.907  1.00 13.51 ? 148 PHE A CZ  1 
ATOM   1120 N  N   . ARG A 1 149 ? 1.083   -4.789  -5.657  1.00 10.25 ? 149 ARG A N   1 
ATOM   1121 C  CA  . ARG A 1 149 ? 0.204   -5.243  -6.740  1.00 9.74  ? 149 ARG A CA  1 
ATOM   1122 C  C   . ARG A 1 149 ? -0.420  -6.615  -6.458  1.00 9.92  ? 149 ARG A C   1 
ATOM   1123 O  O   . ARG A 1 149 ? -1.561  -6.877  -6.839  1.00 11.42 ? 149 ARG A O   1 
ATOM   1124 C  CB  . ARG A 1 149 ? 0.961   -5.283  -8.070  1.00 10.41 ? 149 ARG A CB  1 
ATOM   1125 C  CG  . ARG A 1 149 ? 0.141   -5.790  -9.252  1.00 10.32 ? 149 ARG A CG  1 
ATOM   1126 C  CD  . ARG A 1 149 ? -1.107  -4.957  -9.527  1.00 10.49 ? 149 ARG A CD  1 
ATOM   1127 N  NE  . ARG A 1 149 ? -1.754  -5.387  -10.763 1.00 11.67 ? 149 ARG A NE  1 
ATOM   1128 C  CZ  . ARG A 1 149 ? -1.350  -5.035  -11.981 1.00 12.54 ? 149 ARG A CZ  1 
ATOM   1129 N  NH1 . ARG A 1 149 ? -0.303  -4.227  -12.134 1.00 10.34 ? 149 ARG A NH1 1 
ATOM   1130 N  NH2 . ARG A 1 149 ? -1.994  -5.488  -13.051 1.00 12.02 ? 149 ARG A NH2 1 
ATOM   1131 N  N   . GLU A 1 150 ? 0.333   -7.490  -5.795  1.00 10.90 ? 150 GLU A N   1 
ATOM   1132 C  CA  . GLU A 1 150 ? -0.171  -8.810  -5.451  1.00 10.55 ? 150 GLU A CA  1 
ATOM   1133 C  C   . GLU A 1 150 ? -1.325  -8.659  -4.488  1.00 11.68 ? 150 GLU A C   1 
ATOM   1134 O  O   . GLU A 1 150 ? -2.353  -9.335  -4.605  1.00 10.25 ? 150 GLU A O   1 
ATOM   1135 C  CB  . GLU A 1 150 ? 0.922   -9.644  -4.804  1.00 11.35 ? 150 GLU A CB  1 
ATOM   1136 C  CG  . GLU A 1 150 ? 0.465   -11.045 -4.433  1.00 14.16 ? 150 GLU A CG  1 
ATOM   1137 C  CD  . GLU A 1 150 ? 1.456   -11.744 -3.541  1.00 14.16 ? 150 GLU A CD  1 
ATOM   1138 O  OE1 . GLU A 1 150 ? 1.063   -12.737 -2.886  1.00 12.78 ? 150 GLU A OE1 1 
ATOM   1139 O  OE2 . GLU A 1 150 ? 2.627   -11.296 -3.502  1.00 13.64 ? 150 GLU A OE2 1 
ATOM   1140 N  N   . MET A 1 151 ? -1.149  -7.762  -3.529  1.00 8.87  ? 151 MET A N   1 
ATOM   1141 C  CA  . MET A 1 151 ? -2.217  -7.456  -2.593  1.00 11.15 ? 151 MET A CA  1 
ATOM   1142 C  C   . MET A 1 151 ? -3.417  -6.812  -3.299  1.00 11.67 ? 151 MET A C   1 
ATOM   1143 O  O   . MET A 1 151 ? -4.559  -7.262  -3.130  1.00 12.31 ? 151 MET A O   1 
ATOM   1144 C  CB  . MET A 1 151 ? -1.716  -6.538  -1.482  1.00 11.97 ? 151 MET A CB  1 
ATOM   1145 C  CG  . MET A 1 151 ? -2.818  -6.038  -0.568  1.00 11.51 ? 151 MET A CG  1 
ATOM   1146 S  SD  . MET A 1 151 ? -2.294  -4.717  0.538   1.00 13.92 ? 151 MET A SD  1 
ATOM   1147 C  CE  . MET A 1 151 ? -2.031  -3.422  -0.660  1.00 14.94 ? 151 MET A CE  1 
ATOM   1148 N  N   . SER A 1 152 ? -3.161  -5.752  -4.066  1.00 10.76 ? 152 SER A N   1 
ATOM   1149 C  CA  . SER A 1 152 ? -4.233  -5.049  -4.776  1.00 10.18 ? 152 SER A CA  1 
ATOM   1150 C  C   . SER A 1 152 ? -5.009  -5.987  -5.698  1.00 12.17 ? 152 SER A C   1 
ATOM   1151 O  O   . SER A 1 152 ? -6.223  -5.863  -5.832  1.00 11.34 ? 152 SER A O   1 
ATOM   1152 C  CB  . SER A 1 152 ? -3.718  -3.821  -5.539  1.00 10.59 ? 152 SER A CB  1 
ATOM   1153 O  OG  . SER A 1 152 ? -2.858  -4.154  -6.622  1.00 11.42 ? 152 SER A OG  1 
ATOM   1154 N  N   . ASP A 1 153 ? -4.298  -6.926  -6.317  1.00 11.62 ? 153 ASP A N   1 
ATOM   1155 C  CA  . ASP A 1 153 ? -4.931  -7.940  -7.155  1.00 11.91 ? 153 ASP A CA  1 
ATOM   1156 C  C   . ASP A 1 153 ? -5.878  -8.813  -6.348  1.00 12.33 ? 153 ASP A C   1 
ATOM   1157 O  O   . ASP A 1 153 ? -6.965  -9.154  -6.818  1.00 14.92 ? 153 ASP A O   1 
ATOM   1158 C  CB  . ASP A 1 153 ? -3.875  -8.802  -7.848  1.00 12.30 ? 153 ASP A CB  1 
ATOM   1159 C  CG  . ASP A 1 153 ? -3.362  -8.175  -9.129  1.00 12.28 ? 153 ASP A CG  1 
ATOM   1160 O  OD1 . ASP A 1 153 ? -3.817  -7.070  -9.482  1.00 11.96 ? 153 ASP A OD1 1 
ATOM   1161 O  OD2 . ASP A 1 153 ? -2.492  -8.785  -9.777  1.00 10.78 ? 153 ASP A OD2 1 
ATOM   1162 N  N   . MET A 1 154 ? -5.465  -9.154  -5.131  1.00 12.39 ? 154 MET A N   1 
ATOM   1163 C  CA  . MET A 1 154 ? -6.249  -9.995  -4.244  1.00 12.44 ? 154 MET A CA  1 
ATOM   1164 C  C   . MET A 1 154 ? -7.512  -9.289  -3.806  1.00 14.02 ? 154 MET A C   1 
ATOM   1165 O  O   . MET A 1 154 ? -8.585  -9.883  -3.740  1.00 12.93 ? 154 MET A O   1 
ATOM   1166 C  CB  . MET A 1 154 ? -5.448  -10.323 -2.996  1.00 13.18 ? 154 MET A CB  1 
ATOM   1167 C  CG  . MET A 1 154 ? -4.529  -11.503 -3.104  1.00 14.32 ? 154 MET A CG  1 
ATOM   1168 S  SD  . MET A 1 154 ? -3.591  -11.681 -1.584  1.00 18.88 ? 154 MET A SD  1 
ATOM   1169 C  CE  . MET A 1 154 ? -4.914  -11.962 -0.417  1.00 11.56 ? 154 MET A CE  1 
ATOM   1170 N  N   . ILE A 1 155 ? -7.373  -8.015  -3.473  1.00 12.38 ? 155 ILE A N   1 
ATOM   1171 C  CA  . ILE A 1 155 ? -8.495  -7.263  -2.941  1.00 12.87 ? 155 ILE A CA  1 
ATOM   1172 C  C   . ILE A 1 155 ? -9.570  -7.101  -4.003  1.00 11.72 ? 155 ILE A C   1 
ATOM   1173 O  O   . ILE A 1 155 ? -10.745 -7.366  -3.754  1.00 12.55 ? 155 ILE A O   1 
ATOM   1174 C  CB  . ILE A 1 155 ? -8.057  -5.888  -2.414  1.00 12.49 ? 155 ILE A CB  1 
ATOM   1175 C  CG1 . ILE A 1 155 ? -7.052  -6.054  -1.272  1.00 12.99 ? 155 ILE A CG1 1 
ATOM   1176 C  CG2 . ILE A 1 155 ? -9.258  -5.107  -1.916  1.00 14.62 ? 155 ILE A CG2 1 
ATOM   1177 C  CD1 . ILE A 1 155 ? -6.741  -4.770  -0.533  1.00 14.80 ? 155 ILE A CD1 1 
ATOM   1178 N  N   . LEU A 1 156 ? -9.148  -6.670  -5.186  1.00 12.35 ? 156 LEU A N   1 
ATOM   1179 C  CA  . LEU A 1 156 ? -10.046 -6.492  -6.320  1.00 13.48 ? 156 LEU A CA  1 
ATOM   1180 C  C   . LEU A 1 156 ? -10.783 -7.780  -6.694  1.00 14.31 ? 156 LEU A C   1 
ATOM   1181 O  O   . LEU A 1 156 ? -11.997 -7.776  -6.880  1.00 14.62 ? 156 LEU A O   1 
ATOM   1182 C  CB  . LEU A 1 156 ? -9.281  -5.953  -7.531  1.00 13.31 ? 156 LEU A CB  1 
ATOM   1183 C  CG  . LEU A 1 156 ? -8.737  -4.535  -7.385  1.00 13.23 ? 156 LEU A CG  1 
ATOM   1184 C  CD1 . LEU A 1 156 ? -8.083  -4.082  -8.667  1.00 12.32 ? 156 LEU A CD1 1 
ATOM   1185 C  CD2 . LEU A 1 156 ? -9.832  -3.577  -6.971  1.00 18.12 ? 156 LEU A CD2 1 
ATOM   1186 N  N   . GLN A 1 157 ? -10.044 -8.874  -6.808  1.00 14.20 ? 157 GLN A N   1 
ATOM   1187 C  CA  . GLN A 1 157 ? -10.655 -10.151 -7.165  1.00 16.77 ? 157 GLN A CA  1 
ATOM   1188 C  C   . GLN A 1 157 ? -11.666 -10.644 -6.127  1.00 15.98 ? 157 GLN A C   1 
ATOM   1189 O  O   . GLN A 1 157 ? -12.691 -11.218 -6.480  1.00 16.68 ? 157 GLN A O   1 
ATOM   1190 C  CB  . GLN A 1 157 ? -9.592  -11.213 -7.408  1.00 15.28 ? 157 GLN A CB  1 
ATOM   1191 C  CG  . GLN A 1 157 ? -10.188 -12.544 -7.806  1.00 18.07 ? 157 GLN A CG  1 
ATOM   1192 C  CD  . GLN A 1 157 ? -9.245  -13.375 -8.631  1.00 18.53 ? 157 GLN A CD  1 
ATOM   1193 O  OE1 . GLN A 1 157 ? -8.661  -12.887 -9.593  1.00 20.84 ? 157 GLN A OE1 1 
ATOM   1194 N  NE2 . GLN A 1 157 ? -9.085  -14.639 -8.258  1.00 23.65 ? 157 GLN A NE2 1 
ATOM   1195 N  N   . ALA A 1 158 ? -11.369 -10.421 -4.851  1.00 17.37 ? 158 ALA A N   1 
ATOM   1196 C  CA  . ALA A 1 158 ? -12.292 -10.767 -3.772  1.00 15.69 ? 158 ALA A CA  1 
ATOM   1197 C  C   . ALA A 1 158 ? -13.617 -10.033 -3.945  1.00 17.52 ? 158 ALA A C   1 
ATOM   1198 O  O   . ALA A 1 158 ? -14.678 -10.588 -3.688  1.00 18.70 ? 158 ALA A O   1 
ATOM   1199 C  CB  . ALA A 1 158 ? -11.688 -10.430 -2.446  1.00 17.15 ? 158 ALA A CB  1 
ATOM   1200 N  N   . GLN A 1 159 ? -13.531 -8.786  -4.403  1.00 18.31 ? 159 GLN A N   1 
ATOM   1201 C  CA  . GLN A 1 159 ? -14.698 -7.932  -4.597  1.00 17.79 ? 159 GLN A CA  1 
ATOM   1202 C  C   . GLN A 1 159 ? -15.271 -8.020  -6.012  1.00 16.90 ? 159 GLN A C   1 
ATOM   1203 O  O   . GLN A 1 159 ? -16.115 -7.216  -6.390  1.00 15.86 ? 159 GLN A O   1 
ATOM   1204 C  CB  . GLN A 1 159 ? -14.364 -6.476  -4.243  1.00 16.44 ? 159 GLN A CB  1 
ATOM   1205 C  CG  . GLN A 1 159 ? -13.747 -6.311  -2.848  1.00 16.73 ? 159 GLN A CG  1 
ATOM   1206 C  CD  . GLN A 1 159 ? -13.452 -4.864  -2.477  1.00 16.61 ? 159 GLN A CD  1 
ATOM   1207 O  OE1 . GLN A 1 159 ? -13.803 -3.937  -3.204  1.00 20.40 ? 159 GLN A OE1 1 
ATOM   1208 N  NE2 . GLN A 1 159 ? -12.801 -4.668  -1.332  1.00 19.52 ? 159 GLN A NE2 1 
ATOM   1209 N  N   . GLY A 1 160 ? -14.812 -8.997  -6.789  1.00 15.38 ? 160 GLY A N   1 
ATOM   1210 C  CA  . GLY A 1 160 ? -15.377 -9.250  -8.104  1.00 17.29 ? 160 GLY A CA  1 
ATOM   1211 C  C   . GLY A 1 160 ? -14.939 -8.267  -9.173  1.00 18.92 ? 160 GLY A C   1 
ATOM   1212 O  O   . GLY A 1 160 ? -15.571 -8.160  -10.228 1.00 20.70 ? 160 GLY A O   1 
ATOM   1213 N  N   . LYS A 1 161 ? -13.845 -7.551  -8.913  1.00 18.25 ? 161 LYS A N   1 
ATOM   1214 C  CA  . LYS A 1 161 ? -13.447 -6.459  -9.790  1.00 16.65 ? 161 LYS A CA  1 
ATOM   1215 C  C   . LYS A 1 161 ? -12.146 -6.740  -10.517 1.00 15.31 ? 161 LYS A C   1 
ATOM   1216 O  O   . LYS A 1 161 ? -11.401 -5.816  -10.837 1.00 16.42 ? 161 LYS A O   1 
ATOM   1217 C  CB  . LYS A 1 161 ? -13.324 -5.160  -8.999  1.00 17.59 ? 161 LYS A CB  1 
ATOM   1218 C  CG  . LYS A 1 161 ? -14.384 -5.021  -7.938  1.00 17.62 ? 161 LYS A CG  1 
ATOM   1219 C  CD  . LYS A 1 161 ? -14.646 -3.578  -7.568  1.00 18.30 ? 161 LYS A CD  1 
ATOM   1220 C  CE  . LYS A 1 161 ? -15.729 -3.498  -6.504  1.00 20.23 ? 161 LYS A CE  1 
ATOM   1221 N  NZ  . LYS A 1 161 ? -16.143 -2.095  -6.226  1.00 26.40 ? 161 LYS A NZ  1 
ATOM   1222 N  N   . SER A 1 162 ? -11.886 -8.011  -10.785 1.00 15.69 ? 162 SER A N   1 
ATOM   1223 C  CA  . SER A 1 162 ? -10.639 -8.407  -11.433 1.00 14.67 ? 162 SER A CA  1 
ATOM   1224 C  C   . SER A 1 162 ? -10.540 -8.096  -12.930 1.00 17.28 ? 162 SER A C   1 
ATOM   1225 O  O   . SER A 1 162 ? -9.442  -8.128  -13.488 1.00 13.55 ? 162 SER A O   1 
ATOM   1226 C  CB  . SER A 1 162 ? -10.348 -9.887  -11.182 1.00 16.37 ? 162 SER A CB  1 
ATOM   1227 O  OG  . SER A 1 162 ? -11.246 -10.721 -11.886 1.00 17.43 ? 162 SER A OG  1 
ATOM   1228 N  N   . SER A 1 163 ? -11.662 -7.801  -13.585 1.00 17.25 ? 163 SER A N   1 
ATOM   1229 C  CA  . SER A 1 163 ? -11.637 -7.535  -15.032 1.00 19.55 ? 163 SER A CA  1 
ATOM   1230 C  C   . SER A 1 163 ? -10.674 -6.412  -15.443 1.00 18.21 ? 163 SER A C   1 
ATOM   1231 O  O   . SER A 1 163 ? -10.050 -6.472  -16.512 1.00 18.33 ? 163 SER A O   1 
ATOM   1232 C  CB  . SER A 1 163 ? -13.042 -7.245  -15.561 1.00 20.12 ? 163 SER A CB  1 
ATOM   1233 O  OG  . SER A 1 163 ? -13.664 -6.231  -14.797 1.00 23.55 ? 163 SER A OG  1 
ATOM   1234 N  N   . VAL A 1 164 ? -10.543 -5.404  -14.582 1.00 17.88 ? 164 VAL A N   1 
ATOM   1235 C  CA  . VAL A 1 164 ? -9.663  -4.265  -14.842 1.00 18.94 ? 164 VAL A CA  1 
ATOM   1236 C  C   . VAL A 1 164 ? -8.219  -4.710  -15.078 1.00 18.10 ? 164 VAL A C   1 
ATOM   1237 O  O   . VAL A 1 164 ? -7.456  -4.020  -15.761 1.00 18.67 ? 164 VAL A O   1 
ATOM   1238 C  CB  . VAL A 1 164 ? -9.730  -3.209  -13.699 1.00 16.30 ? 164 VAL A CB  1 
ATOM   1239 C  CG1 . VAL A 1 164 ? -9.143  -3.766  -12.423 1.00 15.96 ? 164 VAL A CG1 1 
ATOM   1240 C  CG2 . VAL A 1 164 ? -9.023  -1.911  -14.099 1.00 17.82 ? 164 VAL A CG2 1 
ATOM   1241 N  N   . PHE A 1 165 ? -7.847  -5.872  -14.546 1.00 15.09 ? 165 PHE A N   1 
ATOM   1242 C  CA  . PHE A 1 165 ? -6.485  -6.365  -14.733 1.00 14.71 ? 165 PHE A CA  1 
ATOM   1243 C  C   . PHE A 1 165 ? -6.348  -7.664  -15.536 1.00 14.55 ? 165 PHE A C   1 
ATOM   1244 O  O   . PHE A 1 165 ? -5.315  -7.907  -16.155 1.00 15.60 ? 165 PHE A O   1 
ATOM   1245 C  CB  . PHE A 1 165 ? -5.691  -6.411  -13.409 1.00 13.63 ? 165 PHE A CB  1 
ATOM   1246 C  CG  . PHE A 1 165 ? -6.120  -7.498  -12.437 1.00 14.03 ? 165 PHE A CG  1 
ATOM   1247 C  CD1 . PHE A 1 165 ? -5.803  -8.829  -12.660 1.00 13.35 ? 165 PHE A CD1 1 
ATOM   1248 C  CD2 . PHE A 1 165 ? -6.781  -7.170  -11.270 1.00 12.90 ? 165 PHE A CD2 1 
ATOM   1249 C  CE1 . PHE A 1 165 ? -6.177  -9.809  -11.760 1.00 15.24 ? 165 PHE A CE1 1 
ATOM   1250 C  CE2 . PHE A 1 165 ? -7.148  -8.147  -10.363 1.00 13.28 ? 165 PHE A CE2 1 
ATOM   1251 C  CZ  . PHE A 1 165 ? -6.849  -9.463  -10.613 1.00 12.27 ? 165 PHE A CZ  1 
ATOM   1252 N  N   . ASP A 1 166 ? -7.379  -8.499  -15.541 1.00 16.78 ? 166 ASP A N   1 
ATOM   1253 C  CA  . ASP A 1 166 ? -7.246  -9.773  -16.245 1.00 16.09 ? 166 ASP A CA  1 
ATOM   1254 C  C   . ASP A 1 166 ? -7.900  -9.840  -17.637 1.00 17.22 ? 166 ASP A C   1 
ATOM   1255 O  O   . ASP A 1 166 ? -7.844  -10.876 -18.294 1.00 19.84 ? 166 ASP A O   1 
ATOM   1256 C  CB  . ASP A 1 166 ? -7.675  -10.952 -15.360 1.00 17.41 ? 166 ASP A CB  1 
ATOM   1257 C  CG  . ASP A 1 166 ? -9.149  -10.937 -15.021 1.00 15.27 ? 166 ASP A CG  1 
ATOM   1258 O  OD1 . ASP A 1 166 ? -9.923  -10.233 -15.696 1.00 17.15 ? 166 ASP A OD1 1 
ATOM   1259 O  OD2 . ASP A 1 166 ? -9.546  -11.652 -14.083 1.00 18.17 ? 166 ASP A OD2 1 
ATOM   1260 N  N   . THR A 1 167 ? -8.516  -8.746  -18.083 1.00 17.14 ? 167 THR A N   1 
ATOM   1261 C  CA  . THR A 1 167 ? -9.067  -8.689  -19.442 1.00 18.61 ? 167 THR A CA  1 
ATOM   1262 C  C   . THR A 1 167 ? -8.711  -7.383  -20.149 1.00 19.02 ? 167 THR A C   1 
ATOM   1263 O  O   . THR A 1 167 ? -8.720  -6.317  -19.539 1.00 20.73 ? 167 THR A O   1 
ATOM   1264 C  CB  . THR A 1 167 ? -10.603 -8.859  -19.471 1.00 19.35 ? 167 THR A CB  1 
ATOM   1265 O  OG1 . THR A 1 167 ? -11.235 -7.706  -18.898 1.00 21.09 ? 167 THR A OG1 1 
ATOM   1266 C  CG2 . THR A 1 167 ? -11.032 -10.108 -18.728 1.00 19.14 ? 167 THR A CG2 1 
ATOM   1267 N  N   . ALA A 1 168 ? -8.398  -7.466  -21.438 1.00 20.83 ? 168 ALA A N   1 
ATOM   1268 C  CA  . ALA A 1 168 ? -8.098  -6.272  -22.221 1.00 20.98 ? 168 ALA A CA  1 
ATOM   1269 C  C   . ALA A 1 168 ? -9.257  -5.289  -22.174 1.00 22.65 ? 168 ALA A C   1 
ATOM   1270 O  O   . ALA A 1 168 ? -9.054  -4.085  -22.042 1.00 22.74 ? 168 ALA A O   1 
ATOM   1271 C  CB  . ALA A 1 168 ? -7.771  -6.643  -23.664 1.00 18.63 ? 168 ALA A CB  1 
ATOM   1272 N  N   . GLN A 1 169 ? -10.476 -5.813  -22.257 1.00 23.75 ? 169 GLN A N   1 
ATOM   1273 C  CA  . GLN A 1 169 ? -11.675 -4.983  -22.266 1.00 25.77 ? 169 GLN A CA  1 
ATOM   1274 C  C   . GLN A 1 169 ? -11.930 -4.292  -20.924 1.00 23.50 ? 169 GLN A C   1 
ATOM   1275 O  O   . GLN A 1 169 ? -12.412 -3.155  -20.881 1.00 24.27 ? 169 GLN A O   1 
ATOM   1276 C  CB  . GLN A 1 169 ? -12.893 -5.818  -22.676 1.00 28.39 ? 169 GLN A CB  1 
ATOM   1277 C  CG  . GLN A 1 169 ? -12.691 -7.326  -22.534 1.00 28.63 ? 169 GLN A CG  1 
ATOM   1278 C  CD  . GLN A 1 169 ? -14.006 -8.094  -22.423 1.00 28.11 ? 169 GLN A CD  1 
ATOM   1279 O  OE1 . GLN A 1 169 ? -15.089 -7.502  -22.343 1.00 29.13 ? 169 GLN A OE1 1 
ATOM   1280 N  NE2 . GLN A 1 169 ? -13.914 -9.419  -22.403 1.00 26.65 ? 169 GLN A NE2 1 
ATOM   1281 N  N   . GLY A 1 170 ? -11.605 -4.985  -19.835 1.00 22.81 ? 170 GLY A N   1 
ATOM   1282 C  CA  . GLY A 1 170 ? -11.745 -4.431  -18.500 1.00 20.95 ? 170 GLY A CA  1 
ATOM   1283 C  C   . GLY A 1 170 ? -10.759 -3.306  -18.267 1.00 21.12 ? 170 GLY A C   1 
ATOM   1284 O  O   . GLY A 1 170 ? -11.112 -2.252  -17.744 1.00 22.53 ? 170 GLY A O   1 
ATOM   1285 N  N   . PHE A 1 171 ? -9.514  -3.527  -18.670 1.00 22.20 ? 171 PHE A N   1 
ATOM   1286 C  CA  . PHE A 1 171 ? -8.493  -2.494  -18.572 1.00 22.98 ? 171 PHE A CA  1 
ATOM   1287 C  C   . PHE A 1 171 ? -8.881  -1.304  -19.437 1.00 24.26 ? 171 PHE A C   1 
ATOM   1288 O  O   . PHE A 1 171 ? -8.881  -0.163  -18.972 1.00 23.88 ? 171 PHE A O   1 
ATOM   1289 C  CB  . PHE A 1 171 ? -7.128  -3.033  -19.000 1.00 19.71 ? 171 PHE A CB  1 
ATOM   1290 C  CG  . PHE A 1 171 ? -6.058  -1.986  -19.046 1.00 20.80 ? 171 PHE A CG  1 
ATOM   1291 C  CD1 . PHE A 1 171 ? -5.482  -1.524  -17.870 1.00 21.00 ? 171 PHE A CD1 1 
ATOM   1292 C  CD2 . PHE A 1 171 ? -5.615  -1.472  -20.259 1.00 18.22 ? 171 PHE A CD2 1 
ATOM   1293 C  CE1 . PHE A 1 171 ? -4.495  -0.563  -17.896 1.00 18.05 ? 171 PHE A CE1 1 
ATOM   1294 C  CE2 . PHE A 1 171 ? -4.627  -0.511  -20.297 1.00 19.01 ? 171 PHE A CE2 1 
ATOM   1295 C  CZ  . PHE A 1 171 ? -4.066  -0.052  -19.111 1.00 21.11 ? 171 PHE A CZ  1 
ATOM   1296 N  N   . LEU A 1 172 ? -9.219  -1.579  -20.693 1.00 24.89 ? 172 LEU A N   1 
ATOM   1297 C  CA  . LEU A 1 172 ? -9.712  -0.549  -21.597 1.00 25.30 ? 172 LEU A CA  1 
ATOM   1298 C  C   . LEU A 1 172 ? -11.162 -0.199  -21.284 1.00 28.51 ? 172 LEU A C   1 
ATOM   1299 O  O   . LEU A 1 172 ? -12.039 -0.321  -22.134 1.00 33.46 ? 172 LEU A O   1 
ATOM   1300 C  CB  . LEU A 1 172 ? -9.602  -1.008  -23.049 1.00 27.78 ? 172 LEU A CB  1 
ATOM   1301 C  CG  . LEU A 1 172 ? -8.222  -1.432  -23.539 1.00 22.02 ? 172 LEU A CG  1 
ATOM   1302 C  CD1 . LEU A 1 172 ? -8.318  -1.888  -24.976 1.00 24.66 ? 172 LEU A CD1 1 
ATOM   1303 C  CD2 . LEU A 1 172 ? -7.208  -0.302  -23.393 1.00 24.29 ? 172 LEU A CD2 1 
ATOM   1304 N  N   . LYS A 1 173 ? -11.418 0.211   -20.051 1.00 28.58 ? 173 LYS A N   1 
ATOM   1305 C  CA  . LYS A 1 173 ? -12.704 0.781   -19.691 1.00 26.13 ? 173 LYS A CA  1 
ATOM   1306 C  C   . LYS A 1 173 ? -12.394 1.790   -18.605 1.00 28.40 ? 173 LYS A C   1 
ATOM   1307 O  O   . LYS A 1 173 ? -13.055 2.822   -18.481 1.00 28.82 ? 173 LYS A O   1 
ATOM   1308 C  CB  . LYS A 1 173 ? -13.673 -0.289  -19.187 1.00 27.67 ? 173 LYS A CB  1 
ATOM   1309 C  CG  . LYS A 1 173 ? -15.130 0.157   -19.223 1.00 32.33 ? 173 LYS A CG  1 
ATOM   1310 C  CD  . LYS A 1 173 ? -16.083 -0.825  -18.534 1.00 35.04 ? 173 LYS A CD  1 
ATOM   1311 C  CE  . LYS A 1 173 ? -16.069 -0.678  -17.010 1.00 35.02 ? 173 LYS A CE  1 
ATOM   1312 N  NZ  . LYS A 1 173 ? -14.969 -1.441  -16.347 1.00 25.12 ? 173 LYS A NZ  1 
ATOM   1313 N  N   . SER A 1 174 ? -11.353 1.483   -17.834 1.00 27.21 ? 174 SER A N   1 
ATOM   1314 C  CA  . SER A 1 174 ? -10.859 2.378   -16.801 1.00 26.65 ? 174 SER A CA  1 
ATOM   1315 C  C   . SER A 1 174 ? -9.531  2.998   -17.231 1.00 26.57 ? 174 SER A C   1 
ATOM   1316 O  O   . SER A 1 174 ? -8.763  3.467   -16.396 1.00 28.45 ? 174 SER A O   1 
ATOM   1317 C  CB  . SER A 1 174 ? -10.672 1.619   -15.484 1.00 25.81 ? 174 SER A CB  1 
ATOM   1318 O  OG  . SER A 1 174 ? -11.911 1.210   -14.926 1.00 26.33 ? 174 SER A OG  1 
ATOM   1319 N  N   . VAL A 1 175 ? -9.267  3.013   -18.536 1.00 27.35 ? 175 VAL A N   1 
ATOM   1320 C  CA  . VAL A 1 175 ? -7.963  3.443   -19.043 1.00 25.58 ? 175 VAL A CA  1 
ATOM   1321 C  C   . VAL A 1 175 ? -7.639  4.924   -18.779 1.00 26.17 ? 175 VAL A C   1 
ATOM   1322 O  O   . VAL A 1 175 ? -6.467  5.306   -18.728 1.00 28.01 ? 175 VAL A O   1 
ATOM   1323 C  CB  . VAL A 1 175 ? -7.776  3.097   -20.550 1.00 28.87 ? 175 VAL A CB  1 
ATOM   1324 C  CG1 . VAL A 1 175 ? -8.537  4.083   -21.445 1.00 25.23 ? 175 VAL A CG1 1 
ATOM   1325 C  CG2 . VAL A 1 175 ? -6.286  3.059   -20.917 1.00 24.33 ? 175 VAL A CG2 1 
ATOM   1326 N  N   . LYS A 1 176 ? -8.666  5.751   -18.603 1.00 25.73 ? 176 LYS A N   1 
ATOM   1327 C  CA  . LYS A 1 176 ? -8.450  7.167   -18.310 1.00 26.70 ? 176 LYS A CA  1 
ATOM   1328 C  C   . LYS A 1 176 ? -8.024  7.369   -16.858 1.00 28.64 ? 176 LYS A C   1 
ATOM   1329 O  O   . LYS A 1 176 ? -7.456  8.403   -16.505 1.00 28.29 ? 176 LYS A O   1 
ATOM   1330 C  CB  . LYS A 1 176 ? -9.704  7.995   -18.615 1.00 24.33 ? 176 LYS A CB  1 
ATOM   1331 C  CG  . LYS A 1 176 ? -10.086 8.034   -20.078 1.00 22.99 ? 176 LYS A CG  1 
ATOM   1332 C  CD  . LYS A 1 176 ? -8.976  8.626   -20.924 1.00 21.42 ? 176 LYS A CD  1 
ATOM   1333 C  CE  . LYS A 1 176 ? -9.463  8.929   -22.333 1.00 22.49 ? 176 LYS A CE  1 
ATOM   1334 N  NZ  . LYS A 1 176 ? -10.581 9.926   -22.342 1.00 18.29 ? 176 LYS A NZ  1 
ATOM   1335 N  N   . SER A 1 177 ? -8.303  6.372   -16.024 1.00 29.06 ? 177 SER A N   1 
ATOM   1336 C  CA  . SER A 1 177 ? -7.956  6.423   -14.611 1.00 26.54 ? 177 SER A CA  1 
ATOM   1337 C  C   . SER A 1 177 ? -6.644  5.691   -14.322 1.00 24.02 ? 177 SER A C   1 
ATOM   1338 O  O   . SER A 1 177 ? -6.286  5.505   -13.162 1.00 24.92 ? 177 SER A O   1 
ATOM   1339 C  CB  . SER A 1 177 ? -9.084  5.820   -13.768 1.00 25.95 ? 177 SER A CB  1 
ATOM   1340 O  OG  . SER A 1 177 ? -10.330 6.441   -14.044 1.00 28.39 ? 177 SER A OG  1 
ATOM   1341 N  N   . MET A 1 178 ? -5.933  5.279   -15.371 1.00 24.85 ? 178 MET A N   1 
ATOM   1342 C  CA  . MET A 1 178 ? -4.704  4.497   -15.205 1.00 26.28 ? 178 MET A CA  1 
ATOM   1343 C  C   . MET A 1 178 ? -3.419  5.306   -15.434 1.00 26.71 ? 178 MET A C   1 
ATOM   1344 O  O   . MET A 1 178 ? -2.319  4.784   -15.256 1.00 24.60 ? 178 MET A O   1 
ATOM   1345 C  CB  . MET A 1 178 ? -4.706  3.269   -16.124 1.00 23.06 ? 178 MET A CB  1 
ATOM   1346 C  CG  . MET A 1 178 ? -5.821  2.265   -15.868 1.00 23.84 ? 178 MET A CG  1 
ATOM   1347 S  SD  . MET A 1 178 ? -5.706  1.417   -14.281 1.00 23.85 ? 178 MET A SD  1 
ATOM   1348 C  CE  . MET A 1 178 ? -7.037  2.199   -13.373 1.00 16.84 ? 178 MET A CE  1 
ATOM   1349 N  N   . GLY A 1 179 ? -3.559  6.564   -15.841 1.00 27.26 ? 179 GLY A N   1 
ATOM   1350 C  CA  . GLY A 1 179 ? -2.409  7.428   -16.054 1.00 29.59 ? 179 GLY A CA  1 
ATOM   1351 C  C   . GLY A 1 179 ? -2.564  8.365   -17.240 1.00 36.32 ? 179 GLY A C   1 
ATOM   1352 O  O   . GLY A 1 179 ? -1.585  8.913   -17.760 1.00 36.84 ? 179 GLY A O   1 
HETATM 1353 MG MG  . MG  B 2 .   ? 9.156   -0.404  5.775   1.00 13.63 ? 201 MG  A MG  1 
HETATM 1354 V  V   . VN4 C 3 .   ? 8.684   2.939   6.056   1.00 18.15 ? 202 VN4 A V   1 
HETATM 1355 O  O1  . VN4 C 3 .   ? 8.302   4.037   4.338   1.00 13.71 ? 202 VN4 A O1  1 
HETATM 1356 O  O2  . VN4 C 3 .   ? 9.709   1.127   6.014   1.00 18.25 ? 202 VN4 A O2  1 
HETATM 1357 O  O3  . VN4 C 3 .   ? 7.781   3.570   7.830   1.00 15.63 ? 202 VN4 A O3  1 
HETATM 1358 C  C1  A KDO D 4 .   ? 16.830  4.282   8.298   0.38 18.61 ? 203 KDO A C1  1 
HETATM 1359 C  C1  B KDO D 4 .   ? 16.892  4.018   8.045   0.62 18.45 ? 203 KDO A C1  1 
HETATM 1360 O  O1A A KDO D 4 .   ? 16.582  4.946   7.258   0.38 18.96 ? 203 KDO A O1A 1 
HETATM 1361 O  O1A B KDO D 4 .   ? 17.141  5.152   7.569   0.62 18.86 ? 203 KDO A O1A 1 
HETATM 1362 O  O1B A KDO D 4 .   ? 18.030  4.044   8.597   0.38 18.32 ? 203 KDO A O1B 1 
HETATM 1363 O  O1B B KDO D 4 .   ? 17.510  3.016   7.610   0.62 16.35 ? 203 KDO A O1B 1 
HETATM 1364 C  C2  A KDO D 4 .   ? 15.713  3.790   9.167   0.38 18.73 ? 203 KDO A C2  1 
HETATM 1365 C  C2  B KDO D 4 .   ? 15.855  3.841   9.109   0.62 18.68 ? 203 KDO A C2  1 
HETATM 1366 O  O2  A KDO D 4 .   ? 15.752  2.305   9.207   0.38 18.11 ? 203 KDO A O2  1 
HETATM 1367 O  O2  B KDO D 4 .   ? 15.767  2.388   9.401   0.62 18.07 ? 203 KDO A O2  1 
HETATM 1368 C  C3  A KDO D 4 .   ? 15.900  4.195   10.260  0.38 20.08 ? 203 KDO A C3  1 
HETATM 1369 C  C3  B KDO D 4 .   ? 16.181  4.412   10.087  0.62 20.04 ? 203 KDO A C3  1 
HETATM 1370 C  C4  A KDO D 4 .   ? 14.927  4.187   11.083  0.38 20.52 ? 203 KDO A C4  1 
HETATM 1371 C  C4  B KDO D 4 .   ? 15.310  4.609   11.004  0.62 21.26 ? 203 KDO A C4  1 
HETATM 1372 O  O4  A KDO D 4 .   ? 15.302  5.150   12.206  0.38 23.32 ? 203 KDO A O4  1 
HETATM 1373 O  O4  B KDO D 4 .   ? 15.627  5.986   11.578  0.62 22.86 ? 203 KDO A O4  1 
HETATM 1374 C  C5  A KDO D 4 .   ? 13.624  4.632   10.541  0.38 21.12 ? 203 KDO A C5  1 
HETATM 1375 C  C5  B KDO D 4 .   ? 13.874  4.700   10.643  0.62 21.10 ? 203 KDO A C5  1 
HETATM 1376 O  O5  A KDO D 4 .   ? 13.762  5.939   10.209  0.38 22.99 ? 203 KDO A O5  1 
HETATM 1377 O  O5  B KDO D 4 .   ? 13.669  6.019   10.420  0.62 23.22 ? 203 KDO A O5  1 
HETATM 1378 C  C6  A KDO D 4 .   ? 13.037  3.845   9.261   0.38 20.26 ? 203 KDO A C6  1 
HETATM 1379 C  C6  B KDO D 4 .   ? 13.248  3.838   9.419   0.62 20.36 ? 203 KDO A C6  1 
HETATM 1380 O  O6  A KDO D 4 .   ? 14.391  4.261   8.572   0.38 19.69 ? 203 KDO A O6  1 
HETATM 1381 O  O6  B KDO D 4 .   ? 14.505  4.311   8.613   0.62 19.74 ? 203 KDO A O6  1 
HETATM 1382 C  C7  A KDO D 4 .   ? 11.941  4.295   8.747   0.38 19.63 ? 203 KDO A C7  1 
HETATM 1383 C  C7  B KDO D 4 .   ? 12.130  4.196   8.886   0.62 19.71 ? 203 KDO A C7  1 
HETATM 1384 O  O7  A KDO D 4 .   ? 10.820  3.834   9.548   0.38 19.03 ? 203 KDO A O7  1 
HETATM 1385 O  O7  B KDO D 4 .   ? 11.956  5.632   9.027   0.62 21.94 ? 203 KDO A O7  1 
HETATM 1386 C  C8  A KDO D 4 .   ? 11.748  3.736   7.283   0.38 17.44 ? 203 KDO A C8  1 
HETATM 1387 C  C8  B KDO D 4 .   ? 10.910  3.433   9.525   0.62 19.00 ? 203 KDO A C8  1 
HETATM 1388 O  O8  A KDO D 4 .   ? 10.527  3.858   6.628   0.38 16.03 ? 203 KDO A O8  1 
HETATM 1389 O  O8  B KDO D 4 .   ? 9.720   3.418   8.816   0.62 16.99 ? 203 KDO A O8  1 
HETATM 1390 O  O   . HOH E 5 .   ? 11.094  -0.827  6.365   1.00 10.56 ? 301 HOH A O   1 
HETATM 1391 O  O   . HOH E 5 .   ? 8.496   -0.433  7.734   1.00 17.68 ? 302 HOH A O   1 
HETATM 1392 O  O   . HOH E 5 .   ? -11.123 -14.053 -4.139  1.00 16.05 ? 303 HOH A O   1 
HETATM 1393 O  O   . HOH E 5 .   ? -11.063 -15.573 -6.348  1.00 18.51 ? 304 HOH A O   1 
HETATM 1394 O  O   . HOH E 5 .   ? 6.270   -4.078  -4.012  1.00 12.71 ? 305 HOH A O   1 
HETATM 1395 O  O   . HOH E 5 .   ? 19.897  14.266  -2.065  1.00 20.21 ? 306 HOH A O   1 
HETATM 1396 O  O   . HOH E 5 .   ? 16.304  6.252   -0.926  1.00 12.81 ? 307 HOH A O   1 
HETATM 1397 O  O   . HOH E 5 .   ? 2.737   -8.222  -10.990 1.00 14.65 ? 308 HOH A O   1 
HETATM 1398 O  O   . HOH E 5 .   ? 13.068  -0.891  -5.002  1.00 11.06 ? 309 HOH A O   1 
HETATM 1399 O  O   . HOH E 5 .   ? 14.728  2.534   -3.347  1.00 11.89 ? 310 HOH A O   1 
HETATM 1400 O  O   . HOH E 5 .   ? 13.541  -6.709  10.427  1.00 11.32 ? 311 HOH A O   1 
HETATM 1401 O  O   . HOH E 5 .   ? 0.832   -14.864 -5.004  1.00 21.82 ? 312 HOH A O   1 
HETATM 1402 O  O   . HOH E 5 .   ? 16.007  -0.181  -4.878  1.00 14.22 ? 313 HOH A O   1 
HETATM 1403 O  O   . HOH E 5 .   ? 10.234  6.684   2.761   1.00 14.81 ? 314 HOH A O   1 
HETATM 1404 O  O   . HOH E 5 .   ? -5.464  -14.870 7.937   1.00 22.62 ? 315 HOH A O   1 
HETATM 1405 O  O   . HOH E 5 .   ? 11.760  8.918   1.779   1.00 14.19 ? 316 HOH A O   1 
HETATM 1406 O  O   . HOH E 5 .   ? 12.941  -13.736 10.086  1.00 11.43 ? 317 HOH A O   1 
HETATM 1407 O  O   . HOH E 5 .   ? -4.492  -4.594  -8.826  1.00 14.16 ? 318 HOH A O   1 
HETATM 1408 O  O   . HOH E 5 .   ? 0.508   -5.728  15.301  1.00 18.55 ? 319 HOH A O   1 
HETATM 1409 O  O   . HOH E 5 .   ? -12.915 -10.730 -15.439 1.00 16.61 ? 320 HOH A O   1 
HETATM 1410 O  O   . HOH E 5 .   ? 14.273  -13.365 12.612  1.00 13.44 ? 321 HOH A O   1 
HETATM 1411 O  O   . HOH E 5 .   ? 9.382   -11.649 -5.121  1.00 16.71 ? 322 HOH A O   1 
HETATM 1412 O  O   . HOH E 5 .   ? 2.864   -8.673  -8.061  1.00 13.41 ? 323 HOH A O   1 
HETATM 1413 O  O   . HOH E 5 .   ? -2.818  -11.625 -6.221  1.00 10.29 ? 324 HOH A O   1 
HETATM 1414 O  O   . HOH E 5 .   ? 13.006  -6.860  -1.169  1.00 13.98 ? 325 HOH A O   1 
HETATM 1415 O  O   . HOH E 5 .   ? 4.764   2.735   -6.347  1.00 13.66 ? 326 HOH A O   1 
HETATM 1416 O  O   . HOH E 5 .   ? -8.960  -12.853 -3.537  1.00 16.17 ? 327 HOH A O   1 
HETATM 1417 O  O   . HOH E 5 .   ? 15.240  -9.229  0.069   1.00 18.99 ? 328 HOH A O   1 
HETATM 1418 O  O   . HOH E 5 .   ? 15.507  13.474  -0.932  1.00 18.64 ? 329 HOH A O   1 
HETATM 1419 O  O   . HOH E 5 .   ? -14.890 -0.709  -3.537  1.00 24.74 ? 330 HOH A O   1 
HETATM 1420 O  O   . HOH E 5 .   ? -10.142 -0.651  -11.319 1.00 18.02 ? 331 HOH A O   1 
HETATM 1421 O  O   . HOH E 5 .   ? 27.053  13.033  -3.674  1.00 20.42 ? 332 HOH A O   1 
HETATM 1422 O  O   . HOH E 5 .   ? 6.440   0.496   -5.786  1.00 11.89 ? 333 HOH A O   1 
HETATM 1423 O  O   . HOH E 5 .   ? 14.350  -12.205 8.354   1.00 15.60 ? 334 HOH A O   1 
HETATM 1424 O  O   . HOH E 5 .   ? -0.413  -15.831 5.305   1.00 17.29 ? 335 HOH A O   1 
HETATM 1425 O  O   . HOH E 5 .   ? 14.669  -7.962  -3.225  1.00 20.20 ? 336 HOH A O   1 
HETATM 1426 O  O   . HOH E 5 .   ? 5.720   -8.453  -9.809  1.00 15.17 ? 337 HOH A O   1 
HETATM 1427 O  O   . HOH E 5 .   ? 8.386   -9.991  -8.963  1.00 20.84 ? 338 HOH A O   1 
HETATM 1428 O  O   . HOH E 5 .   ? -1.658  -10.968 -8.461  1.00 12.91 ? 339 HOH A O   1 
HETATM 1429 O  O   . HOH E 5 .   ? 13.802  4.371   -1.521  1.00 13.92 ? 340 HOH A O   1 
HETATM 1430 O  O   . HOH E 5 .   ? -4.389  -7.171  11.197  1.00 18.63 ? 341 HOH A O   1 
HETATM 1431 O  O   . HOH E 5 .   ? 13.486  2.131   0.601   1.00 14.30 ? 342 HOH A O   1 
HETATM 1432 O  O   . HOH E 5 .   ? 11.766  -5.497  1.588   1.00 17.00 ? 343 HOH A O   1 
HETATM 1433 O  O   . HOH E 5 .   ? -6.015  -12.468 -18.720 1.00 21.59 ? 344 HOH A O   1 
HETATM 1434 O  O   . HOH E 5 .   ? 2.347   -13.277 -6.339  1.00 15.88 ? 345 HOH A O   1 
HETATM 1435 O  O   . HOH E 5 .   ? -8.259  -13.428 -12.335 1.00 19.24 ? 346 HOH A O   1 
HETATM 1436 O  O   . HOH E 5 .   ? 9.403   -14.327 -3.201  1.00 18.87 ? 347 HOH A O   1 
HETATM 1437 O  O   . HOH E 5 .   ? -15.741 -5.133  -12.757 1.00 18.98 ? 348 HOH A O   1 
HETATM 1438 O  O   . HOH E 5 .   ? -6.651  -14.063 -5.139  1.00 18.28 ? 349 HOH A O   1 
HETATM 1439 O  O   . HOH E 5 .   ? 5.950   -15.736 1.385   1.00 19.42 ? 350 HOH A O   1 
HETATM 1440 O  O   . HOH E 5 .   ? 3.500   -16.206 17.462  1.00 19.48 ? 351 HOH A O   1 
HETATM 1441 O  O   . HOH E 5 .   ? -11.374 5.627   -5.099  1.00 21.40 ? 352 HOH A O   1 
HETATM 1442 O  O   . HOH E 5 .   ? 2.917   -13.326 18.240  1.00 30.07 ? 353 HOH A O   1 
HETATM 1443 O  O   . HOH E 5 .   ? -7.215  7.562   -2.599  1.00 18.86 ? 354 HOH A O   1 
HETATM 1444 O  O   . HOH E 5 .   ? 1.553   -16.149 0.069   1.00 20.22 ? 355 HOH A O   1 
HETATM 1445 O  O   . HOH E 5 .   ? 3.887   -14.816 -8.351  1.00 25.05 ? 356 HOH A O   1 
HETATM 1446 O  O   . HOH E 5 .   ? -1.561  14.334  -7.738  1.00 26.30 ? 357 HOH A O   1 
HETATM 1447 O  O   . HOH E 5 .   ? -17.485 3.570   6.854   1.00 24.35 ? 358 HOH A O   1 
HETATM 1448 O  O   . HOH E 5 .   ? -13.341 4.298   -0.029  1.00 20.69 ? 359 HOH A O   1 
HETATM 1449 O  O   . HOH E 5 .   ? 12.221  -0.122  8.826   1.00 15.42 ? 360 HOH A O   1 
HETATM 1450 O  O   . HOH E 5 .   ? -5.352  -12.257 -6.788  1.00 19.26 ? 361 HOH A O   1 
HETATM 1451 O  O   . HOH E 5 .   ? -12.886 6.216   -8.031  1.00 29.56 ? 362 HOH A O   1 
HETATM 1452 O  O   . HOH E 5 .   ? -17.377 5.847   9.133   1.00 30.54 ? 363 HOH A O   1 
HETATM 1453 O  O   . HOH E 5 .   ? -0.688  -14.074 -1.602  1.00 15.77 ? 364 HOH A O   1 
HETATM 1454 O  O   . HOH E 5 .   ? -4.191  -7.343  14.382  1.00 16.84 ? 365 HOH A O   1 
HETATM 1455 O  O   . HOH E 5 .   ? -7.352  5.601   -10.591 1.00 18.71 ? 366 HOH A O   1 
HETATM 1456 O  O   . HOH E 5 .   ? -5.255  -5.812  12.708  1.00 17.29 ? 367 HOH A O   1 
HETATM 1457 O  O   . HOH E 5 .   ? 12.889  -16.230 9.589   1.00 26.88 ? 368 HOH A O   1 
HETATM 1458 O  O   . HOH E 5 .   ? 18.551  13.575  -6.176  1.00 17.69 ? 369 HOH A O   1 
HETATM 1459 O  O   . HOH E 5 .   ? -14.475 9.898   9.063   1.00 20.31 ? 370 HOH A O   1 
HETATM 1460 O  O   . HOH E 5 .   ? -14.872 7.541   10.063  1.00 26.49 ? 371 HOH A O   1 
HETATM 1461 O  O   . HOH E 5 .   ? -10.524 -5.865  7.678   1.00 23.57 ? 372 HOH A O   1 
HETATM 1462 O  O   . HOH E 5 .   ? -14.663 -8.092  -12.888 1.00 15.78 ? 373 HOH A O   1 
HETATM 1463 O  O   . HOH E 5 .   ? -9.888  -14.016 -1.229  1.00 24.88 ? 374 HOH A O   1 
HETATM 1464 O  O   . HOH E 5 .   ? -17.474 -15.541 2.444   1.00 26.51 ? 375 HOH A O   1 
HETATM 1465 O  O   . HOH E 5 .   ? -18.083 -14.737 -0.029  1.00 22.19 ? 376 HOH A O   1 
HETATM 1466 O  O   . HOH E 5 .   ? -17.327 -1.353  8.948   1.00 27.51 ? 377 HOH A O   1 
HETATM 1467 O  O   . HOH E 5 .   ? -16.205 5.857   10.915  1.00 23.31 ? 378 HOH A O   1 
HETATM 1468 O  O   . HOH E 5 .   ? -13.004 2.202   13.511  1.00 20.43 ? 379 HOH A O   1 
HETATM 1469 O  O   . HOH E 5 .   ? -6.484  -5.043  14.592  1.00 23.38 ? 380 HOH A O   1 
HETATM 1470 O  O   . HOH E 5 .   ? -6.321  -10.047 12.913  1.00 21.00 ? 381 HOH A O   1 
HETATM 1471 O  O   . HOH E 5 .   ? -3.371  -9.711  12.893  1.00 18.99 ? 382 HOH A O   1 
HETATM 1472 O  O   . HOH E 5 .   ? -1.338  -7.477  14.508  1.00 19.64 ? 383 HOH A O   1 
HETATM 1473 O  O   . HOH E 5 .   ? 5.015   2.808   14.789  1.00 19.00 ? 384 HOH A O   1 
HETATM 1474 O  O   . HOH E 5 .   ? -18.601 -12.576 -3.610  1.00 22.44 ? 385 HOH A O   1 
HETATM 1475 O  O   . HOH E 5 .   ? 13.791  -9.929  7.007   1.00 12.86 ? 386 HOH A O   1 
HETATM 1476 O  O   . HOH E 5 .   ? 14.771  11.164  3.871   1.00 14.18 ? 387 HOH A O   1 
HETATM 1477 O  O   . HOH E 5 .   ? 16.005  -6.306  0.068   1.00 18.57 ? 388 HOH A O   1 
HETATM 1478 O  O   . HOH E 5 .   ? 12.794  -3.223  -6.661  1.00 16.06 ? 389 HOH A O   1 
HETATM 1479 O  O   . HOH E 5 .   ? 16.737  -6.394  -2.446  1.00 22.57 ? 390 HOH A O   1 
HETATM 1480 O  O   . HOH E 5 .   ? 17.368  12.231  3.318   1.00 16.85 ? 391 HOH A O   1 
HETATM 1481 O  O   . HOH E 5 .   ? -6.133  -11.919 -8.929  1.00 18.51 ? 392 HOH A O   1 
HETATM 1482 O  O   . HOH E 5 .   ? 6.877   12.388  -13.613 1.00 19.53 ? 393 HOH A O   1 
HETATM 1483 O  O   . HOH E 5 .   ? -12.132 -2.635  -10.683 1.00 19.47 ? 394 HOH A O   1 
HETATM 1484 O  O   . HOH E 5 .   ? 5.800   -12.616 -7.210  1.00 21.23 ? 395 HOH A O   1 
HETATM 1485 O  O   . HOH E 5 .   ? -1.127  13.752  -5.093  1.00 25.86 ? 396 HOH A O   1 
HETATM 1486 O  O   . HOH E 5 .   ? -14.165 -7.228  -19.515 1.00 23.72 ? 397 HOH A O   1 
HETATM 1487 O  O   . HOH E 5 .   ? -1.478  -0.073  17.460  1.00 24.01 ? 398 HOH A O   1 
HETATM 1488 O  O   . HOH E 5 .   ? 20.166  14.531  -4.814  1.00 21.52 ? 399 HOH A O   1 
HETATM 1489 O  O   . HOH E 5 .   ? 13.320  11.385  6.622   1.00 19.08 ? 400 HOH A O   1 
HETATM 1490 O  O   . HOH E 5 .   ? -9.619  7.797   -4.624  1.00 21.72 ? 401 HOH A O   1 
HETATM 1491 O  O   . HOH E 5 .   ? -5.691  9.113   -0.810  1.00 16.09 ? 402 HOH A O   1 
HETATM 1492 O  O   . HOH E 5 .   ? -8.213  9.603   -0.984  1.00 21.83 ? 403 HOH A O   1 
HETATM 1493 O  O   . HOH E 5 .   ? -3.832  -15.752 4.445   1.00 19.21 ? 404 HOH A O   1 
HETATM 1494 O  O   . HOH E 5 .   ? -14.419 -10.980 -13.619 1.00 24.50 ? 405 HOH A O   1 
HETATM 1495 O  O   . HOH E 5 .   ? -1.817  -12.463 13.264  1.00 21.68 ? 406 HOH A O   1 
HETATM 1496 O  O   . HOH E 5 .   ? -0.966  -3.227  19.617  1.00 25.95 ? 407 HOH A O   1 
HETATM 1497 O  O   . HOH E 5 .   ? 0.108   -1.280  18.753  1.00 23.25 ? 408 HOH A O   1 
HETATM 1498 O  O   . HOH E 5 .   ? -14.947 -16.946 2.894   1.00 20.47 ? 409 HOH A O   1 
HETATM 1499 O  O   . HOH E 5 .   ? 1.453   -11.140 -8.211  1.00 12.14 ? 410 HOH A O   1 
HETATM 1500 O  O   . HOH E 5 .   ? -13.493 5.432   -2.555  1.00 24.45 ? 411 HOH A O   1 
HETATM 1501 O  O   . HOH E 5 .   ? 10.631  16.292  2.651   1.00 22.36 ? 412 HOH A O   1 
HETATM 1502 O  O   . HOH E 5 .   ? 8.545   18.253  -1.738  1.00 26.32 ? 413 HOH A O   1 
HETATM 1503 O  O   . HOH E 5 .   ? 5.492   18.971  -1.270  1.00 24.95 ? 414 HOH A O   1 
HETATM 1504 O  O   . HOH E 5 .   ? 2.984   15.133  -2.527  1.00 19.30 ? 415 HOH A O   1 
HETATM 1505 O  O   . HOH E 5 .   ? -1.783  11.663  12.726  1.00 23.18 ? 416 HOH A O   1 
HETATM 1506 O  O   . HOH E 5 .   ? 20.583  2.506   -8.886  0.25 22.42 ? 417 HOH A O   1 
HETATM 1507 O  O   . HOH E 5 .   ? 0.599   -14.582 18.414  1.00 15.79 ? 418 HOH A O   1 
HETATM 1508 O  O   . HOH E 5 .   ? -11.249 -13.380 5.986   1.00 22.96 ? 419 HOH A O   1 
HETATM 1509 O  O   . HOH E 5 .   ? -10.710 -3.776  12.720  1.00 23.86 ? 420 HOH A O   1 
HETATM 1510 O  O   . HOH E 5 .   ? 6.553   -11.594 -9.651  1.00 19.68 ? 421 HOH A O   1 
HETATM 1511 O  O   . HOH E 5 .   ? 5.775   -16.849 5.328   1.00 27.27 ? 422 HOH A O   1 
HETATM 1512 O  O   . HOH E 5 .   ? -2.213  -14.118 -4.758  1.00 18.07 ? 423 HOH A O   1 
HETATM 1513 O  O   . HOH E 5 .   ? 20.185  0.327   -8.598  0.25 28.74 ? 424 HOH A O   1 
HETATM 1514 O  O   . HOH E 5 .   ? 1.804   17.689  2.748   1.00 23.76 ? 425 HOH A O   1 
HETATM 1515 O  O   . HOH E 5 .   ? 9.447   18.283  0.747   1.00 26.34 ? 426 HOH A O   1 
HETATM 1516 O  O   . HOH E 5 .   ? 3.910   16.879  -0.243  1.00 23.47 ? 427 HOH A O   1 
HETATM 1517 O  O   . HOH E 5 .   ? -18.437 -10.239 4.101   1.00 29.17 ? 428 HOH A O   1 
HETATM 1518 O  O   . HOH E 5 .   ? -14.158 -0.840  12.502  1.00 23.42 ? 429 HOH A O   1 
HETATM 1519 O  O   . HOH E 5 .   ? 4.398   -16.446 10.888  1.00 26.27 ? 430 HOH A O   1 
HETATM 1520 O  O   . HOH E 5 .   ? -11.895 -6.274  11.294  1.00 23.74 ? 431 HOH A O   1 
HETATM 1521 O  O   . HOH E 5 .   ? -4.611  -13.183 -9.920  1.00 25.71 ? 432 HOH A O   1 
HETATM 1522 O  O   . HOH E 5 .   ? -3.005  12.731  5.370   1.00 22.84 ? 433 HOH A O   1 
HETATM 1523 O  O   . HOH E 5 .   ? -5.724  -14.443 -12.671 1.00 18.94 ? 434 HOH A O   1 
HETATM 1524 O  O   . HOH E 5 .   ? 8.008   18.066  -8.964  1.00 21.03 ? 435 HOH A O   1 
HETATM 1525 O  O   . HOH E 5 .   ? -9.714  -13.360 -17.632 1.00 19.07 ? 436 HOH A O   1 
HETATM 1526 O  O   . HOH E 5 .   ? 29.843  12.972  -2.347  1.00 22.08 ? 437 HOH A O   1 
HETATM 1527 O  O   . HOH E 5 .   ? 23.908  13.123  -6.561  1.00 18.85 ? 438 HOH A O   1 
HETATM 1528 O  O   . HOH E 5 .   ? -15.735 -3.068  -0.233  1.00 22.41 ? 439 HOH A O   1 
HETATM 1529 O  O   . HOH E 5 .   ? 13.129  8.553   9.842   1.00 25.38 ? 440 HOH A O   1 
HETATM 1530 O  O   . HOH E 5 .   ? -12.203 6.201   -15.567 1.00 29.49 ? 441 HOH A O   1 
HETATM 1531 O  O   . HOH E 5 .   ? 1.079   4.814   19.590  1.00 29.18 ? 442 HOH A O   1 
HETATM 1532 O  O   . HOH E 5 .   ? 12.327  -11.358 -6.367  1.00 22.02 ? 443 HOH A O   1 
HETATM 1533 O  O   . HOH E 5 .   ? -7.586  -16.196 -6.102  1.00 22.95 ? 444 HOH A O   1 
HETATM 1534 O  O   . HOH E 5 .   ? -12.697 -15.838 5.076   1.00 25.24 ? 445 HOH A O   1 
HETATM 1535 O  O   . HOH E 5 .   ? -0.752  12.805  -11.466 1.00 26.48 ? 446 HOH A O   1 
HETATM 1536 O  O   . HOH E 5 .   ? 19.159  16.449  -1.535  1.00 25.15 ? 447 HOH A O   1 
HETATM 1537 O  O   . HOH E 5 .   ? -8.592  -0.762  15.055  1.00 22.60 ? 448 HOH A O   1 
HETATM 1538 O  O   . HOH E 5 .   ? -19.133 2.048   7.274   1.00 31.04 ? 449 HOH A O   1 
HETATM 1539 O  O   . HOH E 5 .   ? -16.024 -5.838  -21.193 1.00 30.91 ? 450 HOH A O   1 
HETATM 1540 O  O   . HOH E 5 .   ? -13.130 -3.393  -13.857 1.00 24.39 ? 451 HOH A O   1 
HETATM 1541 O  O   . HOH E 5 .   ? -7.919  -7.148  12.543  1.00 24.38 ? 452 HOH A O   1 
HETATM 1542 O  O   . HOH E 5 .   ? -13.607 5.539   -10.532 1.00 28.93 ? 453 HOH A O   1 
HETATM 1543 O  O   . HOH E 5 .   ? 7.851   -16.680 3.676   1.00 24.48 ? 454 HOH A O   1 
HETATM 1544 O  O   . HOH E 5 .   ? -12.988 -1.619  -15.525 1.00 27.91 ? 455 HOH A O   1 
HETATM 1545 O  O   . HOH E 5 .   ? 21.656  14.220  -6.807  1.00 25.87 ? 456 HOH A O   1 
HETATM 1546 O  O   . HOH E 5 .   ? -8.737  -3.240  14.113  1.00 25.76 ? 457 HOH A O   1 
HETATM 1547 O  O   . HOH E 5 .   ? 7.204   -16.504 -1.344  1.00 18.59 ? 458 HOH A O   1 
HETATM 1548 O  O   . HOH E 5 .   ? -15.730 6.830   2.250   1.00 19.96 ? 459 HOH A O   1 
HETATM 1549 O  O   . HOH E 5 .   ? 6.951   15.244  7.376   1.00 21.32 ? 460 HOH A O   1 
HETATM 1550 O  O   . HOH E 5 .   ? 1.572   -11.928 16.755  1.00 26.64 ? 461 HOH A O   1 
HETATM 1551 O  O   . HOH E 5 .   ? -17.943 6.735   -4.124  1.00 24.88 ? 462 HOH A O   1 
HETATM 1552 O  O   . HOH E 5 .   ? 17.150  -0.443  -6.829  1.00 15.79 ? 463 HOH A O   1 
HETATM 1553 O  O   . HOH E 5 .   ? 3.652   16.765  5.672   1.00 24.90 ? 464 HOH A O   1 
HETATM 1554 O  O   . HOH E 5 .   ? -7.218  9.947   15.762  1.00 26.84 ? 465 HOH A O   1 
HETATM 1555 O  O   . HOH E 5 .   ? -17.389 -5.099  -19.579 1.00 28.21 ? 466 HOH A O   1 
HETATM 1556 O  O   . HOH E 5 .   ? -13.770 3.384   -14.764 1.00 28.08 ? 467 HOH A O   1 
HETATM 1557 O  O   . HOH E 5 .   ? 14.320  -10.200 -4.913  1.00 19.23 ? 468 HOH A O   1 
HETATM 1558 O  O   . HOH E 5 .   ? 0.465   -15.904 -1.784  1.00 24.41 ? 469 HOH A O   1 
HETATM 1559 O  O   . HOH E 5 .   ? 7.152   -4.205  -12.979 1.00 22.96 ? 470 HOH A O   1 
HETATM 1560 O  O   . HOH E 5 .   ? -9.844  9.335   -13.075 1.00 27.71 ? 471 HOH A O   1 
HETATM 1561 O  O   . HOH E 5 .   ? 2.533   -16.505 -6.947  1.00 32.98 ? 472 HOH A O   1 
HETATM 1562 O  O   . HOH E 5 .   ? -13.692 8.383   -2.134  1.00 31.65 ? 473 HOH A O   1 
HETATM 1563 O  O   . HOH E 5 .   ? 13.393  -13.923 -4.453  1.00 27.42 ? 474 HOH A O   1 
HETATM 1564 O  O   . HOH E 5 .   ? -11.244 -7.474  9.701   1.00 26.14 ? 475 HOH A O   1 
HETATM 1565 O  O   . HOH E 5 .   ? 0.698   -16.618 3.315   1.00 21.85 ? 476 HOH A O   1 
HETATM 1566 O  O   . HOH E 5 .   ? 7.153   17.053  -5.821  1.00 31.96 ? 477 HOH A O   1 
# 
loop_
_pdbx_poly_seq_scheme.asym_id 
_pdbx_poly_seq_scheme.entity_id 
_pdbx_poly_seq_scheme.seq_id 
_pdbx_poly_seq_scheme.mon_id 
_pdbx_poly_seq_scheme.ndb_seq_num 
_pdbx_poly_seq_scheme.pdb_seq_num 
_pdbx_poly_seq_scheme.auth_seq_num 
_pdbx_poly_seq_scheme.pdb_mon_id 
_pdbx_poly_seq_scheme.auth_mon_id 
_pdbx_poly_seq_scheme.pdb_strand_id 
_pdbx_poly_seq_scheme.pdb_ins_code 
_pdbx_poly_seq_scheme.hetero 
A 1 1   MET 1   1   1   MET MET A . n 
A 1 2   GLN 2   2   2   GLN GLN A . n 
A 1 3   GLN 3   3   3   GLN GLN A . n 
A 1 4   LYS 4   4   4   LYS LYS A . n 
A 1 5   LEU 5   5   5   LEU LEU A . n 
A 1 6   GLU 6   6   6   GLU GLU A . n 
A 1 7   ASN 7   7   7   ASN ASN A . n 
A 1 8   ILE 8   8   8   ILE ILE A . n 
A 1 9   LYS 9   9   9   LYS LYS A . n 
A 1 10  PHE 10  10  10  PHE PHE A . n 
A 1 11  VAL 11  11  11  VAL VAL A . n 
A 1 12  ILE 12  12  12  ILE ILE A . n 
A 1 13  THR 13  13  13  THR THR A . n 
A 1 14  ASP 14  14  14  ASP ASP A . n 
A 1 15  VAL 15  15  15  VAL VAL A . n 
A 1 16  ASP 16  16  16  ASP ASP A . n 
A 1 17  GLY 17  17  17  GLY GLY A . n 
A 1 18  VAL 18  18  18  VAL VAL A . n 
A 1 19  LEU 19  19  19  LEU LEU A . n 
A 1 20  THR 20  20  20  THR THR A . n 
A 1 21  ASP 21  21  21  ASP ASP A . n 
A 1 22  GLY 22  22  22  GLY GLY A . n 
A 1 23  GLN 23  23  23  GLN GLN A . n 
A 1 24  LEU 24  24  24  LEU LEU A . n 
A 1 25  HIS 25  25  25  HIS HIS A . n 
A 1 26  TYR 26  26  26  TYR TYR A . n 
A 1 27  ASP 27  27  27  ASP ASP A . n 
A 1 28  ALA 28  28  28  ALA ALA A . n 
A 1 29  ASN 29  29  29  ASN ASN A . n 
A 1 30  GLY 30  30  30  GLY GLY A . n 
A 1 31  GLU 31  31  31  GLU GLU A . n 
A 1 32  ALA 32  32  32  ALA ALA A . n 
A 1 33  ILE 33  33  33  ILE ILE A . n 
A 1 34  LYS 34  34  34  LYS LYS A . n 
A 1 35  SER 35  35  35  SER SER A . n 
A 1 36  PHE 36  36  36  PHE PHE A . n 
A 1 37  HIS 37  37  37  HIS HIS A . n 
A 1 38  VAL 38  38  38  VAL VAL A . n 
A 1 39  ARG 39  39  39  ARG ARG A . n 
A 1 40  ASP 40  40  40  ASP ASP A . n 
A 1 41  GLY 41  41  41  GLY GLY A . n 
A 1 42  LEU 42  42  42  LEU LEU A . n 
A 1 43  GLY 43  43  43  GLY GLY A . n 
A 1 44  ILE 44  44  44  ILE ILE A . n 
A 1 45  LYS 45  45  45  LYS LYS A . n 
A 1 46  MET 46  46  46  MET MET A . n 
A 1 47  LEU 47  47  47  LEU LEU A . n 
A 1 48  MET 48  48  48  MET MET A . n 
A 1 49  ASP 49  49  49  ASP ASP A . n 
A 1 50  ALA 50  50  50  ALA ALA A . n 
A 1 51  ASP 51  51  51  ASP ASP A . n 
A 1 52  ILE 52  52  52  ILE ILE A . n 
A 1 53  GLN 53  53  53  GLN GLN A . n 
A 1 54  VAL 54  54  54  VAL VAL A . n 
A 1 55  ALA 55  55  55  ALA ALA A . n 
A 1 56  VAL 56  56  56  VAL VAL A . n 
A 1 57  LEU 57  57  57  LEU LEU A . n 
A 1 58  SER 58  58  58  SER SER A . n 
A 1 59  GLY 59  59  59  GLY GLY A . n 
A 1 60  ARG 60  60  60  ARG ARG A . n 
A 1 61  ASP 61  61  61  ASP ASP A . n 
A 1 62  SER 62  62  62  SER SER A . n 
A 1 63  PRO 63  63  63  PRO PRO A . n 
A 1 64  ILE 64  64  64  ILE ILE A . n 
A 1 65  LEU 65  65  65  LEU LEU A . n 
A 1 66  ARG 66  66  66  ARG ARG A . n 
A 1 67  ARG 67  67  67  ARG ARG A . n 
A 1 68  ARG 68  68  68  ARG ARG A . n 
A 1 69  ILE 69  69  69  ILE ILE A . n 
A 1 70  ALA 70  70  70  ALA ALA A . n 
A 1 71  ASP 71  71  71  ASP ASP A . n 
A 1 72  LEU 72  72  72  LEU LEU A . n 
A 1 73  GLY 73  73  73  GLY GLY A . n 
A 1 74  ILE 74  74  74  ILE ILE A . n 
A 1 75  LYS 75  75  75  LYS LYS A . n 
A 1 76  LEU 76  76  76  LEU LEU A . n 
A 1 77  PHE 77  77  77  PHE PHE A . n 
A 1 78  PHE 78  78  78  PHE PHE A . n 
A 1 79  LEU 79  79  79  LEU LEU A . n 
A 1 80  GLY 80  80  80  GLY GLY A . n 
A 1 81  LYS 81  81  81  LYS LYS A . n 
A 1 82  LEU 82  82  82  LEU LEU A . n 
A 1 83  GLU 83  83  83  GLU GLU A . n 
A 1 84  LYS 84  84  84  LYS LYS A . n 
A 1 85  GLU 85  85  85  GLU GLU A . n 
A 1 86  THR 86  86  86  THR THR A . n 
A 1 87  ALA 87  87  87  ALA ALA A . n 
A 1 88  CYS 88  88  88  CYS CYS A . n 
A 1 89  PHE 89  89  89  PHE PHE A . n 
A 1 90  ASP 90  90  90  ASP ASP A . n 
A 1 91  LEU 91  91  91  LEU LEU A . n 
A 1 92  MET 92  92  92  MET MET A . n 
A 1 93  LYS 93  93  93  LYS LYS A . n 
A 1 94  GLN 94  94  94  GLN GLN A . n 
A 1 95  ALA 95  95  95  ALA ALA A . n 
A 1 96  GLY 96  96  96  GLY GLY A . n 
A 1 97  VAL 97  97  97  VAL VAL A . n 
A 1 98  THR 98  98  98  THR THR A . n 
A 1 99  ALA 99  99  99  ALA ALA A . n 
A 1 100 GLU 100 100 100 GLU GLU A . n 
A 1 101 GLN 101 101 101 GLN GLN A . n 
A 1 102 THR 102 102 102 THR THR A . n 
A 1 103 ALA 103 103 103 ALA ALA A . n 
A 1 104 TYR 104 104 104 TYR TYR A . n 
A 1 105 ILE 105 105 105 ILE ILE A . n 
A 1 106 GLY 106 106 106 GLY GLY A . n 
A 1 107 ASP 107 107 107 ASP ASP A . n 
A 1 108 ASP 108 108 108 ASP ASP A . n 
A 1 109 SER 109 109 109 SER SER A . n 
A 1 110 VAL 110 110 110 VAL VAL A . n 
A 1 111 ASP 111 111 111 ASP ASP A . n 
A 1 112 LEU 112 112 112 LEU LEU A . n 
A 1 113 PRO 113 113 113 PRO PRO A . n 
A 1 114 ALA 114 114 114 ALA ALA A . n 
A 1 115 PHE 115 115 115 PHE PHE A . n 
A 1 116 ALA 116 116 116 ALA ALA A . n 
A 1 117 ALA 117 117 117 ALA ALA A . n 
A 1 118 CYS 118 118 118 CYS CYS A . n 
A 1 119 GLY 119 119 119 GLY GLY A . n 
A 1 120 THR 120 120 120 THR THR A . n 
A 1 121 SER 121 121 121 SER SER A . n 
A 1 122 PHE 122 122 122 PHE PHE A . n 
A 1 123 ALA 123 123 123 ALA ALA A . n 
A 1 124 VAL 124 124 124 VAL VAL A . n 
A 1 125 ALA 125 125 125 ALA ALA A . n 
A 1 126 ASP 126 126 126 ASP ASP A . n 
A 1 127 ALA 127 127 127 ALA ALA A . n 
A 1 128 PRO 128 128 128 PRO PRO A . n 
A 1 129 ILE 129 129 129 ILE ILE A . n 
A 1 130 TYR 130 130 130 TYR TYR A . n 
A 1 131 VAL 131 131 131 VAL VAL A . n 
A 1 132 LYS 132 132 132 LYS LYS A . n 
A 1 133 ASN 133 133 133 ASN ASN A . n 
A 1 134 ALA 134 134 134 ALA ALA A . n 
A 1 135 VAL 135 135 135 VAL VAL A . n 
A 1 136 ASP 136 136 136 ASP ASP A . n 
A 1 137 HIS 137 137 137 HIS HIS A . n 
A 1 138 VAL 138 138 138 VAL VAL A . n 
A 1 139 LEU 139 139 139 LEU LEU A . n 
A 1 140 SER 140 140 140 SER SER A . n 
A 1 141 THR 141 141 141 THR THR A . n 
A 1 142 HIS 142 142 142 HIS HIS A . n 
A 1 143 GLY 143 143 143 GLY GLY A . n 
A 1 144 GLY 144 144 144 GLY GLY A . n 
A 1 145 LYS 145 145 145 LYS LYS A . n 
A 1 146 GLY 146 146 146 GLY GLY A . n 
A 1 147 ALA 147 147 147 ALA ALA A . n 
A 1 148 PHE 148 148 148 PHE PHE A . n 
A 1 149 ARG 149 149 149 ARG ARG A . n 
A 1 150 GLU 150 150 150 GLU GLU A . n 
A 1 151 MET 151 151 151 MET MET A . n 
A 1 152 SER 152 152 152 SER SER A . n 
A 1 153 ASP 153 153 153 ASP ASP A . n 
A 1 154 MET 154 154 154 MET MET A . n 
A 1 155 ILE 155 155 155 ILE ILE A . n 
A 1 156 LEU 156 156 156 LEU LEU A . n 
A 1 157 GLN 157 157 157 GLN GLN A . n 
A 1 158 ALA 158 158 158 ALA ALA A . n 
A 1 159 GLN 159 159 159 GLN GLN A . n 
A 1 160 GLY 160 160 160 GLY GLY A . n 
A 1 161 LYS 161 161 161 LYS LYS A . n 
A 1 162 SER 162 162 162 SER SER A . n 
A 1 163 SER 163 163 163 SER SER A . n 
A 1 164 VAL 164 164 164 VAL VAL A . n 
A 1 165 PHE 165 165 165 PHE PHE A . n 
A 1 166 ASP 166 166 166 ASP ASP A . n 
A 1 167 THR 167 167 167 THR THR A . n 
A 1 168 ALA 168 168 168 ALA ALA A . n 
A 1 169 GLN 169 169 169 GLN GLN A . n 
A 1 170 GLY 170 170 170 GLY GLY A . n 
A 1 171 PHE 171 171 171 PHE PHE A . n 
A 1 172 LEU 172 172 172 LEU LEU A . n 
A 1 173 LYS 173 173 173 LYS LYS A . n 
A 1 174 SER 174 174 174 SER SER A . n 
A 1 175 VAL 175 175 175 VAL VAL A . n 
A 1 176 LYS 176 176 176 LYS LYS A . n 
A 1 177 SER 177 177 177 SER SER A . n 
A 1 178 MET 178 178 178 MET MET A . n 
A 1 179 GLY 179 179 179 GLY GLY A . n 
A 1 180 GLN 180 180 ?   ?   ?   A . n 
# 
loop_
_pdbx_nonpoly_scheme.asym_id 
_pdbx_nonpoly_scheme.entity_id 
_pdbx_nonpoly_scheme.mon_id 
_pdbx_nonpoly_scheme.ndb_seq_num 
_pdbx_nonpoly_scheme.pdb_seq_num 
_pdbx_nonpoly_scheme.auth_seq_num 
_pdbx_nonpoly_scheme.pdb_mon_id 
_pdbx_nonpoly_scheme.auth_mon_id 
_pdbx_nonpoly_scheme.pdb_strand_id 
_pdbx_nonpoly_scheme.pdb_ins_code 
B 2 MG  1   201 201 MG  MG  A . 
C 3 VN4 1   202 202 VN4 VN4 A . 
D 4 KDO 1   203 203 KDO KDO A . 
E 5 HOH 1   301 1   HOH HOH A . 
E 5 HOH 2   302 2   HOH HOH A . 
E 5 HOH 3   303 3   HOH HOH A . 
E 5 HOH 4   304 4   HOH HOH A . 
E 5 HOH 5   305 5   HOH HOH A . 
E 5 HOH 6   306 6   HOH HOH A . 
E 5 HOH 7   307 7   HOH HOH A . 
E 5 HOH 8   308 8   HOH HOH A . 
E 5 HOH 9   309 9   HOH HOH A . 
E 5 HOH 10  310 10  HOH HOH A . 
E 5 HOH 11  311 11  HOH HOH A . 
E 5 HOH 12  312 12  HOH HOH A . 
E 5 HOH 13  313 13  HOH HOH A . 
E 5 HOH 14  314 14  HOH HOH A . 
E 5 HOH 15  315 15  HOH HOH A . 
E 5 HOH 16  316 16  HOH HOH A . 
E 5 HOH 17  317 17  HOH HOH A . 
E 5 HOH 18  318 18  HOH HOH A . 
E 5 HOH 19  319 19  HOH HOH A . 
E 5 HOH 20  320 20  HOH HOH A . 
E 5 HOH 21  321 21  HOH HOH A . 
E 5 HOH 22  322 22  HOH HOH A . 
E 5 HOH 23  323 23  HOH HOH A . 
E 5 HOH 24  324 24  HOH HOH A . 
E 5 HOH 25  325 25  HOH HOH A . 
E 5 HOH 26  326 26  HOH HOH A . 
E 5 HOH 27  327 27  HOH HOH A . 
E 5 HOH 28  328 28  HOH HOH A . 
E 5 HOH 29  329 29  HOH HOH A . 
E 5 HOH 30  330 30  HOH HOH A . 
E 5 HOH 31  331 31  HOH HOH A . 
E 5 HOH 32  332 32  HOH HOH A . 
E 5 HOH 33  333 33  HOH HOH A . 
E 5 HOH 34  334 34  HOH HOH A . 
E 5 HOH 35  335 35  HOH HOH A . 
E 5 HOH 36  336 36  HOH HOH A . 
E 5 HOH 37  337 37  HOH HOH A . 
E 5 HOH 38  338 38  HOH HOH A . 
E 5 HOH 39  339 39  HOH HOH A . 
E 5 HOH 40  340 40  HOH HOH A . 
E 5 HOH 41  341 41  HOH HOH A . 
E 5 HOH 42  342 42  HOH HOH A . 
E 5 HOH 43  343 43  HOH HOH A . 
E 5 HOH 44  344 44  HOH HOH A . 
E 5 HOH 45  345 45  HOH HOH A . 
E 5 HOH 46  346 46  HOH HOH A . 
E 5 HOH 47  347 47  HOH HOH A . 
E 5 HOH 48  348 48  HOH HOH A . 
E 5 HOH 49  349 49  HOH HOH A . 
E 5 HOH 50  350 50  HOH HOH A . 
E 5 HOH 51  351 51  HOH HOH A . 
E 5 HOH 52  352 52  HOH HOH A . 
E 5 HOH 53  353 53  HOH HOH A . 
E 5 HOH 54  354 54  HOH HOH A . 
E 5 HOH 55  355 55  HOH HOH A . 
E 5 HOH 56  356 56  HOH HOH A . 
E 5 HOH 57  357 57  HOH HOH A . 
E 5 HOH 58  358 58  HOH HOH A . 
E 5 HOH 59  359 59  HOH HOH A . 
E 5 HOH 60  360 60  HOH HOH A . 
E 5 HOH 61  361 61  HOH HOH A . 
E 5 HOH 62  362 62  HOH HOH A . 
E 5 HOH 63  363 63  HOH HOH A . 
E 5 HOH 64  364 64  HOH HOH A . 
E 5 HOH 65  365 65  HOH HOH A . 
E 5 HOH 66  366 66  HOH HOH A . 
E 5 HOH 67  367 67  HOH HOH A . 
E 5 HOH 68  368 68  HOH HOH A . 
E 5 HOH 69  369 69  HOH HOH A . 
E 5 HOH 70  370 70  HOH HOH A . 
E 5 HOH 71  371 71  HOH HOH A . 
E 5 HOH 72  372 72  HOH HOH A . 
E 5 HOH 73  373 73  HOH HOH A . 
E 5 HOH 74  374 74  HOH HOH A . 
E 5 HOH 75  375 75  HOH HOH A . 
E 5 HOH 76  376 76  HOH HOH A . 
E 5 HOH 77  377 77  HOH HOH A . 
E 5 HOH 78  378 78  HOH HOH A . 
E 5 HOH 79  379 79  HOH HOH A . 
E 5 HOH 80  380 80  HOH HOH A . 
E 5 HOH 81  381 81  HOH HOH A . 
E 5 HOH 82  382 82  HOH HOH A . 
E 5 HOH 83  383 83  HOH HOH A . 
E 5 HOH 84  384 84  HOH HOH A . 
E 5 HOH 85  385 85  HOH HOH A . 
E 5 HOH 86  386 86  HOH HOH A . 
E 5 HOH 87  387 87  HOH HOH A . 
E 5 HOH 88  388 88  HOH HOH A . 
E 5 HOH 89  389 89  HOH HOH A . 
E 5 HOH 90  390 90  HOH HOH A . 
E 5 HOH 91  391 91  HOH HOH A . 
E 5 HOH 92  392 92  HOH HOH A . 
E 5 HOH 93  393 93  HOH HOH A . 
E 5 HOH 94  394 94  HOH HOH A . 
E 5 HOH 95  395 95  HOH HOH A . 
E 5 HOH 96  396 96  HOH HOH A . 
E 5 HOH 97  397 97  HOH HOH A . 
E 5 HOH 98  398 98  HOH HOH A . 
E 5 HOH 99  399 99  HOH HOH A . 
E 5 HOH 100 400 100 HOH HOH A . 
E 5 HOH 101 401 101 HOH HOH A . 
E 5 HOH 102 402 102 HOH HOH A . 
E 5 HOH 103 403 103 HOH HOH A . 
E 5 HOH 104 404 104 HOH HOH A . 
E 5 HOH 105 405 105 HOH HOH A . 
E 5 HOH 106 406 106 HOH HOH A . 
E 5 HOH 107 407 107 HOH HOH A . 
E 5 HOH 108 408 108 HOH HOH A . 
E 5 HOH 109 409 109 HOH HOH A . 
E 5 HOH 110 410 110 HOH HOH A . 
E 5 HOH 111 411 111 HOH HOH A . 
E 5 HOH 112 412 112 HOH HOH A . 
E 5 HOH 113 413 113 HOH HOH A . 
E 5 HOH 114 414 114 HOH HOH A . 
E 5 HOH 115 415 115 HOH HOH A . 
E 5 HOH 116 416 116 HOH HOH A . 
E 5 HOH 117 417 117 HOH HOH A . 
E 5 HOH 118 418 118 HOH HOH A . 
E 5 HOH 119 419 119 HOH HOH A . 
E 5 HOH 120 420 120 HOH HOH A . 
E 5 HOH 121 421 121 HOH HOH A . 
E 5 HOH 122 422 122 HOH HOH A . 
E 5 HOH 123 423 123 HOH HOH A . 
E 5 HOH 124 424 124 HOH HOH A . 
E 5 HOH 125 425 125 HOH HOH A . 
E 5 HOH 126 426 126 HOH HOH A . 
E 5 HOH 127 427 127 HOH HOH A . 
E 5 HOH 128 428 128 HOH HOH A . 
E 5 HOH 129 429 129 HOH HOH A . 
E 5 HOH 130 430 130 HOH HOH A . 
E 5 HOH 131 431 131 HOH HOH A . 
E 5 HOH 132 432 132 HOH HOH A . 
E 5 HOH 133 433 133 HOH HOH A . 
E 5 HOH 134 434 134 HOH HOH A . 
E 5 HOH 135 435 135 HOH HOH A . 
E 5 HOH 136 436 136 HOH HOH A . 
E 5 HOH 137 437 137 HOH HOH A . 
E 5 HOH 138 438 138 HOH HOH A . 
E 5 HOH 139 439 139 HOH HOH A . 
E 5 HOH 140 440 140 HOH HOH A . 
E 5 HOH 141 441 141 HOH HOH A . 
E 5 HOH 142 442 142 HOH HOH A . 
E 5 HOH 143 443 143 HOH HOH A . 
E 5 HOH 144 444 144 HOH HOH A . 
E 5 HOH 145 445 145 HOH HOH A . 
E 5 HOH 146 446 146 HOH HOH A . 
E 5 HOH 147 447 147 HOH HOH A . 
E 5 HOH 148 448 148 HOH HOH A . 
E 5 HOH 149 449 149 HOH HOH A . 
E 5 HOH 150 450 150 HOH HOH A . 
E 5 HOH 151 451 151 HOH HOH A . 
E 5 HOH 152 452 152 HOH HOH A . 
E 5 HOH 153 453 153 HOH HOH A . 
E 5 HOH 154 454 154 HOH HOH A . 
E 5 HOH 155 455 155 HOH HOH A . 
E 5 HOH 156 456 156 HOH HOH A . 
E 5 HOH 157 457 157 HOH HOH A . 
E 5 HOH 158 458 158 HOH HOH A . 
E 5 HOH 159 459 159 HOH HOH A . 
E 5 HOH 160 460 160 HOH HOH A . 
E 5 HOH 161 461 161 HOH HOH A . 
E 5 HOH 162 462 162 HOH HOH A . 
E 5 HOH 163 463 163 HOH HOH A . 
E 5 HOH 164 464 164 HOH HOH A . 
E 5 HOH 165 465 165 HOH HOH A . 
E 5 HOH 166 466 166 HOH HOH A . 
E 5 HOH 167 467 167 HOH HOH A . 
E 5 HOH 168 468 168 HOH HOH A . 
E 5 HOH 169 469 169 HOH HOH A . 
E 5 HOH 170 470 170 HOH HOH A . 
E 5 HOH 171 471 171 HOH HOH A . 
E 5 HOH 172 472 172 HOH HOH A . 
E 5 HOH 173 473 173 HOH HOH A . 
E 5 HOH 174 474 174 HOH HOH A . 
E 5 HOH 175 475 175 HOH HOH A . 
E 5 HOH 176 476 176 HOH HOH A . 
E 5 HOH 177 477 177 HOH HOH A . 
# 
_pdbx_struct_assembly.id                   1 
_pdbx_struct_assembly.details              author_and_software_defined_assembly 
_pdbx_struct_assembly.method_details       PISA 
_pdbx_struct_assembly.oligomeric_details   tetrameric 
_pdbx_struct_assembly.oligomeric_count     4 
# 
_pdbx_struct_assembly_gen.assembly_id       1 
_pdbx_struct_assembly_gen.oper_expression   1,2,3,4 
_pdbx_struct_assembly_gen.asym_id_list      A,B,C,D,E 
# 
loop_
_pdbx_struct_assembly_prop.biol_id 
_pdbx_struct_assembly_prop.type 
_pdbx_struct_assembly_prop.value 
_pdbx_struct_assembly_prop.details 
1 'ABSA (A^2)' 12550 ? 
1 MORE         -89   ? 
1 'SSA (A^2)'  23710 ? 
# 
loop_
_pdbx_struct_oper_list.id 
_pdbx_struct_oper_list.type 
_pdbx_struct_oper_list.name 
_pdbx_struct_oper_list.symmetry_operation 
_pdbx_struct_oper_list.matrix[1][1] 
_pdbx_struct_oper_list.matrix[1][2] 
_pdbx_struct_oper_list.matrix[1][3] 
_pdbx_struct_oper_list.vector[1] 
_pdbx_struct_oper_list.matrix[2][1] 
_pdbx_struct_oper_list.matrix[2][2] 
_pdbx_struct_oper_list.matrix[2][3] 
_pdbx_struct_oper_list.vector[2] 
_pdbx_struct_oper_list.matrix[3][1] 
_pdbx_struct_oper_list.matrix[3][2] 
_pdbx_struct_oper_list.matrix[3][3] 
_pdbx_struct_oper_list.vector[3] 
1 'identity operation'         1_555 x,y,z   1.0000000000  0.0000000000 0.0000000000  0.0000000000  0.0000000000 1.0000000000 0.0000000000  0.0000000000  0.0000000000  0.0000000000  1.0000000000  0.0000000000   
2 'crystal symmetry operation' 2_555 -x,-y,z -0.9365464703 0.3475249814 -0.0459031189 38.5807740335 0.3475249814 0.9033395496 -0.2514041476 -9.1446840347 -0.0459031189 -0.2514041476 -0.9667930793 -15.9013128905 
3 'crystal symmetry operation' 3_555 -y,x,z  0.0317267649  0.0449080754 -0.9984871943 10.9450718770 0.3026169060 0.9516697748 0.0524180117  -5.6418219512 0.9525840753  -0.3038221593 0.0166034603  -27.5835423406 
4 'crystal symmetry operation' 4_555 y,-x,z  0.0317267649  0.3026169060 0.9525840753  27.6357021564 0.0449080754 0.9516697748 -0.3038221593 -3.5028620835 -0.9984871943 0.0524180117  0.0166034603  11.6822294501 
# 
loop_
_pdbx_struct_special_symmetry.id 
_pdbx_struct_special_symmetry.PDB_model_num 
_pdbx_struct_special_symmetry.auth_asym_id 
_pdbx_struct_special_symmetry.auth_comp_id 
_pdbx_struct_special_symmetry.auth_seq_id 
_pdbx_struct_special_symmetry.PDB_ins_code 
_pdbx_struct_special_symmetry.label_asym_id 
_pdbx_struct_special_symmetry.label_comp_id 
_pdbx_struct_special_symmetry.label_seq_id 
1 1 A HOH 417 ? E HOH . 
2 1 A HOH 424 ? E HOH . 
# 
loop_
_pdbx_struct_conn_angle.id 
_pdbx_struct_conn_angle.ptnr1_label_atom_id 
_pdbx_struct_conn_angle.ptnr1_label_alt_id 
_pdbx_struct_conn_angle.ptnr1_label_asym_id 
_pdbx_struct_conn_angle.ptnr1_label_comp_id 
_pdbx_struct_conn_angle.ptnr1_label_seq_id 
_pdbx_struct_conn_angle.ptnr1_auth_atom_id 
_pdbx_struct_conn_angle.ptnr1_auth_asym_id 
_pdbx_struct_conn_angle.ptnr1_auth_comp_id 
_pdbx_struct_conn_angle.ptnr1_auth_seq_id 
_pdbx_struct_conn_angle.ptnr1_PDB_ins_code 
_pdbx_struct_conn_angle.ptnr1_symmetry 
_pdbx_struct_conn_angle.ptnr2_label_atom_id 
_pdbx_struct_conn_angle.ptnr2_label_alt_id 
_pdbx_struct_conn_angle.ptnr2_label_asym_id 
_pdbx_struct_conn_angle.ptnr2_label_comp_id 
_pdbx_struct_conn_angle.ptnr2_label_seq_id 
_pdbx_struct_conn_angle.ptnr2_auth_atom_id 
_pdbx_struct_conn_angle.ptnr2_auth_asym_id 
_pdbx_struct_conn_angle.ptnr2_auth_comp_id 
_pdbx_struct_conn_angle.ptnr2_auth_seq_id 
_pdbx_struct_conn_angle.ptnr2_PDB_ins_code 
_pdbx_struct_conn_angle.ptnr2_symmetry 
_pdbx_struct_conn_angle.ptnr3_label_atom_id 
_pdbx_struct_conn_angle.ptnr3_label_alt_id 
_pdbx_struct_conn_angle.ptnr3_label_asym_id 
_pdbx_struct_conn_angle.ptnr3_label_comp_id 
_pdbx_struct_conn_angle.ptnr3_label_seq_id 
_pdbx_struct_conn_angle.ptnr3_auth_atom_id 
_pdbx_struct_conn_angle.ptnr3_auth_asym_id 
_pdbx_struct_conn_angle.ptnr3_auth_comp_id 
_pdbx_struct_conn_angle.ptnr3_auth_seq_id 
_pdbx_struct_conn_angle.ptnr3_PDB_ins_code 
_pdbx_struct_conn_angle.ptnr3_symmetry 
_pdbx_struct_conn_angle.value 
_pdbx_struct_conn_angle.value_esd 
1  OD2 ? A ASP 14  ? A ASP 14  ? 1_555 MG ? B MG  . ? A MG  201 ? 1_555 O   ? A ASP 16  ? A ASP 16  ? 1_555 91.1  ? 
2  OD2 ? A ASP 14  ? A ASP 14  ? 1_555 MG ? B MG  . ? A MG  201 ? 1_555 OD1 ? A ASP 107 ? A ASP 107 ? 1_555 96.2  ? 
3  O   ? A ASP 16  ? A ASP 16  ? 1_555 MG ? B MG  . ? A MG  201 ? 1_555 OD1 ? A ASP 107 ? A ASP 107 ? 1_555 87.4  ? 
4  OD2 ? A ASP 14  ? A ASP 14  ? 1_555 MG ? B MG  . ? A MG  201 ? 1_555 O   ? E HOH .   ? A HOH 301 ? 1_555 176.1 ? 
5  O   ? A ASP 16  ? A ASP 16  ? 1_555 MG ? B MG  . ? A MG  201 ? 1_555 O   ? E HOH .   ? A HOH 301 ? 1_555 86.3  ? 
6  OD1 ? A ASP 107 ? A ASP 107 ? 1_555 MG ? B MG  . ? A MG  201 ? 1_555 O   ? E HOH .   ? A HOH 301 ? 1_555 86.5  ? 
7  OD2 ? A ASP 14  ? A ASP 14  ? 1_555 MG ? B MG  . ? A MG  201 ? 1_555 O   ? E HOH .   ? A HOH 302 ? 1_555 91.0  ? 
8  O   ? A ASP 16  ? A ASP 16  ? 1_555 MG ? B MG  . ? A MG  201 ? 1_555 O   ? E HOH .   ? A HOH 302 ? 1_555 176.0 ? 
9  OD1 ? A ASP 107 ? A ASP 107 ? 1_555 MG ? B MG  . ? A MG  201 ? 1_555 O   ? E HOH .   ? A HOH 302 ? 1_555 95.7  ? 
10 O   ? E HOH .   ? A HOH 301 ? 1_555 MG ? B MG  . ? A MG  201 ? 1_555 O   ? E HOH .   ? A HOH 302 ? 1_555 91.5  ? 
11 OD1 ? A ASP 14  ? A ASP 14  ? 1_555 V  ? C VN4 . ? A VN4 202 ? 1_555 O1  ? C VN4 .   ? A VN4 202 ? 1_555 82.6  ? 
12 OD1 ? A ASP 14  ? A ASP 14  ? 1_555 V  ? C VN4 . ? A VN4 202 ? 1_555 O2  ? C VN4 .   ? A VN4 202 ? 1_555 97.5  ? 
13 O1  ? C VN4 .   ? A VN4 202 ? 1_555 V  ? C VN4 . ? A VN4 202 ? 1_555 O2  ? C VN4 .   ? A VN4 202 ? 1_555 122.3 ? 
14 OD1 ? A ASP 14  ? A ASP 14  ? 1_555 V  ? C VN4 . ? A VN4 202 ? 1_555 O3  ? C VN4 .   ? A VN4 202 ? 1_555 82.6  ? 
15 O1  ? C VN4 .   ? A VN4 202 ? 1_555 V  ? C VN4 . ? A VN4 202 ? 1_555 O3  ? C VN4 .   ? A VN4 202 ? 1_555 117.7 ? 
16 O2  ? C VN4 .   ? A VN4 202 ? 1_555 V  ? C VN4 . ? A VN4 202 ? 1_555 O3  ? C VN4 .   ? A VN4 202 ? 1_555 119.5 ? 
17 OD1 ? A ASP 14  ? A ASP 14  ? 1_555 V  ? C VN4 . ? A VN4 202 ? 1_555 O8  A D KDO .   ? A KDO 203 ? 1_555 173.2 ? 
18 O1  ? C VN4 .   ? A VN4 202 ? 1_555 V  ? C VN4 . ? A VN4 202 ? 1_555 O8  A D KDO .   ? A KDO 203 ? 1_555 98.8  ? 
19 O2  ? C VN4 .   ? A VN4 202 ? 1_555 V  ? C VN4 . ? A VN4 202 ? 1_555 O8  A D KDO .   ? A KDO 203 ? 1_555 87.4  ? 
20 O3  ? C VN4 .   ? A VN4 202 ? 1_555 V  ? C VN4 . ? A VN4 202 ? 1_555 O8  A D KDO .   ? A KDO 203 ? 1_555 90.9  ? 
# 
loop_
_pdbx_audit_revision_history.ordinal 
_pdbx_audit_revision_history.data_content_type 
_pdbx_audit_revision_history.major_revision 
_pdbx_audit_revision_history.minor_revision 
_pdbx_audit_revision_history.revision_date 
1 'Structure model' 1 0 2013-08-21 
2 'Structure model' 1 1 2013-08-28 
3 'Structure model' 1 2 2014-11-12 
4 'Structure model' 1 3 2020-07-29 
5 'Structure model' 1 4 2021-02-10 
6 'Structure model' 1 5 2023-09-20 
# 
loop_
_pdbx_audit_revision_details.ordinal 
_pdbx_audit_revision_details.revision_ordinal 
_pdbx_audit_revision_details.data_content_type 
_pdbx_audit_revision_details.provider 
_pdbx_audit_revision_details.type 
_pdbx_audit_revision_details.description 
_pdbx_audit_revision_details.details 
1 1 'Structure model' repository 'Initial release' ?                          ? 
2 4 'Structure model' repository Remediation       'Carbohydrate remediation' ? 
# 
loop_
_pdbx_audit_revision_group.ordinal 
_pdbx_audit_revision_group.revision_ordinal 
_pdbx_audit_revision_group.data_content_type 
_pdbx_audit_revision_group.group 
1  2 'Structure model' 'Database references'    
2  3 'Structure model' 'Structure summary'      
3  4 'Structure model' 'Data collection'        
4  4 'Structure model' 'Derived calculations'   
5  4 'Structure model' 'Structure summary'      
6  5 'Structure model' 'Database references'    
7  5 'Structure model' 'Structure summary'      
8  6 'Structure model' 'Data collection'        
9  6 'Structure model' 'Database references'    
10 6 'Structure model' 'Refinement description' 
# 
loop_
_pdbx_audit_revision_category.ordinal 
_pdbx_audit_revision_category.revision_ordinal 
_pdbx_audit_revision_category.data_content_type 
_pdbx_audit_revision_category.category 
1  4 'Structure model' chem_comp                     
2  4 'Structure model' entity                        
3  4 'Structure model' pdbx_chem_comp_identifier     
4  4 'Structure model' pdbx_entity_nonpoly           
5  4 'Structure model' pdbx_struct_conn_angle        
6  4 'Structure model' struct_conn                   
7  4 'Structure model' struct_site                   
8  4 'Structure model' struct_site_gen               
9  5 'Structure model' chem_comp                     
10 5 'Structure model' citation_author               
11 6 'Structure model' chem_comp_atom                
12 6 'Structure model' chem_comp_bond                
13 6 'Structure model' database_2                    
14 6 'Structure model' pdbx_initial_refinement_model 
# 
loop_
_pdbx_audit_revision_item.ordinal 
_pdbx_audit_revision_item.revision_ordinal 
_pdbx_audit_revision_item.data_content_type 
_pdbx_audit_revision_item.item 
1  4 'Structure model' '_chem_comp.name'                             
2  4 'Structure model' '_chem_comp.type'                             
3  4 'Structure model' '_entity.pdbx_description'                    
4  4 'Structure model' '_pdbx_entity_nonpoly.name'                   
5  4 'Structure model' '_pdbx_struct_conn_angle.ptnr1_auth_comp_id'  
6  4 'Structure model' '_pdbx_struct_conn_angle.ptnr1_auth_seq_id'   
7  4 'Structure model' '_pdbx_struct_conn_angle.ptnr1_label_asym_id' 
8  4 'Structure model' '_pdbx_struct_conn_angle.ptnr1_label_atom_id' 
9  4 'Structure model' '_pdbx_struct_conn_angle.ptnr1_label_comp_id' 
10 4 'Structure model' '_pdbx_struct_conn_angle.ptnr1_label_seq_id'  
11 4 'Structure model' '_pdbx_struct_conn_angle.ptnr3_auth_comp_id'  
12 4 'Structure model' '_pdbx_struct_conn_angle.ptnr3_auth_seq_id'   
13 4 'Structure model' '_pdbx_struct_conn_angle.ptnr3_label_asym_id' 
14 4 'Structure model' '_pdbx_struct_conn_angle.ptnr3_label_atom_id' 
15 4 'Structure model' '_pdbx_struct_conn_angle.ptnr3_label_comp_id' 
16 4 'Structure model' '_pdbx_struct_conn_angle.ptnr3_label_seq_id'  
17 4 'Structure model' '_pdbx_struct_conn_angle.value'               
18 4 'Structure model' '_struct_conn.pdbx_dist_value'                
19 4 'Structure model' '_struct_conn.ptnr1_auth_comp_id'             
20 4 'Structure model' '_struct_conn.ptnr1_auth_seq_id'              
21 4 'Structure model' '_struct_conn.ptnr1_label_asym_id'            
22 4 'Structure model' '_struct_conn.ptnr1_label_atom_id'            
23 4 'Structure model' '_struct_conn.ptnr1_label_comp_id'            
24 4 'Structure model' '_struct_conn.ptnr1_label_seq_id'             
25 4 'Structure model' '_struct_conn.ptnr2_auth_comp_id'             
26 4 'Structure model' '_struct_conn.ptnr2_auth_seq_id'              
27 4 'Structure model' '_struct_conn.ptnr2_label_asym_id'            
28 4 'Structure model' '_struct_conn.ptnr2_label_atom_id'            
29 4 'Structure model' '_struct_conn.ptnr2_label_comp_id'            
30 5 'Structure model' '_chem_comp.pdbx_synonyms'                    
31 5 'Structure model' '_citation_author.identifier_ORCID'           
32 6 'Structure model' '_database_2.pdbx_DOI'                        
33 6 'Structure model' '_database_2.pdbx_database_accession'         
# 
loop_
_software.name 
_software.classification 
_software.version 
_software.citation_id 
_software.pdbx_ordinal 
'PROTEUM PLUS' 'data collection' PLUS                        ? 1 
MOLREP         phasing           .                           ? 2 
PHENIX         refinement        '(phenix.refine: 1.8_1069)' ? 3 
'PROTEUM PLUS' 'data reduction'  PLUS                        ? 4 
'PROTEUM PLUS' 'data scaling'    PLUS                        ? 5 
# 
loop_
_pdbx_validate_close_contact.id 
_pdbx_validate_close_contact.PDB_model_num 
_pdbx_validate_close_contact.auth_atom_id_1 
_pdbx_validate_close_contact.auth_asym_id_1 
_pdbx_validate_close_contact.auth_comp_id_1 
_pdbx_validate_close_contact.auth_seq_id_1 
_pdbx_validate_close_contact.PDB_ins_code_1 
_pdbx_validate_close_contact.label_alt_id_1 
_pdbx_validate_close_contact.auth_atom_id_2 
_pdbx_validate_close_contact.auth_asym_id_2 
_pdbx_validate_close_contact.auth_comp_id_2 
_pdbx_validate_close_contact.auth_seq_id_2 
_pdbx_validate_close_contact.PDB_ins_code_2 
_pdbx_validate_close_contact.label_alt_id_2 
_pdbx_validate_close_contact.dist 
1 1 MG  A MG  201 ? ? O2 A VN4 202 ? ? 1.64 
2 1 O   A HOH 431 ? ? O  A HOH 475 ? ? 2.10 
3 1 O   A HOH 363 ? ? O  A HOH 378 ? ? 2.13 
4 1 NZ  A LYS 173 ? ? O  A HOH 455 ? ? 2.15 
5 1 O   A HOH 355 ? ? O  A HOH 469 ? ? 2.16 
6 1 O   A HOH 364 ? ? O  A HOH 469 ? ? 2.17 
7 1 O3  A VN4 202 ? ? O8 A KDO 203 ? B 2.18 
8 1 OD2 A ASP 90  ? ? O  A HOH 416 ? ? 2.19 
# 
_pdbx_validate_symm_contact.id                1 
_pdbx_validate_symm_contact.PDB_model_num     1 
_pdbx_validate_symm_contact.auth_atom_id_1    O 
_pdbx_validate_symm_contact.auth_asym_id_1    A 
_pdbx_validate_symm_contact.auth_comp_id_1    MET 
_pdbx_validate_symm_contact.auth_seq_id_1     178 
_pdbx_validate_symm_contact.PDB_ins_code_1    ? 
_pdbx_validate_symm_contact.label_alt_id_1    ? 
_pdbx_validate_symm_contact.site_symmetry_1   1_555 
_pdbx_validate_symm_contact.auth_atom_id_2    O4 
_pdbx_validate_symm_contact.auth_asym_id_2    A 
_pdbx_validate_symm_contact.auth_comp_id_2    KDO 
_pdbx_validate_symm_contact.auth_seq_id_2     203 
_pdbx_validate_symm_contact.PDB_ins_code_2    ? 
_pdbx_validate_symm_contact.label_alt_id_2    A 
_pdbx_validate_symm_contact.site_symmetry_2   3_555 
_pdbx_validate_symm_contact.dist              2.02 
# 
loop_
_pdbx_validate_torsion.id 
_pdbx_validate_torsion.PDB_model_num 
_pdbx_validate_torsion.auth_comp_id 
_pdbx_validate_torsion.auth_asym_id 
_pdbx_validate_torsion.auth_seq_id 
_pdbx_validate_torsion.PDB_ins_code 
_pdbx_validate_torsion.label_alt_id 
_pdbx_validate_torsion.phi 
_pdbx_validate_torsion.psi 
1 1 VAL A 15  ? ? -101.95 -63.73  
2 1 VAL A 18  ? ? -123.50 -63.02  
3 1 ASP A 27  ? ? -116.32 -157.07 
4 1 PHE A 77  ? ? -172.58 147.39  
5 1 ASP A 107 ? ? -142.58 -6.58   
6 1 LYS A 173 ? ? -148.13 -31.31  
# 
_pdbx_unobs_or_zero_occ_residues.id               1 
_pdbx_unobs_or_zero_occ_residues.PDB_model_num    1 
_pdbx_unobs_or_zero_occ_residues.polymer_flag     Y 
_pdbx_unobs_or_zero_occ_residues.occupancy_flag   1 
_pdbx_unobs_or_zero_occ_residues.auth_asym_id     A 
_pdbx_unobs_or_zero_occ_residues.auth_comp_id     GLN 
_pdbx_unobs_or_zero_occ_residues.auth_seq_id      180 
_pdbx_unobs_or_zero_occ_residues.PDB_ins_code     ? 
_pdbx_unobs_or_zero_occ_residues.label_asym_id    A 
_pdbx_unobs_or_zero_occ_residues.label_comp_id    GLN 
_pdbx_unobs_or_zero_occ_residues.label_seq_id     180 
# 
loop_
_chem_comp_atom.comp_id 
_chem_comp_atom.atom_id 
_chem_comp_atom.type_symbol 
_chem_comp_atom.pdbx_aromatic_flag 
_chem_comp_atom.pdbx_stereo_config 
_chem_comp_atom.pdbx_ordinal 
ALA N    N  N N 1   
ALA CA   C  N S 2   
ALA C    C  N N 3   
ALA O    O  N N 4   
ALA CB   C  N N 5   
ALA OXT  O  N N 6   
ALA H    H  N N 7   
ALA H2   H  N N 8   
ALA HA   H  N N 9   
ALA HB1  H  N N 10  
ALA HB2  H  N N 11  
ALA HB3  H  N N 12  
ALA HXT  H  N N 13  
ARG N    N  N N 14  
ARG CA   C  N S 15  
ARG C    C  N N 16  
ARG O    O  N N 17  
ARG CB   C  N N 18  
ARG CG   C  N N 19  
ARG CD   C  N N 20  
ARG NE   N  N N 21  
ARG CZ   C  N N 22  
ARG NH1  N  N N 23  
ARG NH2  N  N N 24  
ARG OXT  O  N N 25  
ARG H    H  N N 26  
ARG H2   H  N N 27  
ARG HA   H  N N 28  
ARG HB2  H  N N 29  
ARG HB3  H  N N 30  
ARG HG2  H  N N 31  
ARG HG3  H  N N 32  
ARG HD2  H  N N 33  
ARG HD3  H  N N 34  
ARG HE   H  N N 35  
ARG HH11 H  N N 36  
ARG HH12 H  N N 37  
ARG HH21 H  N N 38  
ARG HH22 H  N N 39  
ARG HXT  H  N N 40  
ASN N    N  N N 41  
ASN CA   C  N S 42  
ASN C    C  N N 43  
ASN O    O  N N 44  
ASN CB   C  N N 45  
ASN CG   C  N N 46  
ASN OD1  O  N N 47  
ASN ND2  N  N N 48  
ASN OXT  O  N N 49  
ASN H    H  N N 50  
ASN H2   H  N N 51  
ASN HA   H  N N 52  
ASN HB2  H  N N 53  
ASN HB3  H  N N 54  
ASN HD21 H  N N 55  
ASN HD22 H  N N 56  
ASN HXT  H  N N 57  
ASP N    N  N N 58  
ASP CA   C  N S 59  
ASP C    C  N N 60  
ASP O    O  N N 61  
ASP CB   C  N N 62  
ASP CG   C  N N 63  
ASP OD1  O  N N 64  
ASP OD2  O  N N 65  
ASP OXT  O  N N 66  
ASP H    H  N N 67  
ASP H2   H  N N 68  
ASP HA   H  N N 69  
ASP HB2  H  N N 70  
ASP HB3  H  N N 71  
ASP HD2  H  N N 72  
ASP HXT  H  N N 73  
CYS N    N  N N 74  
CYS CA   C  N R 75  
CYS C    C  N N 76  
CYS O    O  N N 77  
CYS CB   C  N N 78  
CYS SG   S  N N 79  
CYS OXT  O  N N 80  
CYS H    H  N N 81  
CYS H2   H  N N 82  
CYS HA   H  N N 83  
CYS HB2  H  N N 84  
CYS HB3  H  N N 85  
CYS HG   H  N N 86  
CYS HXT  H  N N 87  
GLN N    N  N N 88  
GLN CA   C  N S 89  
GLN C    C  N N 90  
GLN O    O  N N 91  
GLN CB   C  N N 92  
GLN CG   C  N N 93  
GLN CD   C  N N 94  
GLN OE1  O  N N 95  
GLN NE2  N  N N 96  
GLN OXT  O  N N 97  
GLN H    H  N N 98  
GLN H2   H  N N 99  
GLN HA   H  N N 100 
GLN HB2  H  N N 101 
GLN HB3  H  N N 102 
GLN HG2  H  N N 103 
GLN HG3  H  N N 104 
GLN HE21 H  N N 105 
GLN HE22 H  N N 106 
GLN HXT  H  N N 107 
GLU N    N  N N 108 
GLU CA   C  N S 109 
GLU C    C  N N 110 
GLU O    O  N N 111 
GLU CB   C  N N 112 
GLU CG   C  N N 113 
GLU CD   C  N N 114 
GLU OE1  O  N N 115 
GLU OE2  O  N N 116 
GLU OXT  O  N N 117 
GLU H    H  N N 118 
GLU H2   H  N N 119 
GLU HA   H  N N 120 
GLU HB2  H  N N 121 
GLU HB3  H  N N 122 
GLU HG2  H  N N 123 
GLU HG3  H  N N 124 
GLU HE2  H  N N 125 
GLU HXT  H  N N 126 
GLY N    N  N N 127 
GLY CA   C  N N 128 
GLY C    C  N N 129 
GLY O    O  N N 130 
GLY OXT  O  N N 131 
GLY H    H  N N 132 
GLY H2   H  N N 133 
GLY HA2  H  N N 134 
GLY HA3  H  N N 135 
GLY HXT  H  N N 136 
HIS N    N  N N 137 
HIS CA   C  N S 138 
HIS C    C  N N 139 
HIS O    O  N N 140 
HIS CB   C  N N 141 
HIS CG   C  Y N 142 
HIS ND1  N  Y N 143 
HIS CD2  C  Y N 144 
HIS CE1  C  Y N 145 
HIS NE2  N  Y N 146 
HIS OXT  O  N N 147 
HIS H    H  N N 148 
HIS H2   H  N N 149 
HIS HA   H  N N 150 
HIS HB2  H  N N 151 
HIS HB3  H  N N 152 
HIS HD1  H  N N 153 
HIS HD2  H  N N 154 
HIS HE1  H  N N 155 
HIS HE2  H  N N 156 
HIS HXT  H  N N 157 
HOH O    O  N N 158 
HOH H1   H  N N 159 
HOH H2   H  N N 160 
ILE N    N  N N 161 
ILE CA   C  N S 162 
ILE C    C  N N 163 
ILE O    O  N N 164 
ILE CB   C  N S 165 
ILE CG1  C  N N 166 
ILE CG2  C  N N 167 
ILE CD1  C  N N 168 
ILE OXT  O  N N 169 
ILE H    H  N N 170 
ILE H2   H  N N 171 
ILE HA   H  N N 172 
ILE HB   H  N N 173 
ILE HG12 H  N N 174 
ILE HG13 H  N N 175 
ILE HG21 H  N N 176 
ILE HG22 H  N N 177 
ILE HG23 H  N N 178 
ILE HD11 H  N N 179 
ILE HD12 H  N N 180 
ILE HD13 H  N N 181 
ILE HXT  H  N N 182 
KDO C1   C  N N 183 
KDO O1A  O  N N 184 
KDO O1B  O  N N 185 
KDO C2   C  N R 186 
KDO O2   O  N N 187 
KDO C3   C  N N 188 
KDO C4   C  N R 189 
KDO O4   O  N N 190 
KDO C5   C  N R 191 
KDO O5   O  N N 192 
KDO C6   C  N R 193 
KDO O6   O  N N 194 
KDO C7   C  N R 195 
KDO O7   O  N N 196 
KDO C8   C  N N 197 
KDO O8   O  N N 198 
KDO HO1B H  N N 199 
KDO HO2  H  N N 200 
KDO H31  H  N N 201 
KDO H32  H  N N 202 
KDO H4   H  N N 203 
KDO HO4  H  N N 204 
KDO H5   H  N N 205 
KDO HO5  H  N N 206 
KDO H6   H  N N 207 
KDO H7   H  N N 208 
KDO HO7  H  N N 209 
KDO H81  H  N N 210 
KDO H82  H  N N 211 
KDO HO8  H  N N 212 
LEU N    N  N N 213 
LEU CA   C  N S 214 
LEU C    C  N N 215 
LEU O    O  N N 216 
LEU CB   C  N N 217 
LEU CG   C  N N 218 
LEU CD1  C  N N 219 
LEU CD2  C  N N 220 
LEU OXT  O  N N 221 
LEU H    H  N N 222 
LEU H2   H  N N 223 
LEU HA   H  N N 224 
LEU HB2  H  N N 225 
LEU HB3  H  N N 226 
LEU HG   H  N N 227 
LEU HD11 H  N N 228 
LEU HD12 H  N N 229 
LEU HD13 H  N N 230 
LEU HD21 H  N N 231 
LEU HD22 H  N N 232 
LEU HD23 H  N N 233 
LEU HXT  H  N N 234 
LYS N    N  N N 235 
LYS CA   C  N S 236 
LYS C    C  N N 237 
LYS O    O  N N 238 
LYS CB   C  N N 239 
LYS CG   C  N N 240 
LYS CD   C  N N 241 
LYS CE   C  N N 242 
LYS NZ   N  N N 243 
LYS OXT  O  N N 244 
LYS H    H  N N 245 
LYS H2   H  N N 246 
LYS HA   H  N N 247 
LYS HB2  H  N N 248 
LYS HB3  H  N N 249 
LYS HG2  H  N N 250 
LYS HG3  H  N N 251 
LYS HD2  H  N N 252 
LYS HD3  H  N N 253 
LYS HE2  H  N N 254 
LYS HE3  H  N N 255 
LYS HZ1  H  N N 256 
LYS HZ2  H  N N 257 
LYS HZ3  H  N N 258 
LYS HXT  H  N N 259 
MET N    N  N N 260 
MET CA   C  N S 261 
MET C    C  N N 262 
MET O    O  N N 263 
MET CB   C  N N 264 
MET CG   C  N N 265 
MET SD   S  N N 266 
MET CE   C  N N 267 
MET OXT  O  N N 268 
MET H    H  N N 269 
MET H2   H  N N 270 
MET HA   H  N N 271 
MET HB2  H  N N 272 
MET HB3  H  N N 273 
MET HG2  H  N N 274 
MET HG3  H  N N 275 
MET HE1  H  N N 276 
MET HE2  H  N N 277 
MET HE3  H  N N 278 
MET HXT  H  N N 279 
MG  MG   MG N N 280 
PHE N    N  N N 281 
PHE CA   C  N S 282 
PHE C    C  N N 283 
PHE O    O  N N 284 
PHE CB   C  N N 285 
PHE CG   C  Y N 286 
PHE CD1  C  Y N 287 
PHE CD2  C  Y N 288 
PHE CE1  C  Y N 289 
PHE CE2  C  Y N 290 
PHE CZ   C  Y N 291 
PHE OXT  O  N N 292 
PHE H    H  N N 293 
PHE H2   H  N N 294 
PHE HA   H  N N 295 
PHE HB2  H  N N 296 
PHE HB3  H  N N 297 
PHE HD1  H  N N 298 
PHE HD2  H  N N 299 
PHE HE1  H  N N 300 
PHE HE2  H  N N 301 
PHE HZ   H  N N 302 
PHE HXT  H  N N 303 
PRO N    N  N N 304 
PRO CA   C  N S 305 
PRO C    C  N N 306 
PRO O    O  N N 307 
PRO CB   C  N N 308 
PRO CG   C  N N 309 
PRO CD   C  N N 310 
PRO OXT  O  N N 311 
PRO H    H  N N 312 
PRO HA   H  N N 313 
PRO HB2  H  N N 314 
PRO HB3  H  N N 315 
PRO HG2  H  N N 316 
PRO HG3  H  N N 317 
PRO HD2  H  N N 318 
PRO HD3  H  N N 319 
PRO HXT  H  N N 320 
SER N    N  N N 321 
SER CA   C  N S 322 
SER C    C  N N 323 
SER O    O  N N 324 
SER CB   C  N N 325 
SER OG   O  N N 326 
SER OXT  O  N N 327 
SER H    H  N N 328 
SER H2   H  N N 329 
SER HA   H  N N 330 
SER HB2  H  N N 331 
SER HB3  H  N N 332 
SER HG   H  N N 333 
SER HXT  H  N N 334 
THR N    N  N N 335 
THR CA   C  N S 336 
THR C    C  N N 337 
THR O    O  N N 338 
THR CB   C  N R 339 
THR OG1  O  N N 340 
THR CG2  C  N N 341 
THR OXT  O  N N 342 
THR H    H  N N 343 
THR H2   H  N N 344 
THR HA   H  N N 345 
THR HB   H  N N 346 
THR HG1  H  N N 347 
THR HG21 H  N N 348 
THR HG22 H  N N 349 
THR HG23 H  N N 350 
THR HXT  H  N N 351 
TYR N    N  N N 352 
TYR CA   C  N S 353 
TYR C    C  N N 354 
TYR O    O  N N 355 
TYR CB   C  N N 356 
TYR CG   C  Y N 357 
TYR CD1  C  Y N 358 
TYR CD2  C  Y N 359 
TYR CE1  C  Y N 360 
TYR CE2  C  Y N 361 
TYR CZ   C  Y N 362 
TYR OH   O  N N 363 
TYR OXT  O  N N 364 
TYR H    H  N N 365 
TYR H2   H  N N 366 
TYR HA   H  N N 367 
TYR HB2  H  N N 368 
TYR HB3  H  N N 369 
TYR HD1  H  N N 370 
TYR HD2  H  N N 371 
TYR HE1  H  N N 372 
TYR HE2  H  N N 373 
TYR HH   H  N N 374 
TYR HXT  H  N N 375 
VAL N    N  N N 376 
VAL CA   C  N S 377 
VAL C    C  N N 378 
VAL O    O  N N 379 
VAL CB   C  N N 380 
VAL CG1  C  N N 381 
VAL CG2  C  N N 382 
VAL OXT  O  N N 383 
VAL H    H  N N 384 
VAL H2   H  N N 385 
VAL HA   H  N N 386 
VAL HB   H  N N 387 
VAL HG11 H  N N 388 
VAL HG12 H  N N 389 
VAL HG13 H  N N 390 
VAL HG21 H  N N 391 
VAL HG22 H  N N 392 
VAL HG23 H  N N 393 
VAL HXT  H  N N 394 
VN4 V    V  N N 395 
VN4 O1   O  N N 396 
VN4 O2   O  N N 397 
VN4 O3   O  N N 398 
# 
loop_
_chem_comp_bond.comp_id 
_chem_comp_bond.atom_id_1 
_chem_comp_bond.atom_id_2 
_chem_comp_bond.value_order 
_chem_comp_bond.pdbx_aromatic_flag 
_chem_comp_bond.pdbx_stereo_config 
_chem_comp_bond.pdbx_ordinal 
ALA N   CA   sing N N 1   
ALA N   H    sing N N 2   
ALA N   H2   sing N N 3   
ALA CA  C    sing N N 4   
ALA CA  CB   sing N N 5   
ALA CA  HA   sing N N 6   
ALA C   O    doub N N 7   
ALA C   OXT  sing N N 8   
ALA CB  HB1  sing N N 9   
ALA CB  HB2  sing N N 10  
ALA CB  HB3  sing N N 11  
ALA OXT HXT  sing N N 12  
ARG N   CA   sing N N 13  
ARG N   H    sing N N 14  
ARG N   H2   sing N N 15  
ARG CA  C    sing N N 16  
ARG CA  CB   sing N N 17  
ARG CA  HA   sing N N 18  
ARG C   O    doub N N 19  
ARG C   OXT  sing N N 20  
ARG CB  CG   sing N N 21  
ARG CB  HB2  sing N N 22  
ARG CB  HB3  sing N N 23  
ARG CG  CD   sing N N 24  
ARG CG  HG2  sing N N 25  
ARG CG  HG3  sing N N 26  
ARG CD  NE   sing N N 27  
ARG CD  HD2  sing N N 28  
ARG CD  HD3  sing N N 29  
ARG NE  CZ   sing N N 30  
ARG NE  HE   sing N N 31  
ARG CZ  NH1  sing N N 32  
ARG CZ  NH2  doub N N 33  
ARG NH1 HH11 sing N N 34  
ARG NH1 HH12 sing N N 35  
ARG NH2 HH21 sing N N 36  
ARG NH2 HH22 sing N N 37  
ARG OXT HXT  sing N N 38  
ASN N   CA   sing N N 39  
ASN N   H    sing N N 40  
ASN N   H2   sing N N 41  
ASN CA  C    sing N N 42  
ASN CA  CB   sing N N 43  
ASN CA  HA   sing N N 44  
ASN C   O    doub N N 45  
ASN C   OXT  sing N N 46  
ASN CB  CG   sing N N 47  
ASN CB  HB2  sing N N 48  
ASN CB  HB3  sing N N 49  
ASN CG  OD1  doub N N 50  
ASN CG  ND2  sing N N 51  
ASN ND2 HD21 sing N N 52  
ASN ND2 HD22 sing N N 53  
ASN OXT HXT  sing N N 54  
ASP N   CA   sing N N 55  
ASP N   H    sing N N 56  
ASP N   H2   sing N N 57  
ASP CA  C    sing N N 58  
ASP CA  CB   sing N N 59  
ASP CA  HA   sing N N 60  
ASP C   O    doub N N 61  
ASP C   OXT  sing N N 62  
ASP CB  CG   sing N N 63  
ASP CB  HB2  sing N N 64  
ASP CB  HB3  sing N N 65  
ASP CG  OD1  doub N N 66  
ASP CG  OD2  sing N N 67  
ASP OD2 HD2  sing N N 68  
ASP OXT HXT  sing N N 69  
CYS N   CA   sing N N 70  
CYS N   H    sing N N 71  
CYS N   H2   sing N N 72  
CYS CA  C    sing N N 73  
CYS CA  CB   sing N N 74  
CYS CA  HA   sing N N 75  
CYS C   O    doub N N 76  
CYS C   OXT  sing N N 77  
CYS CB  SG   sing N N 78  
CYS CB  HB2  sing N N 79  
CYS CB  HB3  sing N N 80  
CYS SG  HG   sing N N 81  
CYS OXT HXT  sing N N 82  
GLN N   CA   sing N N 83  
GLN N   H    sing N N 84  
GLN N   H2   sing N N 85  
GLN CA  C    sing N N 86  
GLN CA  CB   sing N N 87  
GLN CA  HA   sing N N 88  
GLN C   O    doub N N 89  
GLN C   OXT  sing N N 90  
GLN CB  CG   sing N N 91  
GLN CB  HB2  sing N N 92  
GLN CB  HB3  sing N N 93  
GLN CG  CD   sing N N 94  
GLN CG  HG2  sing N N 95  
GLN CG  HG3  sing N N 96  
GLN CD  OE1  doub N N 97  
GLN CD  NE2  sing N N 98  
GLN NE2 HE21 sing N N 99  
GLN NE2 HE22 sing N N 100 
GLN OXT HXT  sing N N 101 
GLU N   CA   sing N N 102 
GLU N   H    sing N N 103 
GLU N   H2   sing N N 104 
GLU CA  C    sing N N 105 
GLU CA  CB   sing N N 106 
GLU CA  HA   sing N N 107 
GLU C   O    doub N N 108 
GLU C   OXT  sing N N 109 
GLU CB  CG   sing N N 110 
GLU CB  HB2  sing N N 111 
GLU CB  HB3  sing N N 112 
GLU CG  CD   sing N N 113 
GLU CG  HG2  sing N N 114 
GLU CG  HG3  sing N N 115 
GLU CD  OE1  doub N N 116 
GLU CD  OE2  sing N N 117 
GLU OE2 HE2  sing N N 118 
GLU OXT HXT  sing N N 119 
GLY N   CA   sing N N 120 
GLY N   H    sing N N 121 
GLY N   H2   sing N N 122 
GLY CA  C    sing N N 123 
GLY CA  HA2  sing N N 124 
GLY CA  HA3  sing N N 125 
GLY C   O    doub N N 126 
GLY C   OXT  sing N N 127 
GLY OXT HXT  sing N N 128 
HIS N   CA   sing N N 129 
HIS N   H    sing N N 130 
HIS N   H2   sing N N 131 
HIS CA  C    sing N N 132 
HIS CA  CB   sing N N 133 
HIS CA  HA   sing N N 134 
HIS C   O    doub N N 135 
HIS C   OXT  sing N N 136 
HIS CB  CG   sing N N 137 
HIS CB  HB2  sing N N 138 
HIS CB  HB3  sing N N 139 
HIS CG  ND1  sing Y N 140 
HIS CG  CD2  doub Y N 141 
HIS ND1 CE1  doub Y N 142 
HIS ND1 HD1  sing N N 143 
HIS CD2 NE2  sing Y N 144 
HIS CD2 HD2  sing N N 145 
HIS CE1 NE2  sing Y N 146 
HIS CE1 HE1  sing N N 147 
HIS NE2 HE2  sing N N 148 
HIS OXT HXT  sing N N 149 
HOH O   H1   sing N N 150 
HOH O   H2   sing N N 151 
ILE N   CA   sing N N 152 
ILE N   H    sing N N 153 
ILE N   H2   sing N N 154 
ILE CA  C    sing N N 155 
ILE CA  CB   sing N N 156 
ILE CA  HA   sing N N 157 
ILE C   O    doub N N 158 
ILE C   OXT  sing N N 159 
ILE CB  CG1  sing N N 160 
ILE CB  CG2  sing N N 161 
ILE CB  HB   sing N N 162 
ILE CG1 CD1  sing N N 163 
ILE CG1 HG12 sing N N 164 
ILE CG1 HG13 sing N N 165 
ILE CG2 HG21 sing N N 166 
ILE CG2 HG22 sing N N 167 
ILE CG2 HG23 sing N N 168 
ILE CD1 HD11 sing N N 169 
ILE CD1 HD12 sing N N 170 
ILE CD1 HD13 sing N N 171 
ILE OXT HXT  sing N N 172 
KDO C1  O1A  doub N N 173 
KDO C1  O1B  sing N N 174 
KDO C1  C2   sing N N 175 
KDO O1B HO1B sing N N 176 
KDO C2  O2   sing N N 177 
KDO C2  C3   sing N N 178 
KDO C2  O6   sing N N 179 
KDO O2  HO2  sing N N 180 
KDO C3  C4   sing N N 181 
KDO C3  H31  sing N N 182 
KDO C3  H32  sing N N 183 
KDO C4  O4   sing N N 184 
KDO C4  C5   sing N N 185 
KDO C4  H4   sing N N 186 
KDO O4  HO4  sing N N 187 
KDO C5  O5   sing N N 188 
KDO C5  C6   sing N N 189 
KDO C5  H5   sing N N 190 
KDO O5  HO5  sing N N 191 
KDO C6  O6   sing N N 192 
KDO C6  C7   sing N N 193 
KDO C6  H6   sing N N 194 
KDO C7  O7   sing N N 195 
KDO C7  C8   sing N N 196 
KDO C7  H7   sing N N 197 
KDO O7  HO7  sing N N 198 
KDO C8  O8   sing N N 199 
KDO C8  H81  sing N N 200 
KDO C8  H82  sing N N 201 
KDO O8  HO8  sing N N 202 
LEU N   CA   sing N N 203 
LEU N   H    sing N N 204 
LEU N   H2   sing N N 205 
LEU CA  C    sing N N 206 
LEU CA  CB   sing N N 207 
LEU CA  HA   sing N N 208 
LEU C   O    doub N N 209 
LEU C   OXT  sing N N 210 
LEU CB  CG   sing N N 211 
LEU CB  HB2  sing N N 212 
LEU CB  HB3  sing N N 213 
LEU CG  CD1  sing N N 214 
LEU CG  CD2  sing N N 215 
LEU CG  HG   sing N N 216 
LEU CD1 HD11 sing N N 217 
LEU CD1 HD12 sing N N 218 
LEU CD1 HD13 sing N N 219 
LEU CD2 HD21 sing N N 220 
LEU CD2 HD22 sing N N 221 
LEU CD2 HD23 sing N N 222 
LEU OXT HXT  sing N N 223 
LYS N   CA   sing N N 224 
LYS N   H    sing N N 225 
LYS N   H2   sing N N 226 
LYS CA  C    sing N N 227 
LYS CA  CB   sing N N 228 
LYS CA  HA   sing N N 229 
LYS C   O    doub N N 230 
LYS C   OXT  sing N N 231 
LYS CB  CG   sing N N 232 
LYS CB  HB2  sing N N 233 
LYS CB  HB3  sing N N 234 
LYS CG  CD   sing N N 235 
LYS CG  HG2  sing N N 236 
LYS CG  HG3  sing N N 237 
LYS CD  CE   sing N N 238 
LYS CD  HD2  sing N N 239 
LYS CD  HD3  sing N N 240 
LYS CE  NZ   sing N N 241 
LYS CE  HE2  sing N N 242 
LYS CE  HE3  sing N N 243 
LYS NZ  HZ1  sing N N 244 
LYS NZ  HZ2  sing N N 245 
LYS NZ  HZ3  sing N N 246 
LYS OXT HXT  sing N N 247 
MET N   CA   sing N N 248 
MET N   H    sing N N 249 
MET N   H2   sing N N 250 
MET CA  C    sing N N 251 
MET CA  CB   sing N N 252 
MET CA  HA   sing N N 253 
MET C   O    doub N N 254 
MET C   OXT  sing N N 255 
MET CB  CG   sing N N 256 
MET CB  HB2  sing N N 257 
MET CB  HB3  sing N N 258 
MET CG  SD   sing N N 259 
MET CG  HG2  sing N N 260 
MET CG  HG3  sing N N 261 
MET SD  CE   sing N N 262 
MET CE  HE1  sing N N 263 
MET CE  HE2  sing N N 264 
MET CE  HE3  sing N N 265 
MET OXT HXT  sing N N 266 
PHE N   CA   sing N N 267 
PHE N   H    sing N N 268 
PHE N   H2   sing N N 269 
PHE CA  C    sing N N 270 
PHE CA  CB   sing N N 271 
PHE CA  HA   sing N N 272 
PHE C   O    doub N N 273 
PHE C   OXT  sing N N 274 
PHE CB  CG   sing N N 275 
PHE CB  HB2  sing N N 276 
PHE CB  HB3  sing N N 277 
PHE CG  CD1  doub Y N 278 
PHE CG  CD2  sing Y N 279 
PHE CD1 CE1  sing Y N 280 
PHE CD1 HD1  sing N N 281 
PHE CD2 CE2  doub Y N 282 
PHE CD2 HD2  sing N N 283 
PHE CE1 CZ   doub Y N 284 
PHE CE1 HE1  sing N N 285 
PHE CE2 CZ   sing Y N 286 
PHE CE2 HE2  sing N N 287 
PHE CZ  HZ   sing N N 288 
PHE OXT HXT  sing N N 289 
PRO N   CA   sing N N 290 
PRO N   CD   sing N N 291 
PRO N   H    sing N N 292 
PRO CA  C    sing N N 293 
PRO CA  CB   sing N N 294 
PRO CA  HA   sing N N 295 
PRO C   O    doub N N 296 
PRO C   OXT  sing N N 297 
PRO CB  CG   sing N N 298 
PRO CB  HB2  sing N N 299 
PRO CB  HB3  sing N N 300 
PRO CG  CD   sing N N 301 
PRO CG  HG2  sing N N 302 
PRO CG  HG3  sing N N 303 
PRO CD  HD2  sing N N 304 
PRO CD  HD3  sing N N 305 
PRO OXT HXT  sing N N 306 
SER N   CA   sing N N 307 
SER N   H    sing N N 308 
SER N   H2   sing N N 309 
SER CA  C    sing N N 310 
SER CA  CB   sing N N 311 
SER CA  HA   sing N N 312 
SER C   O    doub N N 313 
SER C   OXT  sing N N 314 
SER CB  OG   sing N N 315 
SER CB  HB2  sing N N 316 
SER CB  HB3  sing N N 317 
SER OG  HG   sing N N 318 
SER OXT HXT  sing N N 319 
THR N   CA   sing N N 320 
THR N   H    sing N N 321 
THR N   H2   sing N N 322 
THR CA  C    sing N N 323 
THR CA  CB   sing N N 324 
THR CA  HA   sing N N 325 
THR C   O    doub N N 326 
THR C   OXT  sing N N 327 
THR CB  OG1  sing N N 328 
THR CB  CG2  sing N N 329 
THR CB  HB   sing N N 330 
THR OG1 HG1  sing N N 331 
THR CG2 HG21 sing N N 332 
THR CG2 HG22 sing N N 333 
THR CG2 HG23 sing N N 334 
THR OXT HXT  sing N N 335 
TYR N   CA   sing N N 336 
TYR N   H    sing N N 337 
TYR N   H2   sing N N 338 
TYR CA  C    sing N N 339 
TYR CA  CB   sing N N 340 
TYR CA  HA   sing N N 341 
TYR C   O    doub N N 342 
TYR C   OXT  sing N N 343 
TYR CB  CG   sing N N 344 
TYR CB  HB2  sing N N 345 
TYR CB  HB3  sing N N 346 
TYR CG  CD1  doub Y N 347 
TYR CG  CD2  sing Y N 348 
TYR CD1 CE1  sing Y N 349 
TYR CD1 HD1  sing N N 350 
TYR CD2 CE2  doub Y N 351 
TYR CD2 HD2  sing N N 352 
TYR CE1 CZ   doub Y N 353 
TYR CE1 HE1  sing N N 354 
TYR CE2 CZ   sing Y N 355 
TYR CE2 HE2  sing N N 356 
TYR CZ  OH   sing N N 357 
TYR OH  HH   sing N N 358 
TYR OXT HXT  sing N N 359 
VAL N   CA   sing N N 360 
VAL N   H    sing N N 361 
VAL N   H2   sing N N 362 
VAL CA  C    sing N N 363 
VAL CA  CB   sing N N 364 
VAL CA  HA   sing N N 365 
VAL C   O    doub N N 366 
VAL C   OXT  sing N N 367 
VAL CB  CG1  sing N N 368 
VAL CB  CG2  sing N N 369 
VAL CB  HB   sing N N 370 
VAL CG1 HG11 sing N N 371 
VAL CG1 HG12 sing N N 372 
VAL CG1 HG13 sing N N 373 
VAL CG2 HG21 sing N N 374 
VAL CG2 HG22 sing N N 375 
VAL CG2 HG23 sing N N 376 
VAL OXT HXT  sing N N 377 
VN4 V   O1   doub N N 378 
VN4 O2  V    sing N N 379 
VN4 O3  V    doub N N 380 
# 
loop_
_pdbx_chem_comp_identifier.comp_id 
_pdbx_chem_comp_identifier.type 
_pdbx_chem_comp_identifier.program 
_pdbx_chem_comp_identifier.program_version 
_pdbx_chem_comp_identifier.identifier 
KDO 'CONDENSED IUPAC CARBOHYDRATE SYMBOL' GMML     1.0 DKdopa   
KDO 'IUPAC CARBOHYDRATE SYMBOL'           PDB-CARE 1.0 a-D-Kdop 
KDO 'SNFG CARBOHYDRATE SYMBOL'            GMML     1.0 Kdo      
# 
loop_
_pdbx_entity_nonpoly.entity_id 
_pdbx_entity_nonpoly.name 
_pdbx_entity_nonpoly.comp_id 
2 'MAGNESIUM ION'                                   MG  
3 'oxido(dioxo)vanadium'                            VN4 
4 '3-deoxy-alpha-D-manno-oct-2-ulopyranosonic acid' KDO 
5 water                                             HOH 
# 
_pdbx_initial_refinement_model.id               1 
_pdbx_initial_refinement_model.entity_id_list   ? 
_pdbx_initial_refinement_model.type             'experimental model' 
_pdbx_initial_refinement_model.source_name      PDB 
_pdbx_initial_refinement_model.accession_code   1K1E 
_pdbx_initial_refinement_model.details          'PDB entry 1k1e' 
# 
